data_6Z1A
#
_entry.id   6Z1A
#
_cell.length_a   92.592
_cell.length_b   92.592
_cell.length_c   405.464
_cell.angle_alpha   90.000
_cell.angle_beta   90.000
_cell.angle_gamma   120.000
#
_symmetry.space_group_name_H-M   'P 61'
#
loop_
_entity.id
_entity.type
_entity.pdbx_description
1 polymer 'DNA gyrase subunit B,DNA gyrase subunit A'
2 polymer "DNA (5'-D(*AP*GP*CP*CP*GP*TP*AP*G)-3')"
3 polymer "DNA (5'-D(P*GP*TP*AP*CP*CP*TP*AP*CP*GP*GP*CP*T)-3')"
4 non-polymer '4-(2-HYDROXYETHYL)-1-PIPERAZINE ETHANESULFONIC ACID'
5 non-polymer 'MANGANESE (II) ION'
6 non-polymer 'DIMETHYL SULFOXIDE'
7 non-polymer 'CHLORIDE ION'
8 non-polymer ~{N}-[(4-chlorophenyl)methyl]-1-[2-(6-methoxy-1,5-naphthyridin-4-yl)ethyl]piperidin-4-amine
9 water water
#
loop_
_entity_poly.entity_id
_entity_poly.type
_entity_poly.pdbx_seq_one_letter_code
_entity_poly.pdbx_strand_id
1 'polypeptide(L)'
;MDVASLPGKLADCSSKSPEECEIFLVEGDSAGGSTKSGRDSRTQAILPLRGKILNVEKARLDRILNNNEIRQMITAFGTG
IGGDFDLAKARYHKIVIMTDADVDGAHIRTLLLTFFYRFMRPLIEAGYVYIAQPPTGYKGLGEMNADQLWETTMNPEHRA
LLQVKLEDAIEADQTFEMLMGDVVENRRQFIEDNAVYANLDFAELPQSRINERNITSEMRESFLDYAMSVIVARALPDVR
DGLKPVHRRILYGLNEQGMTPDKSYKKSARIVGDVMGKYHPHGDSSIYEAMVRMAQDFSYRYPLVDGQGNFGSMDGDGAA
AMRFTEARMTKITLELLRDINKDTIDFIDNYDGNEREPSVLPARFPNLLANGASGIAVGMATNIPPHNLTELINGVLSLS
KNPDISIAELMEDIEGPDFPTAGLILGKSGIRRAYETGRGSIQMRSRAVIEERGGGRQRIVVTEIPFQVNKARMIEKIAE
LVRDKKIDGITDLRDETSLRTGVRVVIDVRKDANASVILNNLYKQTPLQTSFGVNMIALVNGRPKLINLKEALVHYLEHQ
KTVVRRRTQYNLRKAKDRAHILEGLRIALDHIDEIISTIRESDTDKVAMESLQQRFKLSEKQAQAILDMRLRRLTGLERD
KIEAEYNELLNYISELEAILADEEVLLQLVRDELTEIRDRFGDDRRTEIQLG
;
B,D
2 'polydeoxyribonucleotide' (DA)(DG)(DC)(DC)(DG)(DT)(DA)(DG) E,F
3 'polydeoxyribonucleotide' (DG)(DT)(DA)(DC)(DC)(DT)(DA)(DC)(DG)(DG)(DC)(DT) G,H
#
loop_
_chem_comp.id
_chem_comp.type
_chem_comp.name
_chem_comp.formula
CL non-polymer 'CHLORIDE ION' 'Cl -1'
DA DNA linking 2'-DEOXYADENOSINE-5'-MONOPHOSPHATE 'C10 H14 N5 O6 P'
DC DNA linking 2'-DEOXYCYTIDINE-5'-MONOPHOSPHATE 'C9 H14 N3 O7 P'
DG DNA linking 2'-DEOXYGUANOSINE-5'-MONOPHOSPHATE 'C10 H14 N5 O7 P'
DMS non-polymer 'DIMETHYL SULFOXIDE' 'C2 H6 O S'
DT DNA linking THYMIDINE-5'-MONOPHOSPHATE 'C10 H15 N2 O8 P'
EPE non-polymer '4-(2-HYDROXYETHYL)-1-PIPERAZINE ETHANESULFONIC ACID' 'C8 H18 N2 O4 S'
MN non-polymer 'MANGANESE (II) ION' 'Mn 2'
Q52 non-polymer ~{N}-[(4-chlorophenyl)methyl]-1-[2-(6-methoxy-1,5-naphthyridin-4-yl)ethyl]piperidin-4-amine 'C23 H27 Cl N4 O'
#
# COMPACT_ATOMS: atom_id res chain seq x y z
N LYS A 9 -0.17 -1.94 28.17
CA LYS A 9 -0.86 -1.11 27.12
C LYS A 9 -1.84 -0.12 27.77
N LEU A 10 -2.30 -0.39 28.99
CA LEU A 10 -3.22 0.49 29.78
C LEU A 10 -2.62 1.89 29.88
N ALA A 11 -3.37 2.92 29.49
CA ALA A 11 -3.04 4.33 29.79
C ALA A 11 -4.06 4.79 30.82
N ASP A 12 -3.66 4.83 32.09
CA ASP A 12 -4.57 5.02 33.26
C ASP A 12 -4.93 6.50 33.38
N CYS A 13 -6.02 6.81 34.09
CA CYS A 13 -6.35 8.18 34.54
C CYS A 13 -5.56 8.49 35.83
N SER A 14 -5.56 9.76 36.29
CA SER A 14 -4.77 10.25 37.46
C SER A 14 -5.55 10.09 38.78
N SER A 15 -6.87 10.29 38.76
CA SER A 15 -7.80 10.14 39.91
C SER A 15 -7.74 8.71 40.48
N LYS A 16 -7.70 8.55 41.81
CA LYS A 16 -7.70 7.21 42.47
C LYS A 16 -9.07 6.93 43.09
N SER A 17 -10.13 7.62 42.62
CA SER A 17 -11.55 7.46 43.04
C SER A 17 -12.33 6.74 41.94
N PRO A 18 -12.49 5.40 42.02
CA PRO A 18 -13.23 4.65 41.01
C PRO A 18 -14.62 5.17 40.63
N GLU A 19 -15.31 5.88 41.53
CA GLU A 19 -16.71 6.38 41.36
C GLU A 19 -16.76 7.26 40.10
N GLU A 20 -15.71 8.03 39.82
CA GLU A 20 -15.73 9.09 38.77
C GLU A 20 -14.78 8.74 37.62
N CYS A 21 -14.13 7.59 37.66
CA CYS A 21 -13.17 7.14 36.61
C CYS A 21 -13.90 6.24 35.60
N GLU A 22 -13.44 6.28 34.35
CA GLU A 22 -14.03 5.54 33.21
C GLU A 22 -12.88 4.86 32.48
N ILE A 23 -13.05 3.62 32.03
CA ILE A 23 -12.04 2.95 31.18
C ILE A 23 -12.68 2.69 29.81
N PHE A 24 -12.06 3.19 28.74
CA PHE A 24 -12.55 2.96 27.36
C PHE A 24 -11.75 1.82 26.72
N LEU A 25 -12.44 0.77 26.31
CA LEU A 25 -11.86 -0.37 25.54
C LEU A 25 -12.02 -0.05 24.06
N VAL A 26 -10.94 0.21 23.33
CA VAL A 26 -11.10 0.71 21.93
C VAL A 26 -10.53 -0.33 20.97
N GLU A 27 -11.25 -0.55 19.87
CA GLU A 27 -10.80 -1.47 18.80
C GLU A 27 -9.64 -0.76 18.10
N GLY A 28 -8.43 -1.32 18.18
CA GLY A 28 -7.24 -0.81 17.43
C GLY A 28 -6.32 0.07 18.26
N ASP A 29 -5.00 -0.16 18.14
CA ASP A 29 -3.95 0.80 18.53
C ASP A 29 -4.07 2.08 17.67
N SER A 30 -4.63 1.96 16.47
CA SER A 30 -4.82 3.11 15.57
C SER A 30 -5.83 4.07 16.20
N ALA A 31 -6.83 3.55 16.88
CA ALA A 31 -7.87 4.33 17.61
C ALA A 31 -7.35 4.69 18.99
N GLY A 32 -6.53 3.83 19.59
CA GLY A 32 -5.96 4.00 20.94
C GLY A 32 -5.29 5.35 21.07
N GLY A 33 -4.45 5.67 20.09
CA GLY A 33 -3.69 6.92 20.07
C GLY A 33 -4.58 8.15 19.98
N SER A 34 -5.53 8.19 19.04
CA SER A 34 -6.55 9.26 18.92
C SER A 34 -7.22 9.45 20.29
N THR A 35 -7.66 8.35 20.93
CA THR A 35 -8.50 8.38 22.14
C THR A 35 -7.61 8.81 23.33
N LYS A 36 -6.34 8.41 23.38
CA LYS A 36 -5.34 8.85 24.40
C LYS A 36 -5.13 10.36 24.35
N SER A 37 -4.97 10.95 23.15
CA SER A 37 -4.78 12.42 22.94
C SER A 37 -6.08 13.17 23.29
N GLY A 38 -7.24 12.66 22.86
CA GLY A 38 -8.54 13.32 22.97
C GLY A 38 -9.15 13.21 24.36
N ARG A 39 -8.78 12.19 25.15
CA ARG A 39 -9.44 11.88 26.44
C ARG A 39 -9.22 13.04 27.42
N ASP A 40 -9.93 12.98 28.55
CA ASP A 40 -9.64 13.76 29.78
C ASP A 40 -8.90 12.79 30.72
N SER A 41 -7.57 12.89 30.80
CA SER A 41 -6.67 11.93 31.51
C SER A 41 -6.95 11.95 33.03
N ARG A 42 -7.71 12.93 33.51
CA ARG A 42 -8.05 13.01 34.95
C ARG A 42 -8.95 11.81 35.30
N THR A 43 -9.95 11.50 34.45
CA THR A 43 -11.03 10.53 34.79
C THR A 43 -11.19 9.43 33.74
N GLN A 44 -10.44 9.46 32.62
CA GLN A 44 -10.68 8.52 31.49
C GLN A 44 -9.41 7.75 31.18
N ALA A 45 -9.43 6.43 31.35
CA ALA A 45 -8.31 5.52 31.01
C ALA A 45 -8.59 4.86 29.65
N ILE A 46 -7.54 4.43 28.95
CA ILE A 46 -7.68 3.77 27.63
C ILE A 46 -6.97 2.41 27.68
N LEU A 47 -7.67 1.35 27.28
CA LEU A 47 -7.04 0.04 27.01
C LEU A 47 -7.37 -0.35 25.57
N PRO A 48 -6.43 -0.14 24.63
CA PRO A 48 -6.66 -0.55 23.24
C PRO A 48 -6.60 -2.07 23.10
N LEU A 49 -7.52 -2.65 22.32
CA LEU A 49 -7.53 -4.10 21.98
C LEU A 49 -7.03 -4.33 20.53
N ARG A 50 -6.08 -5.25 20.36
CA ARG A 50 -5.55 -5.68 19.03
C ARG A 50 -6.58 -6.58 18.31
N GLY A 51 -7.65 -5.99 17.74
CA GLY A 51 -8.55 -6.68 16.80
C GLY A 51 -9.50 -7.70 17.43
N LYS A 52 -9.64 -8.87 16.81
CA LYS A 52 -10.62 -9.89 17.28
C LYS A 52 -10.06 -10.46 18.58
N ILE A 53 -10.88 -10.54 19.61
CA ILE A 53 -10.45 -11.08 20.94
C ILE A 53 -11.04 -12.49 21.09
N LEU A 54 -10.46 -13.27 22.01
CA LEU A 54 -10.88 -14.65 22.31
C LEU A 54 -12.38 -14.71 22.53
N ASN A 55 -13.07 -15.68 21.92
CA ASN A 55 -14.48 -16.05 22.23
C ASN A 55 -14.45 -16.96 23.45
N VAL A 56 -14.78 -16.46 24.65
CA VAL A 56 -14.61 -17.28 25.89
C VAL A 56 -15.68 -18.39 25.94
N GLU A 57 -16.77 -18.28 25.19
CA GLU A 57 -17.82 -19.33 25.14
C GLU A 57 -17.28 -20.56 24.38
N LYS A 58 -16.27 -20.44 23.53
CA LYS A 58 -15.69 -21.60 22.79
C LYS A 58 -14.41 -22.11 23.47
N ALA A 59 -13.73 -21.28 24.24
CA ALA A 59 -12.40 -21.60 24.79
C ALA A 59 -12.56 -22.24 26.19
N ARG A 60 -11.64 -23.15 26.52
CA ARG A 60 -11.48 -23.68 27.88
C ARG A 60 -10.63 -22.67 28.69
N LEU A 61 -10.71 -22.78 30.00
CA LEU A 61 -10.15 -21.85 31.00
C LEU A 61 -8.63 -21.68 30.82
N ASP A 62 -7.84 -22.73 30.58
CA ASP A 62 -6.37 -22.57 30.40
C ASP A 62 -6.09 -21.52 29.30
N ARG A 63 -6.85 -21.54 28.21
CA ARG A 63 -6.58 -20.68 27.03
C ARG A 63 -7.05 -19.26 27.36
N ILE A 64 -8.16 -19.14 28.08
CA ILE A 64 -8.70 -17.83 28.51
C ILE A 64 -7.68 -17.11 29.41
N LEU A 65 -7.09 -17.79 30.38
CA LEU A 65 -6.24 -17.12 31.40
C LEU A 65 -4.83 -16.87 30.85
N ASN A 66 -4.43 -17.54 29.76
CA ASN A 66 -3.12 -17.30 29.09
C ASN A 66 -3.26 -16.23 28.01
N ASN A 67 -4.47 -15.74 27.76
CA ASN A 67 -4.70 -14.81 26.62
C ASN A 67 -4.39 -13.42 27.12
N ASN A 68 -3.44 -12.78 26.45
CA ASN A 68 -2.83 -11.46 26.79
C ASN A 68 -3.96 -10.42 27.01
N GLU A 69 -4.93 -10.32 26.10
CA GLU A 69 -5.93 -9.22 26.10
C GLU A 69 -6.84 -9.42 27.32
N ILE A 70 -7.31 -10.65 27.56
CA ILE A 70 -8.17 -11.01 28.73
C ILE A 70 -7.43 -10.64 30.03
N ARG A 71 -6.15 -11.00 30.14
CA ARG A 71 -5.34 -10.75 31.36
C ARG A 71 -5.25 -9.24 31.62
N GLN A 72 -4.98 -8.48 30.56
CA GLN A 72 -4.85 -7.00 30.67
C GLN A 72 -6.19 -6.44 31.13
N MET A 73 -7.30 -6.94 30.62
CA MET A 73 -8.63 -6.43 31.04
C MET A 73 -8.90 -6.75 32.51
N ILE A 74 -8.56 -7.95 32.97
CA ILE A 74 -8.78 -8.42 34.37
C ILE A 74 -7.95 -7.56 35.33
N THR A 75 -6.68 -7.37 35.05
CA THR A 75 -5.75 -6.49 35.82
C THR A 75 -6.29 -5.05 35.84
N ALA A 76 -6.79 -4.54 34.72
CA ALA A 76 -7.30 -3.15 34.62
C ALA A 76 -8.55 -2.99 35.48
N PHE A 77 -9.50 -3.93 35.40
CA PHE A 77 -10.78 -3.82 36.16
C PHE A 77 -10.49 -3.96 37.67
N GLY A 78 -9.53 -4.81 38.05
CA GLY A 78 -9.05 -5.00 39.45
C GLY A 78 -10.02 -5.79 40.33
N THR A 79 -11.08 -6.36 39.75
CA THR A 79 -12.18 -7.06 40.46
C THR A 79 -11.96 -8.57 40.59
N GLY A 80 -10.94 -9.17 39.94
CA GLY A 80 -10.84 -10.63 39.79
C GLY A 80 -12.02 -11.16 38.96
N ILE A 81 -12.23 -12.48 38.88
CA ILE A 81 -13.21 -13.12 37.93
C ILE A 81 -14.02 -14.23 38.62
N GLY A 82 -15.15 -14.61 38.00
CA GLY A 82 -16.04 -15.72 38.41
C GLY A 82 -16.37 -15.71 39.90
N GLY A 83 -15.89 -16.73 40.61
CA GLY A 83 -16.10 -16.95 42.05
C GLY A 83 -15.35 -15.95 42.92
N ASP A 84 -14.15 -15.50 42.52
CA ASP A 84 -13.32 -14.57 43.35
C ASP A 84 -13.65 -13.11 43.00
N PHE A 85 -14.70 -12.88 42.21
CA PHE A 85 -15.19 -11.54 41.80
C PHE A 85 -15.50 -10.72 43.05
N ASP A 86 -15.09 -9.45 43.07
CA ASP A 86 -15.42 -8.48 44.14
C ASP A 86 -15.67 -7.11 43.50
N LEU A 87 -16.93 -6.69 43.47
CA LEU A 87 -17.39 -5.42 42.85
C LEU A 87 -16.77 -4.19 43.56
N ALA A 88 -16.53 -4.27 44.87
CA ALA A 88 -15.98 -3.16 45.68
C ALA A 88 -14.54 -2.83 45.24
N LYS A 89 -13.85 -3.78 44.58
CA LYS A 89 -12.44 -3.60 44.13
C LYS A 89 -12.36 -3.05 42.69
N ALA A 90 -13.49 -2.79 42.01
CA ALA A 90 -13.55 -2.24 40.64
C ALA A 90 -12.79 -0.92 40.56
N ARG A 91 -11.86 -0.78 39.62
CA ARG A 91 -10.99 0.43 39.53
C ARG A 91 -11.66 1.54 38.72
N TYR A 92 -12.81 1.25 38.09
CA TYR A 92 -13.63 2.15 37.23
C TYR A 92 -15.11 1.81 37.41
N HIS A 93 -16.00 2.80 37.58
CA HIS A 93 -17.46 2.56 37.71
C HIS A 93 -18.14 2.67 36.34
N LYS A 94 -17.40 2.99 35.26
CA LYS A 94 -17.87 2.89 33.84
C LYS A 94 -16.82 2.17 33.00
N ILE A 95 -17.19 1.03 32.41
CA ILE A 95 -16.32 0.25 31.46
C ILE A 95 -17.00 0.44 30.11
N VAL A 96 -16.35 1.16 29.21
CA VAL A 96 -17.00 1.66 27.96
C VAL A 96 -16.41 0.90 26.78
N ILE A 97 -17.26 0.12 26.11
CA ILE A 97 -16.89 -0.61 24.87
C ILE A 97 -16.97 0.41 23.75
N MET A 98 -15.87 0.66 23.07
CA MET A 98 -15.80 1.70 22.01
C MET A 98 -15.12 1.09 20.78
N THR A 99 -15.92 0.48 19.89
CA THR A 99 -15.46 -0.17 18.62
C THR A 99 -15.94 0.68 17.44
N ASP A 100 -15.37 0.45 16.25
CA ASP A 100 -15.81 1.02 14.96
C ASP A 100 -17.31 0.73 14.79
N ALA A 101 -18.03 1.59 14.07
CA ALA A 101 -19.46 1.52 13.72
C ALA A 101 -19.62 0.73 12.40
N ASP A 102 -18.99 -0.45 12.36
CA ASP A 102 -19.05 -1.41 11.22
C ASP A 102 -19.23 -2.81 11.82
N VAL A 103 -19.47 -3.79 10.96
CA VAL A 103 -19.85 -5.15 11.39
C VAL A 103 -18.72 -5.81 12.23
N ASP A 104 -17.45 -5.55 11.94
CA ASP A 104 -16.34 -6.19 12.69
C ASP A 104 -16.32 -5.58 14.09
N GLY A 105 -16.66 -4.29 14.21
CA GLY A 105 -16.81 -3.64 15.52
C GLY A 105 -17.94 -4.26 16.32
N ALA A 106 -19.05 -4.55 15.67
CA ALA A 106 -20.18 -5.26 16.32
C ALA A 106 -19.69 -6.63 16.79
N HIS A 107 -18.94 -7.34 15.97
CA HIS A 107 -18.41 -8.68 16.36
C HIS A 107 -17.60 -8.52 17.65
N ILE A 108 -16.65 -7.58 17.67
CA ILE A 108 -15.75 -7.37 18.84
C ILE A 108 -16.61 -7.02 20.05
N ARG A 109 -17.70 -6.28 19.84
CA ARG A 109 -18.62 -5.93 20.93
C ARG A 109 -19.28 -7.21 21.48
N THR A 110 -19.69 -8.14 20.61
CA THR A 110 -20.31 -9.40 21.07
C THR A 110 -19.28 -10.18 21.89
N LEU A 111 -18.01 -10.20 21.46
CA LEU A 111 -16.93 -11.00 22.11
C LEU A 111 -16.64 -10.45 23.50
N LEU A 112 -16.57 -9.12 23.63
CA LEU A 112 -16.34 -8.45 24.92
C LEU A 112 -17.54 -8.69 25.86
N LEU A 113 -18.77 -8.52 25.39
CA LEU A 113 -19.94 -8.75 26.25
C LEU A 113 -19.98 -10.22 26.70
N THR A 114 -19.58 -11.17 25.85
CA THR A 114 -19.55 -12.60 26.21
C THR A 114 -18.57 -12.78 27.38
N PHE A 115 -17.39 -12.17 27.27
CA PHE A 115 -16.37 -12.22 28.33
C PHE A 115 -16.95 -11.66 29.63
N PHE A 116 -17.52 -10.45 29.57
CA PHE A 116 -18.04 -9.78 30.79
C PHE A 116 -19.15 -10.66 31.39
N TYR A 117 -20.00 -11.24 30.54
CA TYR A 117 -21.19 -11.99 31.00
C TYR A 117 -20.74 -13.25 31.74
N ARG A 118 -19.71 -13.92 31.25
CA ARG A 118 -19.33 -15.27 31.77
C ARG A 118 -18.33 -15.17 32.93
N PHE A 119 -17.57 -14.09 33.07
CA PHE A 119 -16.49 -13.96 34.08
C PHE A 119 -16.76 -12.80 35.03
N MET A 120 -17.62 -11.86 34.66
CA MET A 120 -17.81 -10.59 35.42
C MET A 120 -19.27 -10.15 35.39
N ARG A 121 -20.21 -11.09 35.47
CA ARG A 121 -21.67 -10.82 35.35
C ARG A 121 -22.09 -9.69 36.29
N PRO A 122 -21.64 -9.63 37.57
CA PRO A 122 -22.06 -8.57 38.50
C PRO A 122 -21.65 -7.16 38.06
N LEU A 123 -20.58 -7.05 37.27
CA LEU A 123 -20.16 -5.77 36.64
C LEU A 123 -21.33 -5.24 35.79
N ILE A 124 -21.99 -6.10 35.02
CA ILE A 124 -23.18 -5.74 34.19
C ILE A 124 -24.38 -5.48 35.11
N GLU A 125 -24.60 -6.35 36.10
CA GLU A 125 -25.78 -6.25 37.00
C GLU A 125 -25.77 -4.87 37.68
N ALA A 126 -24.58 -4.37 38.04
CA ALA A 126 -24.39 -3.09 38.77
C ALA A 126 -24.53 -1.89 37.82
N GLY A 127 -24.60 -2.09 36.50
CA GLY A 127 -24.81 -0.98 35.54
C GLY A 127 -23.50 -0.29 35.19
N TYR A 128 -22.38 -0.99 35.37
CA TYR A 128 -21.01 -0.47 35.14
C TYR A 128 -20.56 -0.63 33.68
N VAL A 129 -21.29 -1.37 32.84
CA VAL A 129 -20.86 -1.61 31.44
C VAL A 129 -21.68 -0.73 30.50
N TYR A 130 -20.99 -0.02 29.59
CA TYR A 130 -21.62 0.89 28.62
C TYR A 130 -21.07 0.59 27.22
N ILE A 131 -21.86 0.95 26.21
CA ILE A 131 -21.44 1.01 24.78
C ILE A 131 -21.41 2.48 24.36
N ALA A 132 -20.26 2.94 23.88
CA ALA A 132 -20.06 4.23 23.19
C ALA A 132 -20.76 4.20 21.84
N GLN A 133 -21.20 5.37 21.39
CA GLN A 133 -21.83 5.54 20.06
C GLN A 133 -21.03 6.56 19.26
N PRO A 134 -19.88 6.15 18.68
CA PRO A 134 -19.16 7.02 17.74
C PRO A 134 -19.98 7.25 16.47
N PRO A 135 -19.80 8.36 15.72
CA PRO A 135 -20.57 8.59 14.49
C PRO A 135 -20.25 7.55 13.40
N THR A 136 -21.25 7.20 12.58
CA THR A 136 -21.11 6.23 11.44
C THR A 136 -20.48 6.95 10.23
N GLY A 137 -20.00 6.17 9.26
CA GLY A 137 -19.44 6.67 7.99
C GLY A 137 -17.94 6.40 7.94
N TYR A 138 -17.24 6.86 9.00
CA TYR A 138 -15.78 6.92 9.09
C TYR A 138 -15.15 5.52 9.12
N LYS A 139 -14.13 5.33 8.25
CA LYS A 139 -13.13 4.22 8.20
C LYS A 139 -13.19 3.41 9.50
N GLY A 140 -12.22 3.60 10.41
CA GLY A 140 -12.34 3.24 11.84
C GLY A 140 -12.38 4.48 12.73
N LEU A 141 -12.16 4.30 14.02
CA LEU A 141 -11.93 5.41 14.97
C LEU A 141 -10.58 6.03 14.62
N GLY A 142 -9.70 5.25 14.00
CA GLY A 142 -8.34 5.67 13.56
C GLY A 142 -8.39 6.68 12.43
N GLU A 143 -9.56 6.82 11.76
CA GLU A 143 -9.75 7.85 10.70
C GLU A 143 -10.12 9.18 11.37
N MET A 144 -10.52 9.16 12.65
CA MET A 144 -11.03 10.36 13.37
C MET A 144 -9.88 11.10 14.04
N ASN A 145 -9.89 12.43 13.97
CA ASN A 145 -8.98 13.29 14.77
C ASN A 145 -9.40 13.12 16.23
N ALA A 146 -8.42 13.27 17.12
CA ALA A 146 -8.58 13.28 18.60
C ALA A 146 -9.76 14.19 19.03
N ASP A 147 -9.85 15.40 18.50
CA ASP A 147 -10.87 16.39 18.93
C ASP A 147 -12.27 15.88 18.54
N GLN A 148 -12.45 15.27 17.36
CA GLN A 148 -13.76 14.70 16.90
C GLN A 148 -14.15 13.56 17.84
N LEU A 149 -13.18 12.70 18.18
CA LEU A 149 -13.41 11.55 19.10
C LEU A 149 -13.85 12.07 20.47
N TRP A 150 -13.16 13.10 21.00
CA TRP A 150 -13.53 13.75 22.27
C TRP A 150 -14.98 14.26 22.18
N GLU A 151 -15.28 15.13 21.20
CA GLU A 151 -16.55 15.92 21.18
C GLU A 151 -17.77 15.00 20.92
N THR A 152 -17.62 13.95 20.13
CA THR A 152 -18.76 13.08 19.70
C THR A 152 -18.93 11.89 20.63
N THR A 153 -17.86 11.34 21.20
CA THR A 153 -17.90 9.96 21.76
C THR A 153 -17.48 9.90 23.25
N MET A 154 -16.58 10.77 23.72
CA MET A 154 -15.90 10.64 25.02
C MET A 154 -16.31 11.74 26.00
N ASN A 155 -16.72 12.91 25.49
CA ASN A 155 -17.00 14.12 26.30
C ASN A 155 -18.30 13.92 27.06
N PRO A 156 -18.28 13.89 28.41
CA PRO A 156 -19.52 13.80 29.19
C PRO A 156 -20.66 14.77 28.77
N GLU A 157 -20.33 15.99 28.36
CA GLU A 157 -21.35 17.04 28.05
C GLU A 157 -22.21 16.63 26.83
N HIS A 158 -21.65 15.95 25.82
CA HIS A 158 -22.31 15.77 24.50
C HIS A 158 -22.58 14.30 24.17
N ARG A 159 -21.82 13.36 24.72
CA ARG A 159 -21.82 11.93 24.28
C ARG A 159 -23.16 11.25 24.59
N ALA A 160 -23.44 10.15 23.91
CA ALA A 160 -24.58 9.25 24.19
C ALA A 160 -24.05 7.84 24.47
N LEU A 161 -23.75 7.54 25.73
CA LEU A 161 -23.45 6.19 26.22
C LEU A 161 -24.74 5.37 26.33
N LEU A 162 -24.69 4.09 25.95
CA LEU A 162 -25.74 3.08 26.26
C LEU A 162 -25.28 2.27 27.48
N GLN A 163 -26.06 2.29 28.56
CA GLN A 163 -25.77 1.43 29.73
C GLN A 163 -26.29 0.02 29.38
N VAL A 164 -25.44 -1.00 29.45
CA VAL A 164 -25.86 -2.42 29.23
C VAL A 164 -26.70 -2.87 30.44
N LYS A 165 -27.94 -3.31 30.19
CA LYS A 165 -28.92 -3.82 31.19
C LYS A 165 -29.09 -5.32 30.99
N LEU A 166 -29.03 -6.08 32.08
CA LEU A 166 -29.45 -7.50 32.11
C LEU A 166 -30.84 -7.56 32.78
N GLU A 167 -31.83 -8.00 32.01
CA GLU A 167 -33.26 -8.11 32.39
C GLU A 167 -33.57 -9.54 32.82
N ASP A 168 -32.99 -10.55 32.15
CA ASP A 168 -33.46 -11.96 32.27
C ASP A 168 -32.27 -12.89 32.06
N ALA A 169 -31.71 -13.40 33.15
CA ALA A 169 -30.51 -14.28 33.21
C ALA A 169 -30.72 -15.55 32.41
N ILE A 170 -31.90 -16.17 32.42
CA ILE A 170 -32.12 -17.47 31.70
C ILE A 170 -32.02 -17.21 30.19
N GLU A 171 -32.71 -16.18 29.70
CA GLU A 171 -32.74 -15.73 28.27
C GLU A 171 -31.30 -15.37 27.83
N ALA A 172 -30.56 -14.64 28.68
CA ALA A 172 -29.17 -14.23 28.44
C ALA A 172 -28.26 -15.46 28.37
N ASP A 173 -28.36 -16.40 29.32
CA ASP A 173 -27.60 -17.68 29.29
C ASP A 173 -27.83 -18.32 27.90
N GLN A 174 -29.08 -18.45 27.47
CA GLN A 174 -29.48 -19.17 26.23
C GLN A 174 -28.96 -18.40 25.01
N THR A 175 -28.97 -17.05 25.05
CA THR A 175 -28.50 -16.18 23.93
C THR A 175 -26.99 -16.30 23.77
N PHE A 176 -26.23 -16.24 24.87
CA PHE A 176 -24.75 -16.35 24.79
C PHE A 176 -24.37 -17.75 24.27
N GLU A 177 -25.08 -18.78 24.72
CA GLU A 177 -24.78 -20.18 24.35
C GLU A 177 -25.05 -20.38 22.85
N MET A 178 -26.19 -19.92 22.37
CA MET A 178 -26.64 -20.11 20.98
C MET A 178 -25.73 -19.30 20.05
N LEU A 179 -25.57 -18.00 20.31
CA LEU A 179 -24.84 -17.08 19.40
C LEU A 179 -23.34 -17.43 19.38
N MET A 180 -22.75 -17.66 20.56
CA MET A 180 -21.28 -17.66 20.72
C MET A 180 -20.72 -19.05 21.01
N GLY A 181 -21.58 -20.07 21.24
CA GLY A 181 -21.18 -21.42 21.62
C GLY A 181 -20.70 -22.29 20.46
N ASP A 182 -20.18 -23.48 20.77
CA ASP A 182 -19.54 -24.41 19.81
C ASP A 182 -20.54 -25.12 18.89
N VAL A 183 -21.85 -25.03 19.11
CA VAL A 183 -22.86 -25.75 18.29
C VAL A 183 -23.27 -24.82 17.13
N VAL A 184 -22.70 -25.03 15.93
CA VAL A 184 -22.97 -24.20 14.73
C VAL A 184 -24.49 -24.19 14.42
N GLU A 185 -25.18 -25.34 14.51
CA GLU A 185 -26.52 -25.50 13.89
C GLU A 185 -27.53 -24.48 14.48
N ASN A 186 -27.48 -24.17 15.76
CA ASN A 186 -28.49 -23.28 16.39
C ASN A 186 -28.25 -21.84 15.94
N ARG A 187 -26.97 -21.48 15.79
CA ARG A 187 -26.52 -20.20 15.20
C ARG A 187 -27.03 -20.07 13.76
N ARG A 188 -26.89 -21.14 12.96
CA ARG A 188 -27.43 -21.16 11.58
C ARG A 188 -28.95 -20.97 11.64
N GLN A 189 -29.65 -21.65 12.55
CA GLN A 189 -31.15 -21.55 12.61
C GLN A 189 -31.52 -20.10 12.96
N PHE A 190 -30.80 -19.52 13.91
CA PHE A 190 -31.00 -18.10 14.32
C PHE A 190 -30.83 -17.21 13.10
N ILE A 191 -29.75 -17.41 12.31
CA ILE A 191 -29.45 -16.54 11.15
C ILE A 191 -30.60 -16.66 10.14
N GLU A 192 -31.01 -17.88 9.77
CA GLU A 192 -32.08 -18.12 8.76
C GLU A 192 -33.41 -17.51 9.24
N ASP A 193 -33.74 -17.65 10.53
CA ASP A 193 -35.02 -17.16 11.13
C ASP A 193 -35.06 -15.62 11.11
N ASN A 194 -33.91 -14.93 11.23
CA ASN A 194 -33.87 -13.47 11.54
C ASN A 194 -33.31 -12.65 10.37
N ALA A 195 -32.68 -13.28 9.39
CA ALA A 195 -31.93 -12.51 8.36
C ALA A 195 -32.93 -11.82 7.45
N VAL A 196 -32.81 -10.51 7.31
CA VAL A 196 -33.52 -9.76 6.24
C VAL A 196 -32.49 -9.46 5.12
N TYR A 197 -32.37 -10.38 4.14
CA TYR A 197 -31.58 -10.22 2.87
C TYR A 197 -32.49 -9.52 1.83
N ASN A 211 -30.59 5.88 26.32
CA ASN A 211 -29.82 5.79 27.59
C ASN A 211 -29.40 4.33 27.85
N GLU A 212 -30.16 3.32 27.40
CA GLU A 212 -30.08 1.93 27.95
C GLU A 212 -30.18 0.88 26.83
N ARG A 213 -29.54 -0.26 27.03
CA ARG A 213 -29.48 -1.33 26.00
C ARG A 213 -29.57 -2.70 26.67
N ASN A 214 -30.67 -3.44 26.45
CA ASN A 214 -30.85 -4.86 26.86
C ASN A 214 -29.71 -5.72 26.25
N ILE A 215 -28.94 -6.40 27.09
CA ILE A 215 -27.75 -7.19 26.62
C ILE A 215 -28.21 -8.27 25.62
N THR A 216 -29.35 -8.90 25.85
CA THR A 216 -29.89 -9.93 24.93
C THR A 216 -30.16 -9.31 23.56
N SER A 217 -30.83 -8.15 23.50
CA SER A 217 -31.09 -7.43 22.22
C SER A 217 -29.77 -7.06 21.54
N GLU A 218 -28.79 -6.57 22.30
CA GLU A 218 -27.50 -6.09 21.75
C GLU A 218 -26.77 -7.29 21.10
N MET A 219 -26.75 -8.42 21.79
CA MET A 219 -26.02 -9.63 21.33
C MET A 219 -26.68 -10.15 20.05
N ARG A 220 -28.00 -10.29 20.03
CA ARG A 220 -28.75 -10.81 18.84
C ARG A 220 -28.58 -9.83 17.67
N GLU A 221 -28.72 -8.54 17.88
CA GLU A 221 -28.68 -7.57 16.75
C GLU A 221 -27.24 -7.44 16.22
N SER A 222 -26.26 -7.27 17.10
CA SER A 222 -24.83 -7.11 16.71
C SER A 222 -24.31 -8.37 16.04
N PHE A 223 -24.58 -9.56 16.61
CA PHE A 223 -24.13 -10.84 16.01
C PHE A 223 -24.79 -11.03 14.65
N LEU A 224 -26.09 -10.74 14.52
CA LEU A 224 -26.80 -10.92 13.25
C LEU A 224 -26.19 -10.00 12.19
N ASP A 225 -25.91 -8.72 12.53
CA ASP A 225 -25.24 -7.76 11.62
C ASP A 225 -23.93 -8.38 11.11
N TYR A 226 -23.08 -8.92 12.00
CA TYR A 226 -21.79 -9.57 11.62
C TYR A 226 -22.07 -10.79 10.72
N ALA A 227 -22.90 -11.73 11.20
CA ALA A 227 -23.11 -13.02 10.51
C ALA A 227 -23.54 -12.72 9.07
N MET A 228 -24.57 -11.88 8.89
CA MET A 228 -25.16 -11.56 7.57
C MET A 228 -24.09 -10.92 6.66
N SER A 229 -23.25 -10.06 7.21
CA SER A 229 -22.23 -9.30 6.42
C SER A 229 -21.15 -10.26 5.95
N VAL A 230 -20.76 -11.19 6.79
CA VAL A 230 -19.75 -12.20 6.40
C VAL A 230 -20.33 -13.14 5.35
N ILE A 231 -21.61 -13.49 5.50
CA ILE A 231 -22.33 -14.40 4.57
C ILE A 231 -22.49 -13.76 3.17
N VAL A 232 -23.05 -12.55 3.10
CA VAL A 232 -23.43 -11.91 1.81
C VAL A 232 -22.28 -11.03 1.27
N ALA A 233 -21.26 -10.68 2.06
CA ALA A 233 -20.29 -9.63 1.66
C ALA A 233 -18.88 -9.93 2.19
N ARG A 234 -18.46 -11.20 2.21
CA ARG A 234 -17.07 -11.57 2.59
C ARG A 234 -16.67 -12.97 2.12
N ALA A 235 -17.30 -14.01 2.69
CA ALA A 235 -16.72 -15.37 2.74
C ALA A 235 -17.27 -16.28 1.62
N LEU A 236 -18.40 -15.92 1.03
CA LEU A 236 -19.13 -16.82 0.10
C LEU A 236 -19.15 -16.19 -1.28
N PRO A 237 -19.04 -17.00 -2.35
CA PRO A 237 -19.07 -16.51 -3.71
C PRO A 237 -20.49 -16.33 -4.23
N ASP A 238 -20.63 -15.45 -5.21
CA ASP A 238 -21.88 -15.30 -5.98
C ASP A 238 -21.96 -16.47 -6.96
N VAL A 239 -23.13 -17.08 -7.07
CA VAL A 239 -23.32 -18.22 -8.01
C VAL A 239 -23.00 -17.79 -9.44
N ARG A 240 -23.21 -16.51 -9.80
CA ARG A 240 -23.16 -16.05 -11.22
C ARG A 240 -21.71 -15.91 -11.70
N ASP A 241 -20.81 -15.25 -10.96
CA ASP A 241 -19.42 -15.00 -11.44
C ASP A 241 -18.40 -15.74 -10.58
N GLY A 242 -18.84 -16.48 -9.58
CA GLY A 242 -17.97 -17.28 -8.71
C GLY A 242 -17.08 -16.44 -7.80
N LEU A 243 -17.35 -15.15 -7.60
CA LEU A 243 -16.40 -14.29 -6.86
C LEU A 243 -16.97 -13.87 -5.50
N LYS A 244 -16.07 -13.71 -4.54
CA LYS A 244 -16.26 -12.95 -3.29
C LYS A 244 -15.95 -11.48 -3.57
N PRO A 245 -16.49 -10.56 -2.77
CA PRO A 245 -16.21 -9.14 -2.95
C PRO A 245 -14.73 -8.77 -3.15
N VAL A 246 -13.80 -9.31 -2.36
CA VAL A 246 -12.38 -8.84 -2.48
C VAL A 246 -11.83 -9.20 -3.88
N HIS A 247 -12.13 -10.38 -4.39
CA HIS A 247 -11.66 -10.82 -5.74
C HIS A 247 -12.29 -9.94 -6.83
N ARG A 248 -13.60 -9.70 -6.74
CA ARG A 248 -14.38 -8.87 -7.71
C ARG A 248 -13.75 -7.48 -7.82
N ARG A 249 -13.43 -6.89 -6.67
CA ARG A 249 -12.83 -5.53 -6.58
C ARG A 249 -11.40 -5.54 -7.13
N ILE A 250 -10.66 -6.63 -6.96
CA ILE A 250 -9.27 -6.75 -7.52
C ILE A 250 -9.37 -6.77 -9.05
N LEU A 251 -10.24 -7.60 -9.59
CA LEU A 251 -10.40 -7.72 -11.06
C LEU A 251 -10.94 -6.39 -11.61
N TYR A 252 -11.96 -5.82 -10.97
CA TYR A 252 -12.51 -4.50 -11.39
C TYR A 252 -11.38 -3.46 -11.37
N GLY A 253 -10.54 -3.45 -10.35
CA GLY A 253 -9.46 -2.44 -10.27
C GLY A 253 -8.46 -2.67 -11.40
N LEU A 254 -8.09 -3.92 -11.65
CA LEU A 254 -7.23 -4.25 -12.81
C LEU A 254 -7.86 -3.66 -14.07
N ASN A 255 -9.19 -3.78 -14.19
CA ASN A 255 -9.91 -3.36 -15.42
C ASN A 255 -9.86 -1.83 -15.53
N GLU A 256 -10.26 -1.12 -14.46
CA GLU A 256 -10.36 0.37 -14.45
C GLU A 256 -8.98 1.02 -14.60
N GLN A 257 -7.90 0.36 -14.21
CA GLN A 257 -6.51 0.88 -14.34
C GLN A 257 -5.90 0.39 -15.67
N GLY A 258 -6.68 -0.26 -16.56
CA GLY A 258 -6.22 -0.71 -17.89
C GLY A 258 -5.09 -1.75 -17.82
N MET A 259 -5.13 -2.66 -16.87
CA MET A 259 -4.04 -3.63 -16.67
C MET A 259 -4.28 -4.90 -17.48
N THR A 260 -4.40 -4.76 -18.79
CA THR A 260 -4.81 -5.85 -19.69
C THR A 260 -3.60 -6.69 -20.04
N PRO A 261 -3.78 -7.90 -20.57
CA PRO A 261 -2.67 -8.81 -20.89
C PRO A 261 -1.63 -8.28 -21.89
N ASP A 262 -2.04 -7.35 -22.75
CA ASP A 262 -1.18 -6.70 -23.79
C ASP A 262 -0.34 -5.59 -23.16
N LYS A 263 -0.57 -5.21 -21.89
CA LYS A 263 0.20 -4.11 -21.24
C LYS A 263 1.24 -4.74 -20.30
N SER A 264 2.22 -3.94 -19.92
CA SER A 264 3.30 -4.38 -19.01
C SER A 264 2.67 -4.56 -17.63
N TYR A 265 3.35 -5.37 -16.82
CA TYR A 265 3.03 -5.66 -15.41
C TYR A 265 3.11 -4.34 -14.62
N LYS A 266 2.10 -4.04 -13.79
CA LYS A 266 2.12 -2.90 -12.83
C LYS A 266 2.50 -3.42 -11.45
N LYS A 267 3.14 -2.59 -10.65
CA LYS A 267 3.64 -2.95 -9.30
C LYS A 267 2.41 -3.26 -8.40
N SER A 268 2.46 -4.38 -7.74
CA SER A 268 1.36 -4.89 -6.89
C SER A 268 0.85 -3.81 -5.90
N ALA A 269 1.72 -2.96 -5.34
CA ALA A 269 1.33 -1.96 -4.34
C ALA A 269 0.40 -0.92 -4.97
N ARG A 270 0.60 -0.61 -6.25
CA ARG A 270 -0.28 0.36 -6.95
C ARG A 270 -1.66 -0.26 -7.09
N ILE A 271 -1.73 -1.52 -7.46
CA ILE A 271 -3.02 -2.21 -7.62
C ILE A 271 -3.70 -2.23 -6.26
N VAL A 272 -2.98 -2.72 -5.25
CA VAL A 272 -3.54 -2.95 -3.90
C VAL A 272 -3.91 -1.60 -3.28
N GLY A 273 -3.06 -0.61 -3.40
CA GLY A 273 -3.37 0.75 -2.89
C GLY A 273 -4.66 1.31 -3.48
N ASP A 274 -4.87 1.09 -4.79
CA ASP A 274 -6.01 1.67 -5.55
C ASP A 274 -7.25 0.95 -5.06
N VAL A 275 -7.18 -0.38 -4.90
CA VAL A 275 -8.36 -1.19 -4.52
C VAL A 275 -8.77 -0.85 -3.08
N MET A 276 -7.80 -0.68 -2.18
CA MET A 276 -8.01 -0.29 -0.75
C MET A 276 -8.75 1.05 -0.65
N GLY A 277 -8.28 2.08 -1.34
CA GLY A 277 -8.88 3.43 -1.27
C GLY A 277 -10.27 3.48 -1.88
N LYS A 278 -10.45 2.87 -3.04
CA LYS A 278 -11.67 3.03 -3.88
C LYS A 278 -12.77 2.01 -3.52
N TYR A 279 -12.44 0.75 -3.26
CA TYR A 279 -13.47 -0.31 -3.25
C TYR A 279 -13.47 -1.15 -1.95
N HIS A 280 -12.32 -1.41 -1.34
CA HIS A 280 -12.18 -2.45 -0.28
C HIS A 280 -11.60 -1.87 1.02
N PRO A 281 -12.45 -1.45 1.98
CA PRO A 281 -11.98 -0.72 3.16
C PRO A 281 -11.51 -1.67 4.27
N HIS A 282 -10.54 -2.54 3.93
CA HIS A 282 -9.98 -3.57 4.83
C HIS A 282 -8.44 -3.58 4.70
N GLY A 283 -7.76 -4.53 5.34
CA GLY A 283 -6.29 -4.55 5.41
C GLY A 283 -5.69 -4.91 4.07
N ASP A 284 -4.51 -4.35 3.78
CA ASP A 284 -3.70 -4.58 2.56
C ASP A 284 -3.38 -6.07 2.34
N SER A 285 -3.14 -6.82 3.40
CA SER A 285 -2.77 -8.28 3.34
C SER A 285 -3.94 -9.11 2.80
N SER A 286 -5.17 -8.78 3.21
CA SER A 286 -6.38 -9.46 2.69
C SER A 286 -6.44 -9.25 1.18
N ILE A 287 -6.18 -8.05 0.70
CA ILE A 287 -6.25 -7.75 -0.75
C ILE A 287 -5.09 -8.47 -1.45
N TYR A 288 -3.85 -8.23 -1.01
CA TYR A 288 -2.66 -8.73 -1.70
C TYR A 288 -2.66 -10.26 -1.79
N GLU A 289 -3.00 -10.93 -0.70
CA GLU A 289 -2.94 -12.42 -0.61
C GLU A 289 -4.04 -13.03 -1.47
N ALA A 290 -5.21 -12.41 -1.55
CA ALA A 290 -6.28 -12.82 -2.47
C ALA A 290 -5.76 -12.71 -3.92
N MET A 291 -5.07 -11.61 -4.24
CA MET A 291 -4.53 -11.40 -5.60
C MET A 291 -3.43 -12.43 -5.87
N VAL A 292 -2.60 -12.73 -4.87
CA VAL A 292 -1.51 -13.73 -5.07
C VAL A 292 -2.15 -15.10 -5.40
N ARG A 293 -3.17 -15.54 -4.67
CA ARG A 293 -3.84 -16.84 -4.92
C ARG A 293 -4.33 -16.92 -6.36
N MET A 294 -4.96 -15.85 -6.85
CA MET A 294 -5.48 -15.73 -8.24
C MET A 294 -4.35 -15.92 -9.26
N ALA A 295 -3.08 -15.75 -8.87
CA ALA A 295 -1.92 -15.87 -9.77
C ALA A 295 -1.20 -17.23 -9.67
N GLN A 296 -1.59 -18.09 -8.71
CA GLN A 296 -0.87 -19.36 -8.46
C GLN A 296 -1.46 -20.48 -9.31
N ASP A 297 -0.66 -21.15 -10.12
CA ASP A 297 -1.19 -22.23 -10.99
C ASP A 297 -1.45 -23.50 -10.18
N PHE A 298 -1.05 -23.56 -8.91
CA PHE A 298 -1.40 -24.67 -8.00
C PHE A 298 -2.65 -24.36 -7.16
N SER A 299 -3.20 -23.13 -7.23
CA SER A 299 -4.41 -22.73 -6.46
C SER A 299 -5.61 -22.56 -7.39
N TYR A 300 -5.41 -21.95 -8.54
CA TYR A 300 -6.49 -21.63 -9.52
C TYR A 300 -6.31 -22.49 -10.76
N ARG A 301 -7.34 -23.30 -11.02
CA ARG A 301 -7.39 -24.15 -12.22
C ARG A 301 -7.30 -23.25 -13.46
N TYR A 302 -7.87 -22.04 -13.43
CA TYR A 302 -7.76 -21.04 -14.53
C TYR A 302 -7.37 -19.73 -13.89
N PRO A 303 -6.05 -19.51 -13.72
CA PRO A 303 -5.55 -18.32 -13.05
C PRO A 303 -6.15 -17.03 -13.63
N LEU A 304 -6.51 -16.12 -12.73
CA LEU A 304 -7.16 -14.83 -13.06
C LEU A 304 -6.15 -13.69 -13.06
N VAL A 305 -5.01 -13.87 -12.41
CA VAL A 305 -3.91 -12.87 -12.39
C VAL A 305 -2.64 -13.49 -12.95
N ASP A 306 -1.88 -12.68 -13.69
CA ASP A 306 -0.57 -12.97 -14.30
C ASP A 306 0.46 -12.23 -13.46
N GLY A 307 1.22 -12.98 -12.66
CA GLY A 307 2.23 -12.44 -11.71
C GLY A 307 3.64 -12.56 -12.23
N GLN A 308 4.46 -11.52 -11.99
CA GLN A 308 5.92 -11.55 -12.20
C GLN A 308 6.61 -11.46 -10.84
N GLY A 309 7.51 -12.41 -10.56
CA GLY A 309 8.29 -12.46 -9.30
C GLY A 309 7.81 -13.58 -8.39
N ASN A 310 8.12 -13.53 -7.11
CA ASN A 310 7.88 -14.61 -6.12
C ASN A 310 6.41 -14.54 -5.72
N PHE A 311 5.59 -15.45 -6.24
CA PHE A 311 4.15 -15.50 -5.94
C PHE A 311 3.85 -16.71 -5.04
N GLY A 312 4.86 -17.20 -4.32
CA GLY A 312 4.72 -18.36 -3.40
C GLY A 312 4.86 -19.70 -4.10
N SER A 313 4.80 -20.78 -3.33
CA SER A 313 5.04 -22.20 -3.74
C SER A 313 4.00 -23.14 -3.08
N MET A 314 4.06 -24.41 -3.48
CA MET A 314 3.23 -25.51 -2.94
C MET A 314 3.68 -25.89 -1.52
N ASP A 315 4.82 -25.35 -1.05
CA ASP A 315 5.39 -25.60 0.29
C ASP A 315 4.90 -24.54 1.29
N GLY A 316 3.98 -23.65 0.90
CA GLY A 316 3.40 -22.64 1.81
C GLY A 316 4.29 -21.41 2.03
N ASP A 317 5.43 -21.29 1.34
CA ASP A 317 6.11 -19.99 1.12
C ASP A 317 5.03 -18.95 0.75
N GLY A 318 5.09 -17.78 1.34
CA GLY A 318 4.26 -16.66 0.86
C GLY A 318 4.89 -16.03 -0.38
N ALA A 319 4.11 -15.21 -1.07
CA ALA A 319 4.63 -14.25 -2.05
C ALA A 319 5.66 -13.34 -1.36
N ALA A 320 6.56 -12.77 -2.14
CA ALA A 320 7.37 -11.62 -1.73
C ALA A 320 6.43 -10.47 -1.31
N ALA A 321 6.93 -9.54 -0.51
CA ALA A 321 6.15 -8.35 -0.12
C ALA A 321 5.77 -7.59 -1.40
N MET A 322 4.68 -6.84 -1.34
CA MET A 322 4.07 -6.33 -2.59
C MET A 322 4.99 -5.32 -3.28
N ARG A 323 5.97 -4.73 -2.63
CA ARG A 323 6.92 -3.80 -3.30
C ARG A 323 7.65 -4.56 -4.42
N PHE A 324 7.76 -5.88 -4.37
CA PHE A 324 8.67 -6.65 -5.24
C PHE A 324 7.91 -7.15 -6.47
N THR A 325 6.67 -7.55 -6.27
CA THR A 325 5.91 -8.30 -7.29
C THR A 325 5.15 -7.34 -8.21
N GLU A 326 4.80 -7.84 -9.39
CA GLU A 326 4.06 -7.07 -10.42
C GLU A 326 2.98 -7.99 -10.98
N ALA A 327 1.92 -7.43 -11.52
CA ALA A 327 0.76 -8.22 -11.94
C ALA A 327 -0.02 -7.49 -13.04
N ARG A 328 -0.78 -8.28 -13.81
CA ARG A 328 -1.84 -7.81 -14.74
C ARG A 328 -2.84 -8.95 -14.84
N MET A 329 -3.91 -8.75 -15.58
CA MET A 329 -4.90 -9.81 -15.90
C MET A 329 -4.26 -10.93 -16.72
N THR A 330 -4.75 -12.15 -16.56
CA THR A 330 -4.64 -13.25 -17.55
C THR A 330 -5.62 -12.98 -18.68
N LYS A 331 -5.39 -13.61 -19.83
CA LYS A 331 -6.32 -13.52 -20.99
C LYS A 331 -7.70 -14.00 -20.53
N ILE A 332 -7.79 -15.05 -19.75
CA ILE A 332 -9.14 -15.57 -19.42
C ILE A 332 -9.89 -14.57 -18.52
N THR A 333 -9.19 -13.69 -17.79
CA THR A 333 -9.87 -12.69 -16.92
C THR A 333 -10.60 -11.66 -17.80
N LEU A 334 -10.10 -11.41 -19.01
CA LEU A 334 -10.79 -10.53 -20.00
C LEU A 334 -12.21 -11.06 -20.18
N GLU A 335 -12.39 -12.36 -20.09
CA GLU A 335 -13.72 -12.98 -20.35
C GLU A 335 -14.62 -12.81 -19.14
N LEU A 336 -14.08 -12.61 -17.94
CA LEU A 336 -14.88 -12.30 -16.73
C LEU A 336 -15.42 -10.87 -16.87
N LEU A 337 -14.63 -9.99 -17.45
CA LEU A 337 -14.93 -8.53 -17.51
C LEU A 337 -15.61 -8.11 -18.82
N ARG A 338 -15.55 -8.93 -19.87
CA ARG A 338 -16.15 -8.63 -21.19
C ARG A 338 -17.61 -8.17 -21.02
N ASP A 339 -17.93 -7.02 -21.59
CA ASP A 339 -19.29 -6.41 -21.71
C ASP A 339 -19.69 -5.72 -20.41
N ILE A 340 -18.77 -5.52 -19.46
CA ILE A 340 -19.08 -4.82 -18.17
C ILE A 340 -19.53 -3.38 -18.46
N ASN A 341 -19.05 -2.78 -19.54
CA ASN A 341 -19.38 -1.37 -19.89
C ASN A 341 -20.49 -1.33 -20.95
N LYS A 342 -21.32 -2.38 -21.03
CA LYS A 342 -22.50 -2.39 -21.94
C LYS A 342 -23.77 -2.66 -21.14
N ASP A 343 -23.84 -2.12 -19.90
CA ASP A 343 -25.04 -2.16 -19.04
C ASP A 343 -25.56 -3.60 -18.95
N THR A 344 -24.63 -4.55 -18.79
CA THR A 344 -24.89 -6.00 -18.63
C THR A 344 -25.11 -6.34 -17.14
N ILE A 345 -24.55 -5.56 -16.23
CA ILE A 345 -24.56 -5.89 -14.77
C ILE A 345 -24.84 -4.58 -14.03
N ASP A 346 -25.47 -4.67 -12.87
CA ASP A 346 -25.86 -3.47 -12.08
C ASP A 346 -24.64 -2.96 -11.32
N PHE A 347 -24.29 -1.69 -11.52
CA PHE A 347 -23.32 -0.97 -10.67
C PHE A 347 -24.01 -0.55 -9.37
N ILE A 348 -23.23 -0.41 -8.28
CA ILE A 348 -23.72 0.10 -6.97
C ILE A 348 -22.74 1.14 -6.45
N ASP A 349 -23.15 1.93 -5.47
CA ASP A 349 -22.26 2.85 -4.71
C ASP A 349 -21.21 2.00 -3.99
N ASN A 350 -19.94 2.41 -4.00
CA ASN A 350 -18.89 1.86 -3.11
C ASN A 350 -19.20 2.23 -1.63
N TYR A 351 -18.30 1.89 -0.70
CA TYR A 351 -18.47 1.97 0.78
C TYR A 351 -18.68 3.43 1.25
N ASP A 352 -18.17 4.46 0.56
CA ASP A 352 -18.21 5.88 1.01
C ASP A 352 -18.98 6.81 0.03
N GLY A 353 -19.61 6.28 -1.03
CA GLY A 353 -20.37 7.09 -2.01
C GLY A 353 -19.52 7.92 -2.97
N ASN A 354 -18.20 7.71 -3.02
CA ASN A 354 -17.29 8.48 -3.90
C ASN A 354 -17.02 7.73 -5.21
N GLU A 355 -17.38 6.45 -5.30
CA GLU A 355 -17.06 5.60 -6.47
C GLU A 355 -18.24 4.67 -6.78
N ARG A 356 -18.18 4.03 -7.94
CA ARG A 356 -19.13 2.97 -8.37
C ARG A 356 -18.32 1.69 -8.49
N GLU A 357 -18.93 0.54 -8.25
CA GLU A 357 -18.28 -0.79 -8.39
C GLU A 357 -19.36 -1.75 -8.88
N PRO A 358 -18.98 -2.86 -9.53
CA PRO A 358 -19.96 -3.84 -10.01
C PRO A 358 -20.48 -4.76 -8.88
N SER A 359 -21.78 -5.00 -8.84
CA SER A 359 -22.42 -5.99 -7.94
C SER A 359 -21.94 -7.39 -8.36
N VAL A 360 -21.68 -7.59 -9.64
CA VAL A 360 -21.33 -8.92 -10.22
C VAL A 360 -20.67 -8.67 -11.59
N LEU A 361 -19.79 -9.58 -12.03
CA LEU A 361 -19.13 -9.49 -13.34
C LEU A 361 -19.95 -10.25 -14.38
N PRO A 362 -19.85 -9.84 -15.66
CA PRO A 362 -20.49 -10.55 -16.75
C PRO A 362 -20.16 -12.06 -16.75
N ALA A 363 -18.92 -12.43 -16.46
CA ALA A 363 -18.47 -13.83 -16.29
C ALA A 363 -18.84 -14.68 -17.51
N ARG A 364 -18.16 -14.49 -18.65
CA ARG A 364 -18.55 -15.14 -19.93
C ARG A 364 -18.07 -16.60 -19.96
N PHE A 365 -17.44 -17.10 -18.90
CA PHE A 365 -17.26 -18.56 -18.66
C PHE A 365 -17.72 -18.90 -17.24
N PRO A 366 -18.14 -20.17 -16.97
CA PRO A 366 -18.64 -20.61 -15.67
C PRO A 366 -17.55 -20.67 -14.57
N ASN A 367 -17.24 -19.50 -14.02
CA ASN A 367 -16.07 -19.32 -13.15
C ASN A 367 -16.30 -19.96 -11.77
N LEU A 368 -17.53 -19.97 -11.24
CA LEU A 368 -17.74 -20.57 -9.90
C LEU A 368 -17.19 -22.00 -9.91
N LEU A 369 -17.65 -22.79 -10.88
CA LEU A 369 -17.33 -24.24 -10.93
C LEU A 369 -15.92 -24.42 -11.48
N ALA A 370 -15.46 -23.54 -12.39
CA ALA A 370 -14.15 -23.68 -13.04
C ALA A 370 -13.01 -23.52 -12.00
N ASN A 371 -13.04 -22.46 -11.20
CA ASN A 371 -11.98 -22.17 -10.21
C ASN A 371 -12.39 -22.64 -8.82
N GLY A 372 -13.68 -22.95 -8.59
CA GLY A 372 -14.07 -23.45 -7.26
C GLY A 372 -14.03 -22.32 -6.25
N ALA A 373 -14.24 -22.64 -4.98
CA ALA A 373 -14.28 -21.64 -3.90
C ALA A 373 -14.20 -22.40 -2.59
N SER A 374 -13.50 -21.83 -1.62
CA SER A 374 -13.49 -22.30 -0.23
C SER A 374 -13.64 -21.07 0.65
N GLY A 375 -14.48 -21.13 1.68
CA GLY A 375 -14.71 -19.99 2.59
C GLY A 375 -15.34 -20.46 3.88
N ILE A 376 -14.93 -19.84 4.98
CA ILE A 376 -15.56 -20.02 6.32
C ILE A 376 -16.36 -18.75 6.59
N ALA A 377 -17.67 -18.87 6.75
CA ALA A 377 -18.55 -17.72 7.03
C ALA A 377 -18.94 -17.76 8.51
N VAL A 378 -20.21 -17.51 8.82
CA VAL A 378 -20.79 -17.69 10.17
C VAL A 378 -22.05 -18.53 9.98
N GLY A 379 -22.21 -19.58 10.78
CA GLY A 379 -23.33 -20.53 10.65
C GLY A 379 -23.17 -21.51 9.49
N MET A 380 -22.15 -21.33 8.66
CA MET A 380 -21.95 -22.17 7.44
C MET A 380 -20.57 -21.87 6.83
N ALA A 381 -20.19 -22.71 5.88
CA ALA A 381 -18.96 -22.58 5.09
C ALA A 381 -19.28 -22.98 3.66
N THR A 382 -18.31 -22.93 2.77
CA THR A 382 -18.47 -23.41 1.38
C THR A 382 -17.19 -24.12 0.97
N ASN A 383 -17.34 -25.17 0.18
CA ASN A 383 -16.19 -25.93 -0.34
C ASN A 383 -16.61 -26.50 -1.70
N ILE A 384 -16.24 -25.77 -2.75
CA ILE A 384 -16.61 -26.06 -4.15
C ILE A 384 -15.31 -26.34 -4.89
N PRO A 385 -15.16 -27.55 -5.44
CA PRO A 385 -13.93 -27.92 -6.12
C PRO A 385 -13.94 -27.36 -7.51
N PRO A 386 -12.74 -27.14 -8.09
CA PRO A 386 -12.62 -26.68 -9.46
C PRO A 386 -12.88 -27.81 -10.48
N HIS A 387 -13.08 -27.42 -11.74
CA HIS A 387 -13.58 -28.25 -12.86
C HIS A 387 -12.88 -27.88 -14.14
N ASN A 388 -12.93 -28.79 -15.11
CA ASN A 388 -12.35 -28.57 -16.46
C ASN A 388 -13.29 -27.68 -17.26
N LEU A 389 -12.77 -26.62 -17.86
CA LEU A 389 -13.58 -25.61 -18.56
C LEU A 389 -14.25 -26.23 -19.78
N THR A 390 -13.59 -27.16 -20.48
CA THR A 390 -14.15 -27.81 -21.69
C THR A 390 -15.41 -28.55 -21.25
N GLU A 391 -15.26 -29.38 -20.23
CA GLU A 391 -16.36 -30.17 -19.60
C GLU A 391 -17.50 -29.24 -19.21
N LEU A 392 -17.22 -28.16 -18.48
CA LEU A 392 -18.29 -27.28 -17.95
C LEU A 392 -19.08 -26.66 -19.12
N ILE A 393 -18.37 -26.08 -20.08
CA ILE A 393 -19.07 -25.41 -21.20
C ILE A 393 -19.91 -26.45 -21.96
N ASN A 394 -19.39 -27.64 -22.20
CA ASN A 394 -20.14 -28.72 -22.90
C ASN A 394 -21.44 -29.00 -22.12
N GLY A 395 -21.32 -29.00 -20.77
CA GLY A 395 -22.45 -29.17 -19.83
C GLY A 395 -23.47 -28.06 -19.98
N VAL A 396 -23.02 -26.81 -19.97
CA VAL A 396 -23.91 -25.64 -20.16
C VAL A 396 -24.62 -25.78 -21.52
N LEU A 397 -23.89 -26.17 -22.58
CA LEU A 397 -24.46 -26.33 -23.93
C LEU A 397 -25.58 -27.39 -23.89
N SER A 398 -25.30 -28.58 -23.35
CA SER A 398 -26.29 -29.66 -23.15
C SER A 398 -27.50 -29.14 -22.36
N LEU A 399 -27.28 -28.48 -21.22
CA LEU A 399 -28.39 -27.88 -20.45
C LEU A 399 -29.20 -26.93 -21.34
N SER A 400 -28.53 -26.08 -22.14
CA SER A 400 -29.13 -25.04 -23.01
C SER A 400 -30.09 -25.68 -24.03
N LYS A 401 -29.82 -26.92 -24.43
CA LYS A 401 -30.63 -27.67 -25.43
C LYS A 401 -31.68 -28.56 -24.73
N ASN A 402 -31.72 -28.66 -23.40
CA ASN A 402 -32.61 -29.61 -22.66
C ASN A 402 -32.78 -29.19 -21.22
N PRO A 403 -33.73 -28.29 -20.91
CA PRO A 403 -33.94 -27.82 -19.54
C PRO A 403 -34.14 -28.94 -18.50
N ASP A 404 -34.57 -30.12 -18.95
CA ASP A 404 -34.94 -31.29 -18.12
C ASP A 404 -33.78 -32.28 -17.99
N ILE A 405 -32.59 -31.98 -18.49
CA ILE A 405 -31.42 -32.89 -18.39
C ILE A 405 -31.23 -33.33 -16.94
N SER A 406 -30.88 -34.59 -16.71
CA SER A 406 -30.61 -35.12 -15.35
C SER A 406 -29.16 -34.81 -14.96
N ILE A 407 -28.86 -34.88 -13.67
CA ILE A 407 -27.46 -34.78 -13.16
C ILE A 407 -26.62 -35.85 -13.85
N ALA A 408 -27.15 -37.07 -13.97
CA ALA A 408 -26.40 -38.21 -14.55
C ALA A 408 -26.06 -37.91 -16.03
N GLU A 409 -27.01 -37.37 -16.79
CA GLU A 409 -26.77 -36.90 -18.19
C GLU A 409 -25.69 -35.81 -18.18
N LEU A 410 -25.74 -34.85 -17.26
CA LEU A 410 -24.75 -33.74 -17.20
C LEU A 410 -23.36 -34.32 -16.94
N MET A 411 -23.30 -35.43 -16.20
CA MET A 411 -22.02 -36.07 -15.83
C MET A 411 -21.42 -36.82 -17.04
N GLU A 412 -22.14 -36.94 -18.17
CA GLU A 412 -21.57 -37.37 -19.47
C GLU A 412 -20.63 -36.27 -19.98
N ASP A 413 -20.91 -35.00 -19.69
CA ASP A 413 -20.00 -33.86 -20.03
C ASP A 413 -18.98 -33.61 -18.91
N ILE A 414 -19.45 -33.54 -17.66
CA ILE A 414 -18.64 -33.13 -16.47
C ILE A 414 -18.35 -34.38 -15.64
N GLU A 415 -17.18 -34.98 -15.83
CA GLU A 415 -16.77 -36.29 -15.24
C GLU A 415 -16.70 -36.13 -13.72
N GLY A 416 -16.22 -34.98 -13.24
CA GLY A 416 -16.02 -34.69 -11.83
C GLY A 416 -15.11 -33.47 -11.71
N PRO A 417 -14.61 -33.14 -10.50
CA PRO A 417 -13.63 -32.08 -10.37
C PRO A 417 -12.39 -32.29 -11.26
N ASP A 418 -11.68 -31.21 -11.50
CA ASP A 418 -10.38 -31.21 -12.22
C ASP A 418 -9.48 -30.23 -11.48
N PHE A 419 -8.54 -30.76 -10.70
CA PHE A 419 -7.71 -29.93 -9.80
C PHE A 419 -6.54 -29.36 -10.57
N PRO A 420 -6.10 -28.12 -10.24
CA PRO A 420 -4.93 -27.53 -10.89
C PRO A 420 -3.70 -28.41 -10.69
N THR A 421 -3.66 -29.14 -9.56
CA THR A 421 -2.56 -29.99 -9.08
C THR A 421 -2.62 -31.42 -9.66
N ALA A 422 -3.60 -31.70 -10.52
CA ALA A 422 -3.82 -33.02 -11.19
C ALA A 422 -4.16 -34.12 -10.16
N GLY A 423 -3.34 -35.17 -10.05
CA GLY A 423 -3.62 -36.29 -9.12
C GLY A 423 -4.79 -37.16 -9.54
N LEU A 424 -5.27 -38.02 -8.63
CA LEU A 424 -6.34 -39.02 -8.89
C LEU A 424 -7.54 -38.76 -7.97
N ILE A 425 -8.73 -39.06 -8.46
CA ILE A 425 -9.93 -39.20 -7.62
C ILE A 425 -10.28 -40.68 -7.60
N LEU A 426 -10.57 -41.22 -6.40
CA LEU A 426 -10.99 -42.63 -6.21
C LEU A 426 -12.49 -42.78 -6.38
N GLY A 427 -12.93 -43.30 -7.54
CA GLY A 427 -14.32 -43.70 -7.79
C GLY A 427 -15.22 -42.51 -8.05
N LYS A 428 -16.50 -42.79 -8.31
CA LYS A 428 -17.45 -41.79 -8.85
C LYS A 428 -18.54 -41.51 -7.82
N SER A 429 -18.55 -42.23 -6.71
CA SER A 429 -19.76 -42.24 -5.84
C SER A 429 -19.76 -40.96 -4.97
N GLY A 430 -18.59 -40.45 -4.56
CA GLY A 430 -18.51 -39.17 -3.85
C GLY A 430 -18.88 -38.02 -4.79
N ILE A 431 -18.37 -38.09 -6.02
CA ILE A 431 -18.67 -37.08 -7.07
C ILE A 431 -20.18 -37.03 -7.25
N ARG A 432 -20.81 -38.18 -7.47
CA ARG A 432 -22.26 -38.30 -7.73
C ARG A 432 -23.08 -37.71 -6.58
N ARG A 433 -22.78 -38.09 -5.35
CA ARG A 433 -23.56 -37.56 -4.19
C ARG A 433 -23.36 -36.02 -4.13
N ALA A 434 -22.15 -35.54 -4.40
CA ALA A 434 -21.86 -34.09 -4.31
C ALA A 434 -22.64 -33.33 -5.39
N TYR A 435 -22.71 -33.86 -6.61
CA TYR A 435 -23.41 -33.23 -7.76
C TYR A 435 -24.91 -33.29 -7.55
N GLU A 436 -25.39 -34.32 -6.85
CA GLU A 436 -26.83 -34.61 -6.64
C GLU A 436 -27.34 -33.71 -5.49
N THR A 437 -26.57 -33.55 -4.41
CA THR A 437 -27.04 -32.98 -3.12
C THR A 437 -26.31 -31.71 -2.77
N GLY A 438 -25.16 -31.45 -3.39
CA GLY A 438 -24.24 -30.38 -2.98
C GLY A 438 -23.27 -30.83 -1.90
N ARG A 439 -23.40 -32.04 -1.33
CA ARG A 439 -22.47 -32.53 -0.29
C ARG A 439 -22.00 -33.93 -0.66
N GLY A 440 -20.70 -34.14 -0.54
CA GLY A 440 -20.12 -35.50 -0.63
C GLY A 440 -18.64 -35.45 -0.36
N SER A 441 -18.10 -36.60 -0.02
CA SER A 441 -16.66 -36.78 0.29
C SER A 441 -15.96 -37.33 -0.95
N ILE A 442 -14.99 -36.59 -1.49
CA ILE A 442 -14.22 -37.01 -2.71
C ILE A 442 -12.78 -37.33 -2.29
N GLN A 443 -12.37 -38.59 -2.47
CA GLN A 443 -11.02 -39.07 -2.05
C GLN A 443 -10.02 -38.71 -3.13
N MET A 444 -9.07 -37.83 -2.81
CA MET A 444 -8.00 -37.38 -3.74
C MET A 444 -6.72 -38.14 -3.41
N ARG A 445 -6.06 -38.69 -4.42
CA ARG A 445 -4.84 -39.48 -4.19
C ARG A 445 -3.72 -38.88 -5.00
N SER A 446 -2.53 -38.85 -4.42
CA SER A 446 -1.27 -38.46 -5.10
C SER A 446 -1.06 -39.38 -6.29
N ARG A 447 -0.35 -38.91 -7.32
CA ARG A 447 0.17 -39.80 -8.38
C ARG A 447 1.50 -40.31 -7.86
N ALA A 448 1.56 -41.60 -7.55
CA ALA A 448 2.75 -42.30 -7.04
C ALA A 448 2.93 -43.54 -7.89
N VAL A 449 4.19 -43.87 -8.16
CA VAL A 449 4.55 -45.12 -8.85
C VAL A 449 5.69 -45.78 -8.06
N ILE A 450 5.89 -47.06 -8.31
CA ILE A 450 6.96 -47.82 -7.65
C ILE A 450 7.97 -48.12 -8.74
N GLU A 451 9.24 -47.82 -8.50
CA GLU A 451 10.27 -48.01 -9.54
C GLU A 451 11.53 -48.56 -8.88
N GLU A 452 12.35 -49.25 -9.66
CA GLU A 452 13.66 -49.76 -9.23
C GLU A 452 14.65 -48.60 -9.10
N ARG A 453 15.61 -48.71 -8.19
CA ARG A 453 16.65 -47.67 -7.99
C ARG A 453 18.03 -48.32 -7.98
N GLY A 454 18.15 -49.61 -8.30
CA GLY A 454 19.43 -50.33 -8.35
C GLY A 454 19.57 -51.42 -7.29
N GLY A 455 20.41 -52.43 -7.55
CA GLY A 455 20.77 -53.50 -6.61
C GLY A 455 19.55 -54.14 -5.92
N GLY A 456 18.45 -54.29 -6.66
CA GLY A 456 17.24 -55.00 -6.20
C GLY A 456 16.39 -54.13 -5.28
N ARG A 457 16.65 -52.84 -5.19
CA ARG A 457 15.91 -51.93 -4.29
C ARG A 457 14.90 -51.13 -5.13
N GLN A 458 13.89 -50.59 -4.45
CA GLN A 458 12.77 -49.85 -5.09
C GLN A 458 12.59 -48.51 -4.38
N ARG A 459 11.83 -47.64 -5.03
CA ARG A 459 11.34 -46.41 -4.37
C ARG A 459 9.94 -46.14 -4.85
N ILE A 460 9.24 -45.35 -4.06
CA ILE A 460 7.96 -44.70 -4.43
C ILE A 460 8.35 -43.31 -4.95
N VAL A 461 7.82 -42.92 -6.11
CA VAL A 461 8.03 -41.56 -6.66
C VAL A 461 6.67 -40.91 -6.87
N VAL A 462 6.49 -39.78 -6.21
CA VAL A 462 5.22 -38.99 -6.18
C VAL A 462 5.44 -37.76 -7.04
N THR A 463 4.63 -37.57 -8.09
CA THR A 463 4.81 -36.45 -9.05
C THR A 463 3.58 -35.53 -9.01
N GLU A 464 2.49 -35.94 -8.36
CA GLU A 464 1.28 -35.09 -8.18
C GLU A 464 0.72 -35.34 -6.80
N ILE A 465 0.33 -34.27 -6.12
CA ILE A 465 -0.24 -34.36 -4.77
C ILE A 465 -1.66 -33.82 -4.81
N PRO A 466 -2.46 -34.05 -3.78
CA PRO A 466 -3.84 -33.57 -3.76
C PRO A 466 -3.93 -32.05 -3.66
N PHE A 467 -5.06 -31.53 -4.09
CA PHE A 467 -5.39 -30.09 -4.14
C PHE A 467 -5.33 -29.55 -2.70
N GLN A 468 -4.69 -28.40 -2.53
CA GLN A 468 -4.64 -27.66 -1.25
C GLN A 468 -3.80 -28.43 -0.20
N VAL A 469 -2.94 -29.35 -0.60
CA VAL A 469 -1.98 -30.01 0.32
C VAL A 469 -0.66 -29.30 0.24
N ASN A 470 -0.09 -28.96 1.38
CA ASN A 470 1.24 -28.32 1.46
C ASN A 470 2.27 -29.44 1.29
N LYS A 471 3.05 -29.40 0.21
CA LYS A 471 4.04 -30.48 -0.10
C LYS A 471 5.04 -30.68 1.06
N ALA A 472 5.69 -29.62 1.53
CA ALA A 472 6.70 -29.70 2.62
C ALA A 472 6.04 -30.27 3.89
N ARG A 473 4.84 -29.83 4.22
CA ARG A 473 4.13 -30.32 5.42
C ARG A 473 3.76 -31.80 5.21
N MET A 474 3.41 -32.20 3.99
CA MET A 474 3.11 -33.63 3.72
C MET A 474 4.41 -34.43 3.97
N ILE A 475 5.56 -33.90 3.53
CA ILE A 475 6.88 -34.59 3.70
C ILE A 475 7.25 -34.67 5.18
N GLU A 476 7.05 -33.61 5.95
CA GLU A 476 7.38 -33.60 7.42
C GLU A 476 6.54 -34.68 8.12
N LYS A 477 5.27 -34.84 7.73
CA LYS A 477 4.34 -35.85 8.31
C LYS A 477 4.90 -37.26 8.07
N ILE A 478 5.36 -37.55 6.84
CA ILE A 478 5.99 -38.86 6.51
C ILE A 478 7.23 -39.03 7.38
N ALA A 479 8.11 -38.02 7.43
CA ALA A 479 9.36 -38.06 8.22
C ALA A 479 9.01 -38.35 9.68
N GLU A 480 7.93 -37.77 10.19
CA GLU A 480 7.45 -37.98 11.57
C GLU A 480 7.09 -39.46 11.77
N LEU A 481 6.29 -40.04 10.86
CA LEU A 481 5.90 -41.48 10.94
C LEU A 481 7.14 -42.37 10.95
N VAL A 482 8.15 -42.07 10.13
CA VAL A 482 9.41 -42.88 10.06
C VAL A 482 10.14 -42.78 11.41
N ARG A 483 10.34 -41.54 11.88
CA ARG A 483 11.10 -41.21 13.12
C ARG A 483 10.44 -41.91 14.30
N ASP A 484 9.10 -41.88 14.38
CA ASP A 484 8.31 -42.40 15.53
C ASP A 484 7.99 -43.89 15.32
N LYS A 485 8.48 -44.51 14.24
CA LYS A 485 8.37 -45.97 14.00
C LYS A 485 6.88 -46.36 13.86
N LYS A 486 6.04 -45.52 13.27
CA LYS A 486 4.61 -45.86 13.02
C LYS A 486 4.46 -46.40 11.59
N ILE A 487 5.55 -46.47 10.83
CA ILE A 487 5.48 -47.05 9.46
C ILE A 487 6.76 -47.83 9.20
N ASP A 488 6.61 -49.08 8.78
CA ASP A 488 7.76 -49.96 8.47
C ASP A 488 8.18 -49.82 6.99
N GLY A 489 9.50 -49.85 6.72
CA GLY A 489 10.09 -50.09 5.39
C GLY A 489 10.69 -48.88 4.68
N ILE A 490 10.73 -47.69 5.27
CA ILE A 490 11.20 -46.47 4.54
C ILE A 490 12.63 -46.14 5.00
N THR A 491 13.58 -46.04 4.07
CA THR A 491 15.02 -45.82 4.38
C THR A 491 15.45 -44.40 4.03
N ASP A 492 14.70 -43.64 3.21
CA ASP A 492 15.06 -42.23 2.90
C ASP A 492 13.84 -41.51 2.32
N LEU A 493 13.88 -40.19 2.39
CA LEU A 493 12.77 -39.29 2.01
C LEU A 493 13.41 -37.98 1.52
N ARG A 494 13.18 -37.62 0.25
CA ARG A 494 13.79 -36.46 -0.43
C ARG A 494 12.73 -35.75 -1.26
N ASP A 495 12.68 -34.43 -1.18
CA ASP A 495 11.97 -33.58 -2.16
C ASP A 495 12.98 -33.29 -3.28
N GLU A 496 12.80 -33.89 -4.46
CA GLU A 496 13.66 -33.64 -5.64
C GLU A 496 12.88 -32.73 -6.61
N THR A 497 11.80 -32.09 -6.17
CA THR A 497 11.05 -31.08 -6.97
C THR A 497 12.01 -30.03 -7.55
N SER A 498 11.79 -29.62 -8.79
CA SER A 498 12.61 -28.60 -9.49
C SER A 498 11.81 -28.01 -10.65
N LEU A 499 12.31 -26.95 -11.26
CA LEU A 499 11.64 -26.32 -12.43
C LEU A 499 11.74 -27.26 -13.64
N ARG A 500 12.86 -27.99 -13.82
CA ARG A 500 13.09 -28.99 -14.90
C ARG A 500 12.13 -30.17 -14.74
N THR A 501 12.08 -30.83 -13.57
CA THR A 501 11.27 -32.07 -13.34
C THR A 501 9.80 -31.81 -12.97
N GLY A 502 9.44 -30.65 -12.42
CA GLY A 502 8.16 -30.55 -11.71
C GLY A 502 8.23 -31.27 -10.38
N VAL A 503 7.08 -31.48 -9.73
CA VAL A 503 7.03 -32.10 -8.40
C VAL A 503 7.63 -33.51 -8.47
N ARG A 504 8.56 -33.81 -7.55
CA ARG A 504 9.15 -35.16 -7.46
C ARG A 504 9.51 -35.45 -6.00
N VAL A 505 8.69 -36.22 -5.30
CA VAL A 505 9.02 -36.68 -3.92
C VAL A 505 9.37 -38.15 -3.98
N VAL A 506 10.56 -38.48 -3.50
CA VAL A 506 11.15 -39.84 -3.52
C VAL A 506 11.14 -40.42 -2.11
N ILE A 507 10.55 -41.60 -1.95
CA ILE A 507 10.55 -42.42 -0.71
C ILE A 507 11.29 -43.72 -1.01
N ASP A 508 12.52 -43.86 -0.51
CA ASP A 508 13.32 -45.09 -0.70
C ASP A 508 12.70 -46.18 0.20
N VAL A 509 12.64 -47.40 -0.32
CA VAL A 509 12.13 -48.60 0.40
C VAL A 509 13.31 -49.52 0.72
N ARG A 510 13.32 -50.07 1.94
CA ARG A 510 14.30 -51.09 2.45
C ARG A 510 14.27 -52.30 1.51
N LYS A 511 15.44 -52.87 1.20
CA LYS A 511 15.53 -54.06 0.31
C LYS A 511 14.58 -55.15 0.81
N ASP A 512 13.76 -55.71 -0.08
CA ASP A 512 12.87 -56.89 0.13
C ASP A 512 11.58 -56.54 0.89
N ALA A 513 11.37 -55.28 1.28
CA ALA A 513 10.08 -54.81 1.84
C ALA A 513 9.11 -54.59 0.67
N ASN A 514 7.82 -54.81 0.89
CA ASN A 514 6.78 -54.70 -0.15
C ASN A 514 6.48 -53.21 -0.28
N ALA A 515 6.86 -52.60 -1.42
CA ALA A 515 6.67 -51.15 -1.64
C ALA A 515 5.18 -50.82 -1.78
N SER A 516 4.35 -51.77 -2.24
CA SER A 516 2.89 -51.53 -2.45
C SER A 516 2.21 -51.42 -1.08
N VAL A 517 2.62 -52.25 -0.12
CA VAL A 517 2.15 -52.16 1.30
C VAL A 517 2.56 -50.79 1.87
N ILE A 518 3.81 -50.39 1.73
CA ILE A 518 4.29 -49.08 2.25
C ILE A 518 3.42 -47.96 1.64
N LEU A 519 3.18 -47.97 0.34
CA LEU A 519 2.41 -46.91 -0.34
C LEU A 519 0.98 -46.84 0.20
N ASN A 520 0.29 -47.99 0.34
CA ASN A 520 -1.10 -48.07 0.83
C ASN A 520 -1.13 -47.51 2.26
N ASN A 521 -0.10 -47.80 3.04
CA ASN A 521 0.09 -47.29 4.43
C ASN A 521 0.28 -45.78 4.39
N LEU A 522 1.06 -45.24 3.44
CA LEU A 522 1.27 -43.79 3.34
C LEU A 522 -0.05 -43.10 3.00
N TYR A 523 -0.88 -43.69 2.15
CA TYR A 523 -2.22 -43.14 1.78
C TYR A 523 -3.10 -43.10 3.03
N LYS A 524 -3.07 -44.16 3.85
CA LYS A 524 -3.83 -44.27 5.12
C LYS A 524 -3.38 -43.17 6.12
N GLN A 525 -2.07 -42.96 6.28
CA GLN A 525 -1.49 -42.35 7.49
C GLN A 525 -1.05 -40.90 7.24
N THR A 526 -1.10 -40.41 5.99
CA THR A 526 -0.60 -39.07 5.65
C THR A 526 -1.52 -38.40 4.63
N PRO A 527 -1.31 -37.09 4.38
CA PRO A 527 -2.06 -36.35 3.37
C PRO A 527 -1.80 -36.80 1.92
N LEU A 528 -1.02 -37.85 1.69
CA LEU A 528 -0.76 -38.40 0.32
C LEU A 528 -2.10 -38.82 -0.31
N GLN A 529 -3.03 -39.29 0.52
CA GLN A 529 -4.51 -39.34 0.26
C GLN A 529 -5.17 -38.34 1.22
N THR A 530 -6.10 -37.55 0.70
CA THR A 530 -6.80 -36.49 1.45
C THR A 530 -8.20 -36.40 0.86
N SER A 531 -9.21 -36.18 1.69
CA SER A 531 -10.59 -35.99 1.18
C SER A 531 -10.86 -34.51 0.92
N PHE A 532 -11.59 -34.26 -0.16
CA PHE A 532 -12.25 -32.97 -0.45
C PHE A 532 -13.72 -33.14 -0.06
N GLY A 533 -14.11 -32.48 1.04
CA GLY A 533 -15.47 -32.42 1.59
C GLY A 533 -16.24 -31.35 0.82
N VAL A 534 -17.01 -31.78 -0.18
CA VAL A 534 -17.80 -30.86 -1.03
C VAL A 534 -18.98 -30.37 -0.20
N ASN A 535 -19.22 -29.05 -0.31
CA ASN A 535 -20.25 -28.32 0.46
C ASN A 535 -20.56 -27.07 -0.34
N MET A 536 -21.33 -27.24 -1.41
CA MET A 536 -21.50 -26.22 -2.47
C MET A 536 -22.54 -25.20 -2.02
N ILE A 537 -22.08 -24.24 -1.23
CA ILE A 537 -22.88 -23.07 -0.80
C ILE A 537 -22.42 -21.83 -1.56
N ALA A 538 -23.37 -21.10 -2.14
CA ALA A 538 -23.13 -19.84 -2.87
C ALA A 538 -24.32 -18.89 -2.67
N LEU A 539 -24.10 -17.63 -3.01
CA LEU A 539 -25.14 -16.59 -2.93
C LEU A 539 -26.00 -16.69 -4.21
N VAL A 540 -27.28 -16.92 -4.00
CA VAL A 540 -28.35 -17.04 -5.02
C VAL A 540 -29.38 -15.99 -4.69
N ASN A 541 -29.54 -15.00 -5.55
CA ASN A 541 -30.44 -13.85 -5.28
C ASN A 541 -30.06 -13.28 -3.91
N GLY A 542 -28.76 -13.12 -3.64
CA GLY A 542 -28.28 -12.46 -2.40
C GLY A 542 -28.41 -13.31 -1.12
N ARG A 543 -28.84 -14.57 -1.18
CA ARG A 543 -29.05 -15.43 0.01
C ARG A 543 -28.12 -16.63 -0.13
N PRO A 544 -27.49 -17.13 0.96
CA PRO A 544 -26.71 -18.35 0.86
C PRO A 544 -27.64 -19.53 0.56
N LYS A 545 -27.18 -20.49 -0.25
CA LYS A 545 -27.97 -21.70 -0.56
C LYS A 545 -27.03 -22.85 -0.89
N LEU A 546 -27.29 -24.00 -0.31
CA LEU A 546 -26.69 -25.28 -0.71
C LEU A 546 -27.29 -25.66 -2.07
N ILE A 547 -26.47 -25.74 -3.11
CA ILE A 547 -26.89 -26.00 -4.52
C ILE A 547 -26.27 -27.29 -5.03
N ASN A 548 -26.96 -27.97 -5.94
CA ASN A 548 -26.43 -29.13 -6.69
C ASN A 548 -25.82 -28.65 -8.02
N LEU A 549 -25.14 -29.55 -8.74
CA LEU A 549 -24.46 -29.22 -9.99
C LEU A 549 -25.45 -28.55 -10.97
N LYS A 550 -26.62 -29.13 -11.19
CA LYS A 550 -27.56 -28.62 -12.22
C LYS A 550 -28.04 -27.23 -11.79
N GLU A 551 -28.44 -27.04 -10.55
CA GLU A 551 -28.87 -25.72 -10.04
C GLU A 551 -27.75 -24.70 -10.32
N ALA A 552 -26.48 -25.03 -10.13
CA ALA A 552 -25.35 -24.11 -10.31
C ALA A 552 -25.23 -23.70 -11.79
N LEU A 553 -25.39 -24.67 -12.70
CA LEU A 553 -25.34 -24.48 -14.17
C LEU A 553 -26.54 -23.65 -14.64
N VAL A 554 -27.74 -23.90 -14.10
CA VAL A 554 -28.99 -23.17 -14.49
C VAL A 554 -28.81 -21.68 -14.09
N HIS A 555 -28.35 -21.36 -12.89
CA HIS A 555 -28.17 -19.93 -12.47
C HIS A 555 -27.13 -19.29 -13.39
N TYR A 556 -26.06 -20.02 -13.73
CA TYR A 556 -24.98 -19.51 -14.60
C TYR A 556 -25.58 -19.21 -15.98
N LEU A 557 -26.32 -20.15 -16.55
CA LEU A 557 -26.90 -19.99 -17.90
C LEU A 557 -27.91 -18.82 -17.87
N GLU A 558 -28.69 -18.66 -16.79
CA GLU A 558 -29.64 -17.50 -16.68
C GLU A 558 -28.85 -16.20 -16.64
N HIS A 559 -27.71 -16.17 -15.98
CA HIS A 559 -26.85 -14.96 -15.95
C HIS A 559 -26.40 -14.64 -17.38
N GLN A 560 -25.98 -15.64 -18.14
CA GLN A 560 -25.42 -15.42 -19.49
C GLN A 560 -26.52 -14.87 -20.42
N LYS A 561 -27.73 -15.41 -20.32
CA LYS A 561 -28.91 -14.94 -21.08
C LYS A 561 -29.17 -13.48 -20.75
N THR A 562 -29.15 -13.11 -19.48
CA THR A 562 -29.42 -11.74 -19.01
C THR A 562 -28.31 -10.82 -19.55
N VAL A 563 -27.06 -11.25 -19.43
CA VAL A 563 -25.88 -10.46 -19.86
C VAL A 563 -26.02 -10.17 -21.35
N VAL A 564 -26.30 -11.21 -22.15
CA VAL A 564 -26.30 -11.04 -23.62
C VAL A 564 -27.55 -10.25 -24.01
N ARG A 565 -28.70 -10.41 -23.32
CA ARG A 565 -29.94 -9.63 -23.59
C ARG A 565 -29.68 -8.15 -23.30
N ARG A 566 -29.16 -7.84 -22.12
CA ARG A 566 -28.88 -6.43 -21.71
C ARG A 566 -27.82 -5.79 -22.63
N ARG A 567 -26.80 -6.52 -23.05
CA ARG A 567 -25.78 -6.04 -24.00
C ARG A 567 -26.43 -5.71 -25.36
N THR A 568 -27.32 -6.56 -25.82
CA THR A 568 -28.04 -6.35 -27.10
C THR A 568 -28.94 -5.12 -26.94
N GLN A 569 -29.67 -4.98 -25.83
CA GLN A 569 -30.49 -3.78 -25.54
C GLN A 569 -29.60 -2.52 -25.51
N TYR A 570 -28.40 -2.59 -24.91
CA TYR A 570 -27.47 -1.43 -24.81
C TYR A 570 -26.97 -1.09 -26.22
N ASN A 571 -26.49 -2.08 -26.96
CA ASN A 571 -25.95 -1.85 -28.33
C ASN A 571 -27.04 -1.19 -29.18
N LEU A 572 -28.32 -1.55 -28.96
CA LEU A 572 -29.45 -1.04 -29.76
C LEU A 572 -29.72 0.44 -29.42
N ARG A 573 -29.86 0.81 -28.14
CA ARG A 573 -30.00 2.22 -27.72
C ARG A 573 -28.84 3.02 -28.33
N LYS A 574 -27.62 2.55 -28.18
CA LYS A 574 -26.41 3.32 -28.54
C LYS A 574 -26.33 3.47 -30.07
N ALA A 575 -26.70 2.44 -30.81
CA ALA A 575 -26.77 2.47 -32.30
C ALA A 575 -27.89 3.42 -32.76
N LYS A 576 -29.05 3.44 -32.10
CA LYS A 576 -30.14 4.37 -32.45
C LYS A 576 -29.68 5.81 -32.13
N ASP A 577 -29.03 6.03 -30.98
CA ASP A 577 -28.51 7.36 -30.57
C ASP A 577 -27.57 7.86 -31.64
N ARG A 578 -26.70 6.98 -32.12
CA ARG A 578 -25.63 7.33 -33.08
C ARG A 578 -26.29 7.59 -34.44
N ALA A 579 -27.24 6.77 -34.87
CA ALA A 579 -27.97 7.00 -36.14
C ALA A 579 -28.61 8.40 -36.08
N HIS A 580 -29.22 8.74 -34.95
CA HIS A 580 -29.89 10.04 -34.70
C HIS A 580 -28.88 11.20 -34.91
N ILE A 581 -27.69 11.11 -34.35
CA ILE A 581 -26.63 12.16 -34.47
C ILE A 581 -26.27 12.26 -35.96
N LEU A 582 -26.09 11.11 -36.64
CA LEU A 582 -25.65 11.04 -38.05
C LEU A 582 -26.70 11.71 -38.94
N GLU A 583 -27.98 11.47 -38.69
CA GLU A 583 -29.10 12.16 -39.39
C GLU A 583 -28.90 13.70 -39.27
N GLY A 584 -28.52 14.15 -38.08
CA GLY A 584 -28.26 15.57 -37.82
C GLY A 584 -27.04 16.09 -38.56
N LEU A 585 -25.92 15.36 -38.51
CA LEU A 585 -24.68 15.77 -39.21
C LEU A 585 -24.94 15.79 -40.72
N ARG A 586 -25.75 14.86 -41.20
CA ARG A 586 -26.02 14.74 -42.66
C ARG A 586 -26.74 16.01 -43.12
N ILE A 587 -27.80 16.40 -42.40
CA ILE A 587 -28.56 17.67 -42.60
C ILE A 587 -27.55 18.82 -42.60
N ALA A 588 -26.69 18.87 -41.58
CA ALA A 588 -25.78 20.02 -41.44
C ALA A 588 -24.85 20.07 -42.66
N LEU A 589 -24.30 18.94 -43.10
CA LEU A 589 -23.38 18.95 -44.27
C LEU A 589 -24.14 19.27 -45.56
N ASP A 590 -25.37 18.79 -45.72
CA ASP A 590 -26.18 19.07 -46.94
C ASP A 590 -26.59 20.55 -46.97
N HIS A 591 -26.63 21.22 -45.82
CA HIS A 591 -27.12 22.62 -45.73
C HIS A 591 -26.05 23.50 -45.09
N ILE A 592 -24.78 23.22 -45.35
CA ILE A 592 -23.65 23.77 -44.54
C ILE A 592 -23.67 25.30 -44.57
N ASP A 593 -23.94 25.94 -45.72
CA ASP A 593 -23.94 27.42 -45.85
C ASP A 593 -24.98 28.00 -44.89
N GLU A 594 -26.18 27.42 -44.86
CA GLU A 594 -27.28 27.92 -43.99
C GLU A 594 -26.95 27.63 -42.53
N ILE A 595 -26.32 26.49 -42.24
CA ILE A 595 -25.88 26.12 -40.86
C ILE A 595 -24.89 27.17 -40.37
N ILE A 596 -23.87 27.48 -41.16
CA ILE A 596 -22.80 28.41 -40.75
C ILE A 596 -23.41 29.79 -40.58
N SER A 597 -24.22 30.26 -41.53
CA SER A 597 -24.93 31.56 -41.43
C SER A 597 -25.68 31.62 -40.10
N THR A 598 -26.47 30.61 -39.81
CA THR A 598 -27.33 30.57 -38.60
C THR A 598 -26.44 30.72 -37.36
N ILE A 599 -25.32 30.00 -37.30
CA ILE A 599 -24.40 29.99 -36.14
C ILE A 599 -23.78 31.38 -36.05
N ARG A 600 -23.30 31.91 -37.16
CA ARG A 600 -22.52 33.17 -37.20
C ARG A 600 -23.38 34.35 -36.74
N GLU A 601 -24.65 34.35 -37.14
CA GLU A 601 -25.62 35.42 -36.84
C GLU A 601 -26.13 35.27 -35.40
N SER A 602 -25.69 34.24 -34.64
CA SER A 602 -26.14 33.99 -33.25
C SER A 602 -25.09 34.52 -32.27
N ASP A 603 -25.53 35.27 -31.27
CA ASP A 603 -24.66 35.87 -30.23
C ASP A 603 -24.09 34.75 -29.36
N THR A 604 -24.92 33.78 -29.00
CA THR A 604 -24.55 32.71 -28.02
C THR A 604 -24.86 31.32 -28.58
N ASP A 605 -24.30 30.32 -27.89
CA ASP A 605 -24.65 28.89 -27.99
C ASP A 605 -26.16 28.71 -27.99
N LYS A 606 -26.82 29.26 -26.96
CA LYS A 606 -28.27 29.06 -26.70
C LYS A 606 -29.03 29.53 -27.95
N VAL A 607 -28.74 30.71 -28.48
CA VAL A 607 -29.50 31.27 -29.64
C VAL A 607 -29.26 30.36 -30.85
N ALA A 608 -28.02 29.91 -31.05
CA ALA A 608 -27.63 29.05 -32.19
C ALA A 608 -28.39 27.73 -32.12
N MET A 609 -28.40 27.12 -30.94
CA MET A 609 -29.11 25.84 -30.66
C MET A 609 -30.58 25.99 -31.07
N GLU A 610 -31.23 27.07 -30.63
CA GLU A 610 -32.68 27.31 -30.83
C GLU A 610 -32.94 27.48 -32.32
N SER A 611 -32.15 28.29 -33.03
CA SER A 611 -32.39 28.59 -34.46
C SER A 611 -32.18 27.32 -35.30
N LEU A 612 -31.16 26.51 -34.99
CA LEU A 612 -30.88 25.26 -35.74
C LEU A 612 -32.08 24.33 -35.57
N GLN A 613 -32.58 24.18 -34.35
CA GLN A 613 -33.69 23.26 -34.05
C GLN A 613 -34.91 23.66 -34.90
N GLN A 614 -35.25 24.94 -34.92
CA GLN A 614 -36.48 25.47 -35.52
C GLN A 614 -36.38 25.41 -37.05
N ARG A 615 -35.23 25.83 -37.61
CA ARG A 615 -35.01 25.92 -39.08
C ARG A 615 -34.91 24.55 -39.75
N PHE A 616 -34.21 23.56 -39.13
CA PHE A 616 -33.86 22.28 -39.81
C PHE A 616 -34.44 21.03 -39.12
N LYS A 617 -35.49 21.18 -38.32
CA LYS A 617 -36.13 20.07 -37.56
C LYS A 617 -35.07 19.27 -36.81
N LEU A 618 -34.13 19.91 -36.12
CA LEU A 618 -33.10 19.16 -35.34
C LEU A 618 -33.51 19.04 -33.88
N SER A 619 -33.21 17.93 -33.22
CA SER A 619 -33.28 17.79 -31.74
C SER A 619 -32.17 18.62 -31.09
N GLU A 620 -32.32 18.85 -29.79
CA GLU A 620 -31.26 19.43 -28.95
C GLU A 620 -29.95 18.65 -29.19
N LYS A 621 -29.95 17.33 -29.10
CA LYS A 621 -28.70 16.53 -29.19
C LYS A 621 -28.04 16.71 -30.57
N GLN A 622 -28.86 16.81 -31.63
CA GLN A 622 -28.39 16.96 -33.01
C GLN A 622 -27.74 18.34 -33.16
N ALA A 623 -28.40 19.40 -32.67
CA ALA A 623 -27.89 20.80 -32.70
C ALA A 623 -26.57 20.87 -31.94
N GLN A 624 -26.51 20.23 -30.77
CA GLN A 624 -25.29 20.16 -29.90
C GLN A 624 -24.17 19.53 -30.72
N ALA A 625 -24.44 18.40 -31.39
CA ALA A 625 -23.41 17.66 -32.14
C ALA A 625 -22.90 18.54 -33.31
N ILE A 626 -23.80 19.29 -33.96
CA ILE A 626 -23.44 20.17 -35.11
C ILE A 626 -22.55 21.29 -34.59
N LEU A 627 -22.92 21.89 -33.47
CA LEU A 627 -22.11 22.95 -32.82
C LEU A 627 -20.74 22.41 -32.39
N ASP A 628 -20.64 21.12 -32.06
CA ASP A 628 -19.37 20.51 -31.59
C ASP A 628 -18.51 20.02 -32.77
N MET A 629 -19.05 19.97 -33.99
CA MET A 629 -18.35 19.49 -35.20
C MET A 629 -17.15 20.40 -35.47
N ARG A 630 -15.98 19.81 -35.68
CA ARG A 630 -14.76 20.56 -36.05
C ARG A 630 -14.81 20.88 -37.55
N LEU A 631 -14.14 21.96 -37.96
CA LEU A 631 -14.11 22.40 -39.36
C LEU A 631 -13.54 21.29 -40.26
N ARG A 632 -12.61 20.46 -39.78
CA ARG A 632 -12.01 19.37 -40.60
C ARG A 632 -13.11 18.38 -41.05
N ARG A 633 -14.26 18.29 -40.36
CA ARG A 633 -15.38 17.39 -40.73
C ARG A 633 -16.09 17.88 -42.00
N LEU A 634 -15.74 19.02 -42.56
CA LEU A 634 -16.38 19.51 -43.81
C LEU A 634 -15.56 19.06 -45.03
N THR A 635 -14.49 18.29 -44.87
CA THR A 635 -13.74 17.76 -46.05
C THR A 635 -14.66 16.86 -46.89
N GLY A 636 -14.25 16.60 -48.14
CA GLY A 636 -15.08 16.03 -49.23
C GLY A 636 -15.58 14.63 -48.93
N LEU A 637 -14.77 13.76 -48.35
CA LEU A 637 -15.07 12.31 -48.28
C LEU A 637 -15.70 11.98 -46.92
N GLU A 638 -15.92 13.00 -46.07
CA GLU A 638 -16.61 12.87 -44.75
C GLU A 638 -18.11 12.67 -45.00
N ARG A 639 -18.68 13.36 -45.98
CA ARG A 639 -20.12 13.21 -46.28
C ARG A 639 -20.39 11.73 -46.59
N ASP A 640 -19.44 11.09 -47.29
CA ASP A 640 -19.48 9.67 -47.75
C ASP A 640 -19.17 8.74 -46.56
N LYS A 641 -18.19 9.07 -45.70
CA LYS A 641 -17.87 8.33 -44.45
C LYS A 641 -19.13 8.32 -43.55
N ILE A 642 -19.89 9.41 -43.53
CA ILE A 642 -21.10 9.53 -42.68
C ILE A 642 -22.21 8.68 -43.30
N GLU A 643 -22.34 8.67 -44.62
CA GLU A 643 -23.40 7.87 -45.31
C GLU A 643 -23.06 6.39 -45.12
N ALA A 644 -21.79 5.99 -45.25
CA ALA A 644 -21.33 4.58 -45.07
C ALA A 644 -21.69 4.08 -43.67
N GLU A 645 -21.35 4.86 -42.65
CA GLU A 645 -21.62 4.49 -41.22
C GLU A 645 -23.14 4.41 -40.97
N TYR A 646 -23.95 5.29 -41.56
CA TYR A 646 -25.41 5.28 -41.34
C TYR A 646 -25.94 3.97 -41.90
N ASN A 647 -25.58 3.62 -43.13
CA ASN A 647 -26.02 2.36 -43.78
C ASN A 647 -25.63 1.14 -42.93
N GLU A 648 -24.40 1.09 -42.37
CA GLU A 648 -23.89 -0.07 -41.58
C GLU A 648 -24.69 -0.16 -40.28
N LEU A 649 -25.06 0.98 -39.68
CA LEU A 649 -25.82 1.05 -38.41
C LEU A 649 -27.26 0.61 -38.61
N LEU A 650 -27.92 1.01 -39.68
CA LEU A 650 -29.31 0.55 -39.94
C LEU A 650 -29.29 -0.97 -40.02
N ASN A 651 -28.25 -1.53 -40.65
CA ASN A 651 -28.04 -2.99 -40.81
C ASN A 651 -27.81 -3.58 -39.42
N TYR A 652 -26.92 -2.97 -38.65
CA TYR A 652 -26.58 -3.41 -37.28
C TYR A 652 -27.87 -3.38 -36.44
N ILE A 653 -28.64 -2.30 -36.54
CA ILE A 653 -29.87 -2.10 -35.72
C ILE A 653 -30.82 -3.26 -36.03
N SER A 654 -30.95 -3.65 -37.29
CA SER A 654 -31.86 -4.74 -37.72
C SER A 654 -31.41 -6.08 -37.11
N GLU A 655 -30.11 -6.37 -37.06
CA GLU A 655 -29.55 -7.62 -36.49
C GLU A 655 -29.84 -7.66 -34.99
N LEU A 656 -29.66 -6.55 -34.28
CA LEU A 656 -29.90 -6.49 -32.82
C LEU A 656 -31.38 -6.74 -32.53
N GLU A 657 -32.29 -6.14 -33.32
CA GLU A 657 -33.76 -6.28 -33.15
C GLU A 657 -34.16 -7.74 -33.36
N ALA A 658 -33.54 -8.41 -34.35
CA ALA A 658 -33.75 -9.83 -34.67
C ALA A 658 -33.41 -10.68 -33.44
N ILE A 659 -32.30 -10.35 -32.77
CA ILE A 659 -31.87 -11.09 -31.56
C ILE A 659 -32.90 -10.87 -30.43
N LEU A 660 -33.41 -9.66 -30.26
CA LEU A 660 -34.29 -9.33 -29.11
C LEU A 660 -35.69 -9.85 -29.35
N ALA A 661 -36.02 -10.17 -30.58
CA ALA A 661 -37.39 -10.54 -31.03
C ALA A 661 -37.62 -12.03 -30.83
N ASP A 662 -36.56 -12.82 -30.60
CA ASP A 662 -36.63 -14.31 -30.61
C ASP A 662 -35.66 -14.86 -29.56
N GLU A 663 -36.19 -15.50 -28.52
CA GLU A 663 -35.40 -16.03 -27.37
C GLU A 663 -34.46 -17.16 -27.88
N GLU A 664 -34.80 -17.82 -28.98
CA GLU A 664 -33.99 -18.92 -29.57
C GLU A 664 -32.73 -18.33 -30.23
N VAL A 665 -32.83 -17.18 -30.91
CA VAL A 665 -31.66 -16.54 -31.57
C VAL A 665 -30.73 -16.02 -30.46
N LEU A 666 -31.29 -15.43 -29.41
CA LEU A 666 -30.54 -14.92 -28.22
C LEU A 666 -29.78 -16.08 -27.59
N LEU A 667 -30.47 -17.19 -27.33
CA LEU A 667 -29.89 -18.41 -26.72
C LEU A 667 -28.82 -18.99 -27.65
N GLN A 668 -29.06 -19.03 -28.96
CA GLN A 668 -28.04 -19.51 -29.95
C GLN A 668 -26.82 -18.59 -29.89
N LEU A 669 -27.01 -17.30 -29.66
CA LEU A 669 -25.87 -16.36 -29.55
C LEU A 669 -25.06 -16.64 -28.25
N VAL A 670 -25.72 -16.96 -27.14
CA VAL A 670 -25.04 -17.43 -25.89
C VAL A 670 -24.23 -18.69 -26.22
N ARG A 671 -24.86 -19.70 -26.82
CA ARG A 671 -24.18 -20.98 -27.13
C ARG A 671 -22.93 -20.71 -27.95
N ASP A 672 -23.02 -19.85 -28.98
CA ASP A 672 -21.91 -19.59 -29.93
C ASP A 672 -20.75 -18.93 -29.19
N GLU A 673 -21.05 -17.98 -28.32
CA GLU A 673 -20.01 -17.23 -27.56
C GLU A 673 -19.38 -18.19 -26.54
N LEU A 674 -20.16 -19.03 -25.85
CA LEU A 674 -19.62 -20.10 -24.96
C LEU A 674 -18.72 -21.03 -25.77
N THR A 675 -19.10 -21.37 -26.99
CA THR A 675 -18.34 -22.28 -27.85
C THR A 675 -16.98 -21.65 -28.22
N GLU A 676 -16.96 -20.37 -28.66
CA GLU A 676 -15.73 -19.61 -28.96
C GLU A 676 -14.78 -19.69 -27.75
N ILE A 677 -15.25 -19.44 -26.55
CA ILE A 677 -14.40 -19.41 -25.32
C ILE A 677 -13.90 -20.83 -25.04
N ARG A 678 -14.75 -21.84 -25.19
CA ARG A 678 -14.34 -23.25 -24.99
C ARG A 678 -13.18 -23.56 -25.92
N ASP A 679 -13.30 -23.24 -27.21
CA ASP A 679 -12.25 -23.51 -28.23
C ASP A 679 -10.95 -22.73 -27.92
N ARG A 680 -11.03 -21.50 -27.42
CA ARG A 680 -9.84 -20.69 -27.14
C ARG A 680 -9.22 -21.10 -25.78
N PHE A 681 -10.00 -21.36 -24.72
CA PHE A 681 -9.46 -21.55 -23.35
C PHE A 681 -9.60 -22.97 -22.79
N GLY A 682 -10.48 -23.80 -23.35
CA GLY A 682 -10.65 -25.22 -23.00
C GLY A 682 -9.34 -25.98 -23.06
N ASP A 683 -9.09 -26.83 -22.06
CA ASP A 683 -7.79 -27.55 -21.96
C ASP A 683 -8.08 -28.99 -21.54
N ASP A 684 -7.03 -29.79 -21.52
CA ASP A 684 -7.11 -31.22 -21.14
C ASP A 684 -7.42 -31.32 -19.64
N ARG A 685 -8.20 -32.34 -19.30
CA ARG A 685 -8.35 -32.79 -17.90
C ARG A 685 -6.96 -33.10 -17.34
N ARG A 686 -6.72 -32.72 -16.09
CA ARG A 686 -5.46 -33.05 -15.36
C ARG A 686 -5.73 -34.16 -14.33
N THR A 687 -6.81 -34.09 -13.56
CA THR A 687 -7.07 -35.11 -12.53
C THR A 687 -7.66 -36.35 -13.18
N GLU A 688 -7.11 -37.52 -12.90
CA GLU A 688 -7.63 -38.79 -13.41
C GLU A 688 -8.66 -39.33 -12.43
N ILE A 689 -9.86 -39.65 -12.90
CA ILE A 689 -10.90 -40.33 -12.10
C ILE A 689 -10.76 -41.85 -12.33
N GLN A 690 -10.36 -42.59 -11.29
CA GLN A 690 -10.19 -44.06 -11.37
C GLN A 690 -11.37 -44.74 -10.71
N LEU A 691 -11.83 -45.88 -11.23
CA LEU A 691 -12.79 -46.80 -10.55
C LEU A 691 -12.37 -47.11 -9.10
N GLY A 692 -13.35 -47.02 -8.18
CA GLY A 692 -13.14 -47.11 -6.72
C GLY A 692 -12.81 -48.52 -6.27
N GLY B 8 18.27 -23.10 11.65
CA GLY B 8 16.95 -22.40 11.89
C GLY B 8 16.13 -22.30 10.61
N LYS B 9 16.46 -21.35 9.72
CA LYS B 9 15.70 -20.99 8.47
C LYS B 9 16.30 -21.70 7.22
N LEU B 10 17.49 -22.30 7.37
CA LEU B 10 18.24 -23.05 6.33
C LEU B 10 17.32 -24.02 5.60
N ALA B 11 17.28 -23.96 4.27
CA ALA B 11 16.74 -25.01 3.39
C ALA B 11 17.93 -25.72 2.74
N ASP B 12 18.28 -26.87 3.28
CA ASP B 12 19.54 -27.61 2.97
C ASP B 12 19.38 -28.30 1.62
N CYS B 13 20.50 -28.68 1.01
CA CYS B 13 20.53 -29.58 -0.17
C CYS B 13 20.46 -31.03 0.34
N SER B 14 20.21 -32.02 -0.54
CA SER B 14 19.98 -33.45 -0.19
C SER B 14 21.30 -34.22 -0.11
N SER B 15 22.26 -33.91 -0.99
CA SER B 15 23.65 -34.43 -0.98
C SER B 15 24.33 -34.09 0.35
N LYS B 16 25.04 -35.05 0.97
CA LYS B 16 25.77 -34.79 2.24
C LYS B 16 27.29 -34.77 1.96
N SER B 17 27.69 -34.45 0.72
CA SER B 17 29.10 -34.36 0.24
C SER B 17 29.51 -32.91 0.04
N PRO B 18 30.15 -32.28 1.06
CA PRO B 18 30.51 -30.85 0.98
C PRO B 18 31.23 -30.37 -0.29
N GLU B 19 31.99 -31.25 -0.98
CA GLU B 19 32.85 -30.86 -2.15
C GLU B 19 31.96 -30.28 -3.25
N GLU B 20 30.73 -30.78 -3.41
CA GLU B 20 29.83 -30.43 -4.54
C GLU B 20 28.62 -29.59 -4.08
N CYS B 21 28.53 -29.26 -2.80
CA CYS B 21 27.38 -28.52 -2.22
C CYS B 21 27.70 -27.03 -2.16
N GLU B 22 26.67 -26.20 -2.31
CA GLU B 22 26.77 -24.71 -2.34
C GLU B 22 25.70 -24.16 -1.39
N ILE B 23 26.02 -23.14 -0.60
CA ILE B 23 25.01 -22.43 0.25
C ILE B 23 24.89 -20.98 -0.26
N PHE B 24 23.69 -20.58 -0.66
CA PHE B 24 23.38 -19.20 -1.13
C PHE B 24 22.81 -18.39 0.04
N LEU B 25 23.48 -17.28 0.37
CA LEU B 25 23.04 -16.33 1.42
C LEU B 25 22.25 -15.23 0.72
N VAL B 26 20.95 -15.11 0.97
CA VAL B 26 20.06 -14.09 0.32
C VAL B 26 19.42 -13.25 1.42
N GLU B 27 18.80 -12.12 1.10
CA GLU B 27 18.47 -11.05 2.08
C GLU B 27 17.36 -11.48 3.05
N GLY B 28 16.38 -12.21 2.53
CA GLY B 28 15.14 -12.53 3.25
C GLY B 28 14.27 -13.43 2.42
N ASP B 29 13.05 -13.68 2.89
CA ASP B 29 12.12 -14.69 2.33
C ASP B 29 11.65 -14.20 0.94
N SER B 30 11.59 -12.90 0.70
CA SER B 30 11.12 -12.37 -0.60
C SER B 30 12.08 -12.86 -1.69
N ALA B 31 13.38 -12.87 -1.39
CA ALA B 31 14.43 -13.38 -2.30
C ALA B 31 14.54 -14.91 -2.18
N GLY B 32 14.42 -15.37 -0.95
CA GLY B 32 14.52 -16.78 -0.55
C GLY B 32 13.57 -17.63 -1.35
N GLY B 33 12.34 -17.19 -1.53
CA GLY B 33 11.29 -17.93 -2.25
C GLY B 33 11.61 -18.14 -3.73
N SER B 34 11.98 -17.09 -4.45
CA SER B 34 12.51 -17.19 -5.84
C SER B 34 13.66 -18.20 -5.89
N THR B 35 14.61 -18.08 -4.95
CA THR B 35 15.86 -18.87 -4.87
C THR B 35 15.54 -20.34 -4.59
N LYS B 36 14.59 -20.62 -3.69
CA LYS B 36 14.08 -21.98 -3.37
C LYS B 36 13.43 -22.63 -4.59
N SER B 37 12.60 -21.89 -5.33
CA SER B 37 11.89 -22.38 -6.54
C SER B 37 12.90 -22.62 -7.68
N GLY B 38 13.92 -21.77 -7.82
CA GLY B 38 14.87 -21.84 -8.94
C GLY B 38 16.01 -22.80 -8.68
N ARG B 39 16.28 -23.16 -7.42
CA ARG B 39 17.56 -23.83 -7.09
C ARG B 39 17.55 -25.25 -7.66
N ASP B 40 18.71 -25.89 -7.61
CA ASP B 40 18.89 -27.36 -7.73
C ASP B 40 19.08 -27.88 -6.30
N SER B 41 18.02 -28.43 -5.69
CA SER B 41 18.00 -28.84 -4.25
C SER B 41 18.96 -30.01 -3.99
N ARG B 42 19.51 -30.63 -5.02
CA ARG B 42 20.49 -31.73 -4.83
C ARG B 42 21.77 -31.12 -4.21
N THR B 43 22.25 -29.97 -4.72
CA THR B 43 23.60 -29.42 -4.40
C THR B 43 23.53 -27.98 -3.88
N GLN B 44 22.37 -27.33 -3.87
CA GLN B 44 22.30 -25.90 -3.54
C GLN B 44 21.38 -25.69 -2.34
N ALA B 45 21.92 -25.22 -1.21
CA ALA B 45 21.16 -24.86 0.00
C ALA B 45 20.92 -23.35 0.02
N ILE B 46 19.86 -22.91 0.70
CA ILE B 46 19.55 -21.46 0.82
C ILE B 46 19.39 -21.12 2.29
N LEU B 47 20.09 -20.08 2.75
CA LEU B 47 19.83 -19.47 4.07
C LEU B 47 19.38 -18.04 3.82
N PRO B 48 18.07 -17.74 3.94
CA PRO B 48 17.61 -16.35 3.95
C PRO B 48 18.09 -15.65 5.23
N LEU B 49 18.52 -14.41 5.11
CA LEU B 49 18.93 -13.60 6.29
C LEU B 49 17.71 -12.77 6.76
N ARG B 50 17.90 -11.66 7.46
CA ARG B 50 16.77 -10.80 7.88
C ARG B 50 17.18 -9.33 7.66
N GLY B 51 17.61 -9.02 6.44
CA GLY B 51 18.07 -7.68 6.06
C GLY B 51 19.46 -7.34 6.57
N LYS B 52 19.66 -6.12 7.08
CA LYS B 52 21.00 -5.61 7.47
C LYS B 52 21.48 -6.48 8.65
N ILE B 53 22.69 -7.02 8.52
CA ILE B 53 23.27 -7.88 9.58
C ILE B 53 24.25 -7.04 10.40
N LEU B 54 24.42 -7.44 11.65
CA LEU B 54 25.36 -6.85 12.62
C LEU B 54 26.69 -6.53 11.93
N ASN B 55 27.22 -5.31 12.16
CA ASN B 55 28.60 -4.92 11.76
C ASN B 55 29.53 -5.46 12.85
N VAL B 56 30.25 -6.56 12.61
CA VAL B 56 31.02 -7.22 13.71
C VAL B 56 32.26 -6.38 14.04
N GLU B 57 32.69 -5.49 13.14
CA GLU B 57 33.84 -4.57 13.41
C GLU B 57 33.44 -3.53 14.49
N LYS B 58 32.16 -3.22 14.67
CA LYS B 58 31.72 -2.20 15.66
C LYS B 58 31.14 -2.87 16.92
N ALA B 59 30.71 -4.12 16.87
CA ALA B 59 29.91 -4.74 17.95
C ALA B 59 30.80 -5.46 18.98
N ARG B 60 30.34 -5.52 20.23
CA ARG B 60 30.93 -6.34 21.31
C ARG B 60 30.63 -7.83 21.05
N LEU B 61 31.53 -8.70 21.48
CA LEU B 61 31.48 -10.17 21.25
C LEU B 61 30.19 -10.78 21.82
N ASP B 62 29.73 -10.43 23.01
CA ASP B 62 28.47 -11.02 23.55
C ASP B 62 27.31 -10.80 22.55
N ARG B 63 27.24 -9.65 21.89
CA ARG B 63 26.09 -9.30 20.99
C ARG B 63 26.27 -10.06 19.67
N ILE B 64 27.50 -10.23 19.20
CA ILE B 64 27.81 -11.02 17.97
C ILE B 64 27.35 -12.47 18.16
N LEU B 65 27.67 -13.10 19.30
CA LEU B 65 27.44 -14.55 19.50
C LEU B 65 25.97 -14.81 19.81
N ASN B 66 25.21 -13.82 20.31
CA ASN B 66 23.76 -13.98 20.64
C ASN B 66 22.89 -13.56 19.44
N ASN B 67 23.51 -13.11 18.35
CA ASN B 67 22.76 -12.60 17.18
C ASN B 67 22.31 -13.78 16.34
N ASN B 68 20.98 -13.89 16.16
CA ASN B 68 20.27 -15.03 15.53
C ASN B 68 20.91 -15.30 14.15
N GLU B 69 21.10 -14.29 13.31
CA GLU B 69 21.52 -14.52 11.90
C GLU B 69 22.98 -15.05 11.88
N ILE B 70 23.88 -14.48 12.69
CA ILE B 70 25.29 -14.94 12.85
C ILE B 70 25.31 -16.43 13.28
N ARG B 71 24.49 -16.78 14.26
CA ARG B 71 24.41 -18.16 14.80
C ARG B 71 23.94 -19.13 13.70
N GLN B 72 22.92 -18.73 12.95
CA GLN B 72 22.38 -19.56 11.85
C GLN B 72 23.46 -19.76 10.80
N MET B 73 24.27 -18.75 10.50
CA MET B 73 25.34 -18.90 9.48
C MET B 73 26.43 -19.83 10.01
N ILE B 74 26.83 -19.70 11.29
CA ILE B 74 27.88 -20.52 11.95
C ILE B 74 27.45 -22.00 11.95
N THR B 75 26.23 -22.29 12.39
CA THR B 75 25.61 -23.64 12.39
C THR B 75 25.59 -24.20 10.96
N ALA B 76 25.22 -23.38 9.98
CA ALA B 76 25.07 -23.80 8.56
C ALA B 76 26.44 -24.22 8.00
N PHE B 77 27.48 -23.39 8.22
CA PHE B 77 28.82 -23.63 7.66
C PHE B 77 29.44 -24.84 8.37
N GLY B 78 29.17 -25.02 9.68
CA GLY B 78 29.56 -26.21 10.48
C GLY B 78 31.01 -26.16 10.94
N THR B 79 31.72 -25.04 10.68
CA THR B 79 33.18 -24.88 10.89
C THR B 79 33.52 -24.29 12.25
N GLY B 80 32.55 -23.80 13.04
CA GLY B 80 32.84 -22.93 14.21
C GLY B 80 33.55 -21.65 13.77
N ILE B 81 34.14 -20.89 14.71
CA ILE B 81 34.66 -19.51 14.49
C ILE B 81 36.00 -19.29 15.19
N GLY B 82 36.75 -18.28 14.71
CA GLY B 82 38.01 -17.79 15.29
C GLY B 82 38.99 -18.90 15.65
N GLY B 83 39.27 -19.08 16.95
CA GLY B 83 40.19 -20.09 17.50
C GLY B 83 39.71 -21.53 17.32
N ASP B 84 38.41 -21.81 17.41
CA ASP B 84 37.88 -23.21 17.30
C ASP B 84 37.53 -23.54 15.84
N PHE B 85 37.91 -22.68 14.89
CA PHE B 85 37.63 -22.84 13.43
C PHE B 85 38.29 -24.13 12.95
N ASP B 86 37.57 -24.91 12.13
CA ASP B 86 38.08 -26.15 11.49
C ASP B 86 37.51 -26.23 10.07
N LEU B 87 38.36 -26.01 9.05
CA LEU B 87 37.98 -26.01 7.62
C LEU B 87 37.47 -27.39 7.16
N ALA B 88 38.00 -28.47 7.75
CA ALA B 88 37.65 -29.87 7.38
C ALA B 88 36.19 -30.16 7.76
N LYS B 89 35.58 -29.36 8.64
CA LYS B 89 34.17 -29.55 9.10
C LYS B 89 33.19 -28.71 8.26
N ALA B 90 33.66 -27.96 7.25
CA ALA B 90 32.82 -27.09 6.38
C ALA B 90 31.78 -27.94 5.65
N ARG B 91 30.50 -27.56 5.71
CA ARG B 91 29.38 -28.38 5.15
C ARG B 91 29.12 -28.03 3.68
N TYR B 92 29.79 -26.99 3.15
CA TYR B 92 29.70 -26.48 1.76
C TYR B 92 31.08 -26.01 1.33
N HIS B 93 31.55 -26.33 0.12
CA HIS B 93 32.86 -25.84 -0.39
C HIS B 93 32.67 -24.54 -1.18
N LYS B 94 31.41 -24.08 -1.36
CA LYS B 94 31.06 -22.72 -1.90
C LYS B 94 30.03 -22.06 -0.98
N ILE B 95 30.39 -20.92 -0.38
CA ILE B 95 29.47 -20.02 0.36
C ILE B 95 29.25 -18.82 -0.56
N VAL B 96 28.04 -18.64 -1.06
CA VAL B 96 27.75 -17.68 -2.16
C VAL B 96 26.92 -16.56 -1.56
N ILE B 97 27.48 -15.36 -1.53
CA ILE B 97 26.75 -14.13 -1.12
C ILE B 97 25.89 -13.70 -2.30
N MET B 98 24.56 -13.69 -2.12
CA MET B 98 23.59 -13.32 -3.19
C MET B 98 22.60 -12.35 -2.57
N THR B 99 23.10 -11.18 -2.21
CA THR B 99 22.27 -10.05 -1.73
C THR B 99 21.56 -9.47 -2.96
N ASP B 100 20.57 -8.61 -2.71
CA ASP B 100 19.85 -7.86 -3.79
C ASP B 100 20.91 -6.99 -4.49
N ALA B 101 20.68 -6.65 -5.76
CA ALA B 101 21.61 -5.91 -6.65
C ALA B 101 21.55 -4.40 -6.40
N ASP B 102 20.79 -3.91 -5.40
CA ASP B 102 20.69 -2.45 -5.08
C ASP B 102 21.91 -2.05 -4.20
N VAL B 103 22.16 -0.76 -3.96
CA VAL B 103 23.26 -0.32 -3.04
C VAL B 103 23.09 -0.96 -1.65
N ASP B 104 21.87 -1.18 -1.17
CA ASP B 104 21.65 -1.80 0.16
C ASP B 104 22.14 -3.26 0.13
N GLY B 105 21.98 -3.94 -1.00
CA GLY B 105 22.56 -5.29 -1.24
C GLY B 105 24.07 -5.25 -1.16
N ALA B 106 24.70 -4.27 -1.77
CA ALA B 106 26.17 -4.09 -1.66
C ALA B 106 26.55 -3.85 -0.19
N HIS B 107 25.81 -3.02 0.53
CA HIS B 107 26.11 -2.79 1.96
C HIS B 107 26.08 -4.13 2.72
N ILE B 108 25.02 -4.90 2.54
CA ILE B 108 24.85 -6.18 3.29
C ILE B 108 25.98 -7.12 2.87
N ARG B 109 26.45 -7.03 1.63
CA ARG B 109 27.65 -7.80 1.18
C ARG B 109 28.90 -7.33 1.96
N THR B 110 29.08 -6.02 2.18
CA THR B 110 30.26 -5.53 2.94
C THR B 110 30.18 -6.07 4.38
N LEU B 111 28.97 -6.11 4.98
CA LEU B 111 28.78 -6.59 6.37
C LEU B 111 29.08 -8.09 6.48
N LEU B 112 28.62 -8.87 5.51
CA LEU B 112 28.90 -10.33 5.41
C LEU B 112 30.41 -10.57 5.27
N LEU B 113 31.08 -9.85 4.36
CA LEU B 113 32.53 -10.08 4.12
C LEU B 113 33.29 -9.71 5.40
N THR B 114 32.86 -8.68 6.12
CA THR B 114 33.50 -8.25 7.39
C THR B 114 33.40 -9.40 8.40
N PHE B 115 32.21 -10.00 8.52
CA PHE B 115 31.98 -11.15 9.40
C PHE B 115 32.93 -12.30 9.02
N PHE B 116 32.93 -12.70 7.75
CA PHE B 116 33.77 -13.84 7.29
C PHE B 116 35.24 -13.51 7.56
N TYR B 117 35.66 -12.27 7.31
CA TYR B 117 37.08 -11.86 7.41
C TYR B 117 37.53 -11.94 8.87
N ARG B 118 36.69 -11.53 9.82
CA ARG B 118 37.11 -11.41 11.24
C ARG B 118 36.98 -12.74 11.99
N PHE B 119 36.02 -13.58 11.62
CA PHE B 119 35.65 -14.80 12.38
C PHE B 119 35.88 -16.10 11.59
N MET B 120 36.06 -16.02 10.27
CA MET B 120 36.18 -17.21 9.41
C MET B 120 37.19 -16.95 8.28
N ARG B 121 38.31 -16.28 8.60
CA ARG B 121 39.30 -15.84 7.58
C ARG B 121 39.75 -17.02 6.73
N PRO B 122 40.02 -18.22 7.31
CA PRO B 122 40.49 -19.38 6.50
C PRO B 122 39.47 -19.83 5.45
N LEU B 123 38.18 -19.60 5.69
CA LEU B 123 37.10 -19.86 4.70
C LEU B 123 37.42 -19.09 3.40
N ILE B 124 37.80 -17.82 3.52
CA ILE B 124 38.22 -16.97 2.36
C ILE B 124 39.57 -17.46 1.81
N GLU B 125 40.54 -17.75 2.68
CA GLU B 125 41.91 -18.11 2.24
C GLU B 125 41.82 -19.36 1.36
N ALA B 126 40.93 -20.29 1.70
CA ALA B 126 40.74 -21.60 1.00
C ALA B 126 39.94 -21.41 -0.30
N GLY B 127 39.39 -20.22 -0.59
CA GLY B 127 38.70 -19.91 -1.85
C GLY B 127 37.26 -20.37 -1.81
N TYR B 128 36.69 -20.56 -0.62
CA TYR B 128 35.32 -21.10 -0.41
C TYR B 128 34.25 -19.98 -0.44
N VAL B 129 34.63 -18.70 -0.45
CA VAL B 129 33.64 -17.58 -0.46
C VAL B 129 33.52 -17.00 -1.87
N TYR B 130 32.27 -16.85 -2.34
CA TYR B 130 31.96 -16.33 -3.69
C TYR B 130 30.90 -15.25 -3.57
N ILE B 131 30.89 -14.38 -4.58
CA ILE B 131 29.85 -13.35 -4.80
C ILE B 131 29.09 -13.71 -6.08
N ALA B 132 27.79 -13.92 -5.99
CA ALA B 132 26.84 -14.07 -7.11
C ALA B 132 26.71 -12.71 -7.80
N GLN B 133 26.42 -12.74 -9.10
CA GLN B 133 26.17 -11.52 -9.91
C GLN B 133 24.76 -11.55 -10.48
N PRO B 134 23.71 -11.34 -9.66
CA PRO B 134 22.35 -11.25 -10.19
C PRO B 134 22.15 -10.01 -11.04
N PRO B 135 21.23 -9.99 -12.04
CA PRO B 135 21.12 -8.87 -12.98
C PRO B 135 20.66 -7.57 -12.28
N THR B 136 21.13 -6.43 -12.79
CA THR B 136 20.76 -5.05 -12.35
C THR B 136 19.38 -4.68 -12.91
N GLY B 137 18.77 -3.62 -12.34
CA GLY B 137 17.36 -3.19 -12.63
C GLY B 137 16.28 -4.07 -11.99
N TYR B 138 16.63 -4.82 -10.93
CA TYR B 138 15.73 -5.52 -10.04
C TYR B 138 16.09 -5.20 -8.58
N LYS B 139 15.13 -4.64 -7.82
CA LYS B 139 15.27 -4.08 -6.42
C LYS B 139 15.63 -5.21 -5.43
N GLY B 140 15.01 -6.39 -5.65
CA GLY B 140 15.29 -7.66 -4.97
C GLY B 140 15.15 -8.87 -5.90
N LEU B 141 15.60 -10.02 -5.46
CA LEU B 141 15.51 -11.25 -6.26
C LEU B 141 14.05 -11.69 -6.28
N GLY B 142 13.25 -11.22 -5.32
CA GLY B 142 11.78 -11.46 -5.22
C GLY B 142 11.00 -10.86 -6.39
N GLU B 143 11.64 -9.92 -7.10
CA GLU B 143 11.11 -9.28 -8.33
C GLU B 143 11.31 -10.25 -9.52
N MET B 144 12.25 -11.18 -9.38
CA MET B 144 12.64 -12.11 -10.46
C MET B 144 11.79 -13.38 -10.39
N ASN B 145 11.37 -13.88 -11.55
CA ASN B 145 10.86 -15.26 -11.72
C ASN B 145 11.98 -16.22 -11.36
N ALA B 146 11.62 -17.35 -10.76
CA ALA B 146 12.55 -18.41 -10.33
C ALA B 146 13.41 -18.85 -11.54
N ASP B 147 12.83 -18.99 -12.73
CA ASP B 147 13.60 -19.46 -13.93
C ASP B 147 14.67 -18.42 -14.30
N GLN B 148 14.38 -17.11 -14.25
CA GLN B 148 15.36 -16.04 -14.57
C GLN B 148 16.50 -16.08 -13.55
N LEU B 149 16.17 -16.29 -12.28
CA LEU B 149 17.15 -16.37 -11.17
C LEU B 149 18.07 -17.58 -11.39
N TRP B 150 17.48 -18.73 -11.73
CA TRP B 150 18.24 -19.96 -12.06
C TRP B 150 19.18 -19.68 -13.23
N GLU B 151 18.68 -19.22 -14.38
CA GLU B 151 19.47 -19.15 -15.64
C GLU B 151 20.59 -18.09 -15.56
N THR B 152 20.36 -16.96 -14.88
CA THR B 152 21.30 -15.80 -14.82
C THR B 152 22.29 -15.96 -13.66
N THR B 153 21.90 -16.53 -12.52
CA THR B 153 22.65 -16.32 -11.25
C THR B 153 23.08 -17.64 -10.58
N MET B 154 22.32 -18.72 -10.69
CA MET B 154 22.47 -19.93 -9.84
C MET B 154 22.93 -21.14 -10.65
N ASN B 155 22.63 -21.19 -11.96
CA ASN B 155 22.90 -22.36 -12.83
C ASN B 155 24.41 -22.46 -13.08
N PRO B 156 25.07 -23.56 -12.64
CA PRO B 156 26.49 -23.78 -12.95
C PRO B 156 26.90 -23.54 -14.41
N GLU B 157 26.05 -23.89 -15.39
CA GLU B 157 26.42 -23.85 -16.83
C GLU B 157 26.66 -22.39 -17.29
N HIS B 158 25.88 -21.42 -16.81
CA HIS B 158 25.79 -20.05 -17.40
C HIS B 158 26.27 -18.95 -16.43
N ARG B 159 26.24 -19.17 -15.11
CA ARG B 159 26.44 -18.11 -14.09
C ARG B 159 27.88 -17.59 -14.11
N ALA B 160 28.08 -16.38 -13.60
CA ALA B 160 29.41 -15.79 -13.34
C ALA B 160 29.54 -15.51 -11.84
N LEU B 161 29.98 -16.49 -11.05
CA LEU B 161 30.43 -16.31 -9.65
C LEU B 161 31.79 -15.61 -9.62
N LEU B 162 31.99 -14.70 -8.67
CA LEU B 162 33.31 -14.14 -8.29
C LEU B 162 33.83 -14.90 -7.05
N GLN B 163 34.98 -15.55 -7.17
CA GLN B 163 35.68 -16.15 -6.00
C GLN B 163 36.37 -15.01 -5.26
N VAL B 164 36.10 -14.83 -3.98
CA VAL B 164 36.81 -13.83 -3.13
C VAL B 164 38.26 -14.32 -2.89
N LYS B 165 39.25 -13.53 -3.32
CA LYS B 165 40.71 -13.73 -3.14
C LYS B 165 41.22 -12.74 -2.07
N LEU B 166 42.02 -13.23 -1.13
CA LEU B 166 42.82 -12.39 -0.21
C LEU B 166 44.27 -12.42 -0.69
N GLU B 167 44.79 -11.25 -1.10
CA GLU B 167 46.17 -11.07 -1.63
C GLU B 167 47.08 -10.54 -0.52
N ASP B 168 46.59 -9.64 0.33
CA ASP B 168 47.45 -8.86 1.25
C ASP B 168 46.71 -8.63 2.58
N ALA B 169 47.01 -9.46 3.58
CA ALA B 169 46.37 -9.47 4.92
C ALA B 169 46.51 -8.12 5.63
N ILE B 170 47.66 -7.42 5.52
CA ILE B 170 47.88 -6.12 6.22
C ILE B 170 46.91 -5.07 5.63
N GLU B 171 46.85 -4.98 4.31
CA GLU B 171 45.98 -4.06 3.52
C GLU B 171 44.52 -4.37 3.84
N ALA B 172 44.15 -5.65 3.90
CA ALA B 172 42.80 -6.12 4.24
C ALA B 172 42.45 -5.74 5.68
N ASP B 173 43.34 -5.98 6.65
CA ASP B 173 43.14 -5.54 8.06
C ASP B 173 42.81 -4.04 8.05
N GLN B 174 43.60 -3.23 7.35
CA GLN B 174 43.50 -1.75 7.34
C GLN B 174 42.19 -1.32 6.65
N THR B 175 41.79 -2.03 5.58
CA THR B 175 40.54 -1.76 4.82
C THR B 175 39.31 -2.04 5.69
N PHE B 176 39.26 -3.17 6.38
CA PHE B 176 38.09 -3.52 7.23
C PHE B 176 38.01 -2.53 8.40
N GLU B 177 39.14 -2.13 8.96
CA GLU B 177 39.19 -1.18 10.10
C GLU B 177 38.65 0.19 9.64
N MET B 178 39.13 0.70 8.49
CA MET B 178 38.80 2.06 7.99
C MET B 178 37.34 2.08 7.54
N LEU B 179 36.91 1.14 6.71
CA LEU B 179 35.55 1.14 6.12
C LEU B 179 34.51 0.84 7.18
N MET B 180 34.74 -0.14 8.04
CA MET B 180 33.67 -0.78 8.87
C MET B 180 33.86 -0.47 10.37
N GLY B 181 35.00 0.14 10.75
CA GLY B 181 35.35 0.36 12.16
C GLY B 181 34.72 1.63 12.71
N ASP B 182 34.84 1.87 14.00
CA ASP B 182 34.08 2.96 14.67
C ASP B 182 34.76 4.33 14.49
N VAL B 183 35.92 4.45 13.83
CA VAL B 183 36.53 5.78 13.54
C VAL B 183 35.94 6.40 12.25
N VAL B 184 34.98 7.31 12.40
CA VAL B 184 34.25 7.96 11.26
C VAL B 184 35.25 8.71 10.36
N GLU B 185 36.23 9.42 10.92
CA GLU B 185 36.99 10.44 10.15
C GLU B 185 37.76 9.77 8.99
N ASN B 186 38.26 8.55 9.14
CA ASN B 186 39.08 7.91 8.07
C ASN B 186 38.16 7.50 6.94
N ARG B 187 36.99 7.00 7.30
CA ARG B 187 35.87 6.70 6.36
C ARG B 187 35.47 7.98 5.59
N ARG B 188 35.30 9.10 6.28
CA ARG B 188 35.02 10.41 5.62
C ARG B 188 36.17 10.75 4.66
N GLN B 189 37.44 10.59 5.06
CA GLN B 189 38.58 10.95 4.18
C GLN B 189 38.56 10.05 2.94
N PHE B 190 38.32 8.75 3.16
CA PHE B 190 38.19 7.76 2.07
C PHE B 190 37.08 8.22 1.11
N ILE B 191 35.90 8.59 1.63
CA ILE B 191 34.77 9.03 0.76
C ILE B 191 35.19 10.26 -0.06
N GLU B 192 35.74 11.31 0.56
CA GLU B 192 36.11 12.55 -0.16
C GLU B 192 37.19 12.26 -1.22
N ASP B 193 38.18 11.42 -0.90
CA ASP B 193 39.31 11.09 -1.81
C ASP B 193 38.80 10.32 -3.03
N ASN B 194 37.74 9.51 -2.92
CA ASN B 194 37.37 8.50 -3.95
C ASN B 194 36.01 8.84 -4.59
N ALA B 195 35.21 9.71 -4.01
CA ALA B 195 33.84 9.98 -4.49
C ALA B 195 33.95 10.72 -5.82
N VAL B 196 33.32 10.18 -6.85
CA VAL B 196 33.18 10.85 -8.17
C VAL B 196 31.74 11.39 -8.25
N TYR B 197 31.54 12.64 -7.78
CA TYR B 197 30.29 13.45 -7.86
C TYR B 197 30.25 14.21 -9.20
N ASN B 211 35.50 -14.20 -12.87
CA ASN B 211 36.31 -15.28 -12.23
C ASN B 211 36.60 -14.91 -10.76
N GLU B 212 37.31 -13.80 -10.53
CA GLU B 212 38.08 -13.57 -9.28
C GLU B 212 37.89 -12.13 -8.79
N ARG B 213 37.84 -11.93 -7.48
CA ARG B 213 37.59 -10.60 -6.89
C ARG B 213 38.44 -10.44 -5.63
N ASN B 214 39.40 -9.52 -5.69
CA ASN B 214 40.20 -9.06 -4.51
C ASN B 214 39.25 -8.53 -3.43
N ILE B 215 39.28 -9.11 -2.22
CA ILE B 215 38.37 -8.74 -1.10
C ILE B 215 38.54 -7.24 -0.79
N THR B 216 39.77 -6.72 -0.83
CA THR B 216 40.06 -5.29 -0.57
C THR B 216 39.31 -4.45 -1.61
N SER B 217 39.43 -4.75 -2.89
CA SER B 217 38.75 -4.01 -3.99
C SER B 217 37.23 -4.08 -3.80
N GLU B 218 36.70 -5.26 -3.46
CA GLU B 218 35.24 -5.47 -3.32
C GLU B 218 34.71 -4.57 -2.18
N MET B 219 35.41 -4.54 -1.07
CA MET B 219 34.99 -3.79 0.14
C MET B 219 35.01 -2.30 -0.19
N ARG B 220 36.08 -1.79 -0.79
CA ARG B 220 36.24 -0.33 -1.08
C ARG B 220 35.18 0.07 -2.11
N GLU B 221 34.96 -0.71 -3.17
CA GLU B 221 34.03 -0.32 -4.27
C GLU B 221 32.60 -0.41 -3.77
N SER B 222 32.22 -1.51 -3.14
CA SER B 222 30.84 -1.75 -2.64
C SER B 222 30.49 -0.75 -1.52
N PHE B 223 31.39 -0.53 -0.55
CA PHE B 223 31.14 0.44 0.55
C PHE B 223 31.04 1.86 -0.02
N LEU B 224 31.91 2.21 -0.97
CA LEU B 224 31.85 3.56 -1.59
C LEU B 224 30.49 3.75 -2.30
N ASP B 225 30.04 2.74 -3.06
N ASP B 225 30.01 2.75 -3.03
CA ASP B 225 28.72 2.71 -3.76
CA ASP B 225 28.71 2.84 -3.75
C ASP B 225 27.63 3.05 -2.73
C ASP B 225 27.59 3.06 -2.72
N TYR B 226 27.59 2.36 -1.58
CA TYR B 226 26.61 2.59 -0.50
C TYR B 226 26.79 4.03 0.05
N ALA B 227 27.98 4.39 0.52
CA ALA B 227 28.25 5.69 1.17
C ALA B 227 27.72 6.81 0.28
N MET B 228 28.15 6.84 -0.98
CA MET B 228 27.80 7.93 -1.93
C MET B 228 26.28 8.00 -2.15
N SER B 229 25.60 6.85 -2.23
CA SER B 229 24.16 6.77 -2.50
C SER B 229 23.40 7.30 -1.28
N VAL B 230 23.88 6.97 -0.07
CA VAL B 230 23.20 7.46 1.15
C VAL B 230 23.43 8.97 1.28
N ILE B 231 24.62 9.44 0.94
CA ILE B 231 24.99 10.89 0.99
C ILE B 231 24.15 11.70 -0.02
N VAL B 232 24.13 11.31 -1.30
CA VAL B 232 23.54 12.18 -2.37
C VAL B 232 22.07 11.81 -2.63
N ALA B 233 21.57 10.67 -2.12
CA ALA B 233 20.25 10.14 -2.56
C ALA B 233 19.53 9.43 -1.42
N ARG B 234 19.66 9.93 -0.17
CA ARG B 234 18.91 9.35 0.98
C ARG B 234 18.83 10.32 2.17
N ALA B 235 19.96 10.61 2.81
CA ALA B 235 19.99 11.09 4.21
C ALA B 235 20.13 12.61 4.28
N LEU B 236 20.61 13.24 3.20
CA LEU B 236 20.96 14.68 3.27
C LEU B 236 20.02 15.47 2.37
N PRO B 237 19.62 16.68 2.80
CA PRO B 237 18.75 17.53 2.03
C PRO B 237 19.51 18.34 0.98
N ASP B 238 18.81 18.73 -0.07
CA ASP B 238 19.34 19.68 -1.09
C ASP B 238 19.24 21.07 -0.46
N VAL B 239 20.27 21.88 -0.61
CA VAL B 239 20.27 23.27 -0.06
C VAL B 239 19.09 24.07 -0.64
N ARG B 240 18.62 23.76 -1.86
CA ARG B 240 17.65 24.64 -2.59
C ARG B 240 16.21 24.48 -2.04
N ASP B 241 15.72 23.24 -1.87
CA ASP B 241 14.32 23.00 -1.44
C ASP B 241 14.29 22.35 -0.04
N GLY B 242 15.43 22.08 0.55
CA GLY B 242 15.52 21.49 1.90
C GLY B 242 15.02 20.05 1.98
N LEU B 243 14.86 19.34 0.86
CA LEU B 243 14.24 18.01 0.88
C LEU B 243 15.27 16.92 0.60
N LYS B 244 15.06 15.77 1.20
CA LYS B 244 15.64 14.47 0.85
C LYS B 244 14.76 13.85 -0.23
N PRO B 245 15.29 12.92 -1.02
CA PRO B 245 14.50 12.27 -2.06
C PRO B 245 13.13 11.74 -1.61
N VAL B 246 13.02 11.09 -0.46
CA VAL B 246 11.72 10.46 -0.09
C VAL B 246 10.67 11.57 0.12
N HIS B 247 11.03 12.72 0.71
CA HIS B 247 10.08 13.85 0.93
C HIS B 247 9.66 14.43 -0.41
N ARG B 248 10.65 14.70 -1.27
CA ARG B 248 10.44 15.30 -2.61
C ARG B 248 9.43 14.45 -3.41
N ARG B 249 9.60 13.13 -3.35
CA ARG B 249 8.78 12.18 -4.12
C ARG B 249 7.36 12.09 -3.53
N ILE B 250 7.22 12.24 -2.21
CA ILE B 250 5.88 12.30 -1.54
C ILE B 250 5.15 13.56 -2.01
N LEU B 251 5.81 14.72 -1.96
CA LEU B 251 5.18 16.00 -2.36
C LEU B 251 4.91 15.97 -3.87
N TYR B 252 5.84 15.48 -4.69
CA TYR B 252 5.59 15.37 -6.15
C TYR B 252 4.38 14.47 -6.37
N GLY B 253 4.28 13.33 -5.68
CA GLY B 253 3.14 12.42 -5.87
C GLY B 253 1.86 13.11 -5.44
N LEU B 254 1.86 13.85 -4.34
CA LEU B 254 0.70 14.64 -3.91
C LEU B 254 0.31 15.56 -5.07
N ASN B 255 1.30 16.16 -5.73
CA ASN B 255 1.05 17.13 -6.82
C ASN B 255 0.42 16.38 -8.01
N GLU B 256 1.05 15.29 -8.45
CA GLU B 256 0.66 14.56 -9.70
C GLU B 256 -0.69 13.87 -9.52
N GLN B 257 -1.08 13.55 -8.29
CA GLN B 257 -2.39 12.93 -7.98
C GLN B 257 -3.44 14.03 -7.71
N GLY B 258 -3.10 15.31 -7.85
CA GLY B 258 -4.01 16.46 -7.62
C GLY B 258 -4.50 16.55 -6.18
N MET B 259 -3.66 16.29 -5.21
CA MET B 259 -4.07 16.19 -3.79
C MET B 259 -3.94 17.56 -3.12
N THR B 260 -4.64 18.56 -3.65
CA THR B 260 -4.43 19.98 -3.28
C THR B 260 -5.29 20.27 -2.06
N PRO B 261 -5.05 21.41 -1.36
CA PRO B 261 -5.78 21.74 -0.13
C PRO B 261 -7.31 21.91 -0.29
N ASP B 262 -7.74 22.26 -1.50
CA ASP B 262 -9.17 22.49 -1.86
C ASP B 262 -9.86 21.14 -2.10
N LYS B 263 -9.12 20.01 -2.19
CA LYS B 263 -9.74 18.68 -2.47
C LYS B 263 -9.82 17.90 -1.16
N SER B 264 -10.66 16.86 -1.14
CA SER B 264 -10.84 16.03 0.06
C SER B 264 -9.58 15.18 0.23
N TYR B 265 -9.36 14.77 1.47
CA TYR B 265 -8.22 13.90 1.89
C TYR B 265 -8.31 12.57 1.13
N LYS B 266 -7.21 12.07 0.55
CA LYS B 266 -7.13 10.72 -0.09
C LYS B 266 -6.48 9.76 0.89
N LYS B 267 -6.87 8.48 0.83
CA LYS B 267 -6.35 7.41 1.72
C LYS B 267 -4.82 7.33 1.53
N SER B 268 -4.13 7.31 2.65
CA SER B 268 -2.65 7.26 2.71
C SER B 268 -2.09 6.14 1.80
N ALA B 269 -2.76 5.00 1.67
CA ALA B 269 -2.29 3.84 0.90
C ALA B 269 -2.15 4.21 -0.57
N ARG B 270 -3.09 5.02 -1.09
CA ARG B 270 -3.07 5.46 -2.51
C ARG B 270 -1.82 6.32 -2.71
N ILE B 271 -1.55 7.23 -1.78
CA ILE B 271 -0.38 8.11 -1.92
C ILE B 271 0.88 7.23 -1.89
N VAL B 272 0.97 6.41 -0.84
CA VAL B 272 2.19 5.61 -0.58
C VAL B 272 2.38 4.57 -1.71
N GLY B 273 1.32 3.91 -2.13
CA GLY B 273 1.40 2.93 -3.22
C GLY B 273 1.93 3.57 -4.50
N ASP B 274 1.49 4.80 -4.79
CA ASP B 274 1.81 5.53 -6.04
C ASP B 274 3.29 5.90 -5.96
N VAL B 275 3.74 6.42 -4.81
CA VAL B 275 5.13 6.94 -4.67
C VAL B 275 6.12 5.77 -4.78
N MET B 276 5.80 4.62 -4.18
CA MET B 276 6.61 3.38 -4.18
C MET B 276 6.83 2.87 -5.63
N GLY B 277 5.77 2.71 -6.38
CA GLY B 277 5.85 2.14 -7.74
C GLY B 277 6.54 3.06 -8.72
N LYS B 278 6.24 4.35 -8.65
CA LYS B 278 6.66 5.34 -9.68
C LYS B 278 8.04 5.94 -9.33
N TYR B 279 8.32 6.27 -8.07
CA TYR B 279 9.49 7.14 -7.75
C TYR B 279 10.45 6.52 -6.73
N HIS B 280 9.98 5.73 -5.76
CA HIS B 280 10.78 5.43 -4.53
C HIS B 280 10.88 3.93 -4.27
N PRO B 281 11.94 3.26 -4.80
CA PRO B 281 12.02 1.79 -4.80
C PRO B 281 12.54 1.24 -3.47
N HIS B 282 11.83 1.57 -2.39
CA HIS B 282 12.22 1.23 -1.00
C HIS B 282 10.95 0.82 -0.26
N GLY B 283 11.09 0.42 1.02
CA GLY B 283 10.00 -0.11 1.86
C GLY B 283 8.93 0.94 2.10
N ASP B 284 7.67 0.51 2.19
CA ASP B 284 6.46 1.37 2.31
C ASP B 284 6.51 2.18 3.61
N SER B 285 7.08 1.61 4.68
CA SER B 285 7.20 2.24 6.02
C SER B 285 8.17 3.43 6.00
N SER B 286 9.23 3.38 5.20
CA SER B 286 10.12 4.56 5.02
C SER B 286 9.31 5.69 4.37
N ILE B 287 8.49 5.39 3.37
CA ILE B 287 7.64 6.40 2.70
C ILE B 287 6.58 6.92 3.69
N TYR B 288 5.78 6.03 4.27
CA TYR B 288 4.60 6.46 5.07
C TYR B 288 5.08 7.27 6.29
N GLU B 289 6.16 6.83 6.94
CA GLU B 289 6.64 7.45 8.21
C GLU B 289 7.21 8.84 7.89
N ALA B 290 7.84 9.03 6.74
CA ALA B 290 8.36 10.33 6.30
C ALA B 290 7.15 11.25 6.10
N MET B 291 6.09 10.74 5.47
CA MET B 291 4.84 11.54 5.21
C MET B 291 4.20 11.87 6.55
N VAL B 292 4.19 10.93 7.50
CA VAL B 292 3.61 11.21 8.86
C VAL B 292 4.33 12.40 9.52
N ARG B 293 5.66 12.39 9.53
N ARG B 293 5.67 12.37 9.59
CA ARG B 293 6.48 13.44 10.18
CA ARG B 293 6.47 13.44 10.22
C ARG B 293 6.13 14.82 9.60
C ARG B 293 6.04 14.79 9.61
N MET B 294 6.01 14.88 8.26
CA MET B 294 5.64 16.11 7.50
C MET B 294 4.26 16.63 7.95
N ALA B 295 3.40 15.80 8.57
CA ALA B 295 2.06 16.20 9.02
C ALA B 295 1.99 16.55 10.52
N GLN B 296 3.07 16.33 11.27
CA GLN B 296 3.06 16.54 12.75
C GLN B 296 3.48 17.97 13.09
N ASP B 297 2.65 18.70 13.83
CA ASP B 297 2.94 20.10 14.16
C ASP B 297 4.01 20.21 15.26
N PHE B 298 4.39 19.09 15.87
CA PHE B 298 5.48 19.03 16.87
C PHE B 298 6.79 18.62 16.21
N SER B 299 6.81 18.23 14.92
CA SER B 299 8.04 17.84 14.19
C SER B 299 8.40 18.88 13.13
N TYR B 300 7.42 19.39 12.41
CA TYR B 300 7.64 20.38 11.32
C TYR B 300 7.09 21.74 11.75
N ARG B 301 7.99 22.71 11.77
CA ARG B 301 7.68 24.11 12.09
C ARG B 301 6.65 24.63 11.08
N TYR B 302 6.73 24.18 9.82
CA TYR B 302 5.72 24.53 8.77
C TYR B 302 5.32 23.24 8.10
N PRO B 303 4.31 22.54 8.68
CA PRO B 303 3.88 21.25 8.17
C PRO B 303 3.57 21.27 6.67
N LEU B 304 4.05 20.23 5.98
CA LEU B 304 4.00 20.06 4.51
C LEU B 304 2.85 19.13 4.14
N VAL B 305 2.39 18.30 5.08
CA VAL B 305 1.21 17.42 4.84
C VAL B 305 0.10 17.75 5.83
N ASP B 306 -1.13 17.70 5.34
CA ASP B 306 -2.40 17.87 6.11
C ASP B 306 -2.97 16.47 6.28
N GLY B 307 -2.89 15.92 7.49
CA GLY B 307 -3.31 14.55 7.84
C GLY B 307 -4.64 14.54 8.55
N GLN B 308 -5.49 13.57 8.23
CA GLN B 308 -6.76 13.29 8.96
C GLN B 308 -6.56 11.93 9.66
N GLY B 309 -6.81 11.91 10.97
CA GLY B 309 -6.72 10.70 11.80
C GLY B 309 -5.51 10.74 12.72
N ASN B 310 -5.05 9.59 13.15
CA ASN B 310 -4.02 9.43 14.19
C ASN B 310 -2.69 9.59 13.46
N PHE B 311 -2.05 10.74 13.60
CA PHE B 311 -0.72 11.00 12.96
C PHE B 311 0.38 10.99 14.04
N GLY B 312 0.10 10.37 15.19
CA GLY B 312 1.06 10.22 16.30
C GLY B 312 1.02 11.40 17.24
N SER B 313 1.81 11.31 18.32
CA SER B 313 1.84 12.26 19.47
C SER B 313 3.29 12.55 19.90
N MET B 314 3.42 13.49 20.83
CA MET B 314 4.71 13.90 21.44
C MET B 314 5.26 12.81 22.38
N ASP B 315 4.44 11.80 22.68
CA ASP B 315 4.77 10.63 23.53
C ASP B 315 5.36 9.48 22.68
N GLY B 316 5.57 9.66 21.37
CA GLY B 316 6.26 8.66 20.52
C GLY B 316 5.36 7.51 20.08
N ASP B 317 4.06 7.52 20.41
CA ASP B 317 2.98 6.87 19.64
C ASP B 317 3.28 7.09 18.15
N GLY B 318 3.15 6.05 17.35
CA GLY B 318 3.22 6.27 15.89
C GLY B 318 1.88 6.70 15.34
N ALA B 319 1.86 7.05 14.07
CA ALA B 319 0.60 7.15 13.30
C ALA B 319 -0.09 5.78 13.35
N ALA B 320 -1.41 5.78 13.18
CA ALA B 320 -2.15 4.57 12.78
C ALA B 320 -1.57 4.01 11.46
N ALA B 321 -1.77 2.72 11.22
CA ALA B 321 -1.38 2.10 9.94
C ALA B 321 -2.04 2.86 8.79
N MET B 322 -1.45 2.80 7.60
CA MET B 322 -1.85 3.73 6.53
C MET B 322 -3.28 3.47 6.06
N ARG B 323 -3.88 2.31 6.31
CA ARG B 323 -5.29 2.12 5.89
C ARG B 323 -6.19 3.08 6.66
N PHE B 324 -5.77 3.57 7.83
CA PHE B 324 -6.70 4.26 8.77
C PHE B 324 -6.68 5.78 8.45
N THR B 325 -5.61 6.29 7.85
CA THR B 325 -5.33 7.73 7.75
C THR B 325 -5.52 8.25 6.31
N GLU B 326 -5.66 9.56 6.19
CA GLU B 326 -5.87 10.26 4.92
C GLU B 326 -4.97 11.50 4.93
N ALA B 327 -4.66 12.04 3.76
CA ALA B 327 -3.74 13.18 3.68
C ALA B 327 -3.99 13.96 2.38
N ARG B 328 -3.56 15.22 2.41
CA ARG B 328 -3.40 16.09 1.23
C ARG B 328 -2.31 17.09 1.58
N MET B 329 -1.97 17.97 0.64
CA MET B 329 -1.00 19.07 0.83
C MET B 329 -1.55 20.04 1.87
N THR B 330 -0.67 20.70 2.63
CA THR B 330 -0.96 21.97 3.31
C THR B 330 -0.93 23.08 2.27
N LYS B 331 -1.54 24.22 2.58
CA LYS B 331 -1.46 25.42 1.71
C LYS B 331 0.00 25.79 1.49
N ILE B 332 0.84 25.72 2.51
CA ILE B 332 2.24 26.17 2.29
C ILE B 332 2.97 25.22 1.33
N THR B 333 2.54 23.96 1.21
CA THR B 333 3.19 22.99 0.29
C THR B 333 2.94 23.40 -1.17
N LEU B 334 1.81 24.08 -1.44
CA LEU B 334 1.54 24.69 -2.77
C LEU B 334 2.71 25.59 -3.13
N GLU B 335 3.32 26.23 -2.15
CA GLU B 335 4.43 27.20 -2.43
C GLU B 335 5.71 26.43 -2.70
N LEU B 336 5.85 25.19 -2.22
CA LEU B 336 7.03 24.37 -2.57
C LEU B 336 6.93 23.92 -4.02
N LEU B 337 5.71 23.65 -4.48
CA LEU B 337 5.43 23.08 -5.83
C LEU B 337 5.14 24.14 -6.89
N ARG B 338 4.79 25.37 -6.49
CA ARG B 338 4.30 26.43 -7.42
C ARG B 338 5.31 26.56 -8.57
N ASP B 339 4.82 26.53 -9.81
CA ASP B 339 5.62 26.79 -11.04
C ASP B 339 6.43 25.54 -11.44
N ILE B 340 6.19 24.37 -10.83
CA ILE B 340 6.96 23.13 -11.16
C ILE B 340 6.69 22.74 -12.63
N ASN B 341 5.53 23.09 -13.17
CA ASN B 341 5.16 22.75 -14.57
C ASN B 341 5.43 23.93 -15.49
N LYS B 342 6.34 24.83 -15.12
CA LYS B 342 6.73 25.98 -15.99
C LYS B 342 8.26 25.94 -16.24
N ASP B 343 8.84 24.73 -16.32
CA ASP B 343 10.24 24.50 -16.73
C ASP B 343 11.16 25.38 -15.86
N THR B 344 10.87 25.39 -14.57
CA THR B 344 11.60 26.09 -13.50
C THR B 344 12.70 25.17 -12.94
N ILE B 345 12.51 23.86 -13.02
CA ILE B 345 13.42 22.87 -12.38
C ILE B 345 13.63 21.74 -13.37
N ASP B 346 14.80 21.10 -13.32
CA ASP B 346 15.16 19.99 -14.24
C ASP B 346 14.47 18.72 -13.76
N PHE B 347 13.67 18.10 -14.61
CA PHE B 347 13.19 16.70 -14.43
C PHE B 347 14.32 15.73 -14.81
N ILE B 348 14.28 14.54 -14.23
CA ILE B 348 15.21 13.40 -14.52
C ILE B 348 14.37 12.11 -14.70
N ASP B 349 14.98 11.08 -15.28
CA ASP B 349 14.39 9.71 -15.32
C ASP B 349 14.29 9.19 -13.90
N ASN B 350 13.17 8.54 -13.58
CA ASN B 350 13.01 7.78 -12.31
C ASN B 350 13.92 6.54 -12.33
N TYR B 351 13.85 5.71 -11.29
CA TYR B 351 14.77 4.57 -11.00
C TYR B 351 14.76 3.52 -12.11
N ASP B 352 13.68 3.35 -12.88
CA ASP B 352 13.54 2.28 -13.93
C ASP B 352 13.28 2.84 -15.35
N GLY B 353 13.31 4.15 -15.58
CA GLY B 353 13.12 4.78 -16.91
C GLY B 353 11.68 4.83 -17.38
N ASN B 354 10.70 4.52 -16.51
CA ASN B 354 9.26 4.50 -16.89
C ASN B 354 8.56 5.81 -16.56
N GLU B 355 9.18 6.69 -15.77
CA GLU B 355 8.54 7.90 -15.22
C GLU B 355 9.58 9.04 -15.17
N ARG B 356 9.10 10.26 -14.97
CA ARG B 356 9.95 11.46 -14.76
C ARG B 356 9.65 11.96 -13.34
N GLU B 357 10.63 12.53 -12.67
CA GLU B 357 10.47 13.09 -11.30
C GLU B 357 11.34 14.33 -11.26
N PRO B 358 11.05 15.27 -10.35
CA PRO B 358 11.86 16.49 -10.23
C PRO B 358 13.19 16.25 -9.48
N SER B 359 14.29 16.79 -10.00
CA SER B 359 15.61 16.84 -9.29
C SER B 359 15.44 17.68 -8.03
N VAL B 360 14.58 18.69 -8.08
CA VAL B 360 14.42 19.68 -6.98
C VAL B 360 13.09 20.39 -7.19
N LEU B 361 12.47 20.88 -6.12
CA LEU B 361 11.20 21.65 -6.20
C LEU B 361 11.51 23.14 -6.30
N PRO B 362 10.60 23.93 -6.93
CA PRO B 362 10.76 25.38 -7.02
C PRO B 362 11.00 26.02 -5.65
N ALA B 363 10.32 25.57 -4.61
CA ALA B 363 10.57 25.97 -3.20
C ALA B 363 10.48 27.50 -3.04
N ARG B 364 9.28 28.06 -3.15
CA ARG B 364 9.10 29.54 -3.18
C ARG B 364 9.20 30.15 -1.76
N PHE B 365 9.45 29.34 -0.71
CA PHE B 365 9.96 29.82 0.61
C PHE B 365 11.19 29.02 1.01
N PRO B 366 12.07 29.59 1.87
CA PRO B 366 13.31 28.94 2.32
C PRO B 366 13.12 27.71 3.24
N ASN B 367 12.73 26.60 2.63
CA ASN B 367 12.26 25.41 3.36
C ASN B 367 13.41 24.71 4.14
N LEU B 368 14.65 24.68 3.63
CA LEU B 368 15.72 23.98 4.39
C LEU B 368 15.79 24.56 5.81
N LEU B 369 15.90 25.88 5.92
CA LEU B 369 16.08 26.56 7.23
C LEU B 369 14.74 26.61 7.97
N ALA B 370 13.61 26.70 7.25
CA ALA B 370 12.28 26.87 7.89
C ALA B 370 11.91 25.58 8.66
N ASN B 371 12.03 24.41 8.02
CA ASN B 371 11.69 23.12 8.67
C ASN B 371 12.94 22.42 9.22
N GLY B 372 14.14 22.85 8.82
CA GLY B 372 15.37 22.19 9.28
C GLY B 372 15.53 20.82 8.68
N ALA B 373 16.47 20.05 9.16
CA ALA B 373 16.75 18.69 8.65
C ALA B 373 17.59 17.95 9.70
N SER B 374 17.33 16.68 9.90
CA SER B 374 18.26 15.80 10.63
C SER B 374 18.43 14.54 9.77
N GLY B 375 19.66 14.05 9.63
CA GLY B 375 19.93 12.85 8.82
C GLY B 375 21.27 12.24 9.17
N ILE B 376 21.29 10.90 9.22
CA ILE B 376 22.53 10.12 9.45
C ILE B 376 22.94 9.53 8.10
N ALA B 377 24.09 9.93 7.58
CA ALA B 377 24.57 9.42 6.28
C ALA B 377 25.68 8.38 6.53
N VAL B 378 26.74 8.39 5.75
CA VAL B 378 27.95 7.58 6.01
C VAL B 378 29.14 8.55 5.90
N GLY B 379 30.05 8.51 6.87
CA GLY B 379 31.17 9.47 6.99
C GLY B 379 30.74 10.86 7.48
N MET B 380 29.44 11.10 7.60
CA MET B 380 28.93 12.44 8.00
C MET B 380 27.44 12.34 8.34
N ALA B 381 26.89 13.42 8.90
CA ALA B 381 25.48 13.55 9.28
C ALA B 381 25.10 14.99 9.07
N THR B 382 23.84 15.35 9.32
CA THR B 382 23.38 16.75 9.26
C THR B 382 22.40 16.99 10.39
N ASN B 383 22.41 18.20 10.91
CA ASN B 383 21.52 18.57 12.03
C ASN B 383 21.30 20.09 11.91
N ILE B 384 20.19 20.44 11.24
CA ILE B 384 19.82 21.83 10.90
C ILE B 384 18.53 22.10 11.63
N PRO B 385 18.48 23.09 12.52
CA PRO B 385 17.29 23.37 13.28
C PRO B 385 16.33 24.20 12.45
N PRO B 386 15.03 24.14 12.75
CA PRO B 386 14.05 25.00 12.10
C PRO B 386 14.08 26.46 12.59
N HIS B 387 13.42 27.34 11.83
CA HIS B 387 13.49 28.82 11.91
C HIS B 387 12.11 29.42 11.61
N ASN B 388 11.89 30.63 12.08
CA ASN B 388 10.66 31.40 11.87
C ASN B 388 10.66 31.90 10.43
N LEU B 389 9.56 31.68 9.71
CA LEU B 389 9.47 32.02 8.27
C LEU B 389 9.55 33.53 8.09
N THR B 390 8.98 34.31 9.00
CA THR B 390 8.98 35.81 8.86
C THR B 390 10.44 36.26 8.91
N GLU B 391 11.15 35.80 9.93
CA GLU B 391 12.59 36.10 10.12
C GLU B 391 13.41 35.69 8.88
N LEU B 392 13.22 34.48 8.35
CA LEU B 392 14.04 33.97 7.22
C LEU B 392 13.79 34.82 5.97
N ILE B 393 12.52 35.07 5.65
CA ILE B 393 12.22 35.83 4.41
C ILE B 393 12.80 37.24 4.58
N ASN B 394 12.70 37.82 5.78
CA ASN B 394 13.27 39.17 6.02
C ASN B 394 14.79 39.13 5.71
N GLY B 395 15.44 38.03 6.10
CA GLY B 395 16.87 37.77 5.90
C GLY B 395 17.21 37.63 4.43
N VAL B 396 16.41 36.86 3.68
CA VAL B 396 16.55 36.74 2.19
C VAL B 396 16.41 38.13 1.58
N LEU B 397 15.43 38.93 2.02
CA LEU B 397 15.18 40.29 1.45
C LEU B 397 16.42 41.17 1.68
N SER B 398 16.92 41.21 2.91
CA SER B 398 18.15 41.95 3.28
C SER B 398 19.33 41.47 2.43
N LEU B 399 19.56 40.17 2.34
CA LEU B 399 20.61 39.60 1.45
C LEU B 399 20.41 40.10 0.01
N SER B 400 19.17 40.09 -0.50
CA SER B 400 18.80 40.49 -1.88
C SER B 400 19.21 41.96 -2.13
N LYS B 401 19.16 42.81 -1.10
CA LYS B 401 19.50 44.25 -1.21
C LYS B 401 20.99 44.51 -0.92
N ASN B 402 21.79 43.50 -0.52
CA ASN B 402 23.20 43.70 -0.08
C ASN B 402 23.94 42.36 -0.10
N PRO B 403 24.52 41.98 -1.25
CA PRO B 403 25.23 40.69 -1.36
C PRO B 403 26.34 40.48 -0.28
N ASP B 404 26.85 41.56 0.28
CA ASP B 404 28.02 41.62 1.20
C ASP B 404 27.55 41.64 2.68
N ILE B 405 26.26 41.50 2.95
CA ILE B 405 25.74 41.51 4.34
C ILE B 405 26.51 40.49 5.19
N SER B 406 26.77 40.83 6.44
CA SER B 406 27.50 39.93 7.39
C SER B 406 26.50 38.99 8.05
N ILE B 407 27.00 37.91 8.66
CA ILE B 407 26.21 37.03 9.54
C ILE B 407 25.57 37.85 10.65
N ALA B 408 26.31 38.79 11.23
CA ALA B 408 25.82 39.61 12.36
C ALA B 408 24.62 40.43 11.89
N GLU B 409 24.72 41.05 10.70
CA GLU B 409 23.59 41.84 10.12
C GLU B 409 22.40 40.90 9.88
N LEU B 410 22.62 39.70 9.33
CA LEU B 410 21.54 38.73 9.04
C LEU B 410 20.84 38.35 10.36
N MET B 411 21.58 38.30 11.46
CA MET B 411 21.01 37.95 12.80
C MET B 411 20.14 39.09 13.35
N GLU B 412 20.09 40.25 12.69
CA GLU B 412 19.09 41.31 13.02
C GLU B 412 17.71 40.88 12.51
N ASP B 413 17.66 40.06 11.46
CA ASP B 413 16.42 39.46 10.91
C ASP B 413 16.17 38.12 11.61
N ILE B 414 17.17 37.26 11.67
CA ILE B 414 17.04 35.84 12.11
C ILE B 414 17.70 35.73 13.50
N GLU B 415 16.89 35.78 14.56
CA GLU B 415 17.33 35.79 15.97
C GLU B 415 18.05 34.46 16.29
N GLY B 416 17.56 33.35 15.74
CA GLY B 416 18.08 32.00 15.99
C GLY B 416 17.01 30.98 15.59
N PRO B 417 17.17 29.70 15.95
CA PRO B 417 16.14 28.72 15.66
C PRO B 417 14.79 29.09 16.27
N ASP B 418 13.75 28.52 15.68
CA ASP B 418 12.36 28.68 16.16
C ASP B 418 11.71 27.30 16.07
N PHE B 419 11.64 26.59 17.18
CA PHE B 419 11.18 25.19 17.20
C PHE B 419 9.66 25.12 17.20
N PRO B 420 9.07 24.10 16.54
CA PRO B 420 7.61 23.95 16.51
C PRO B 420 7.05 23.80 17.94
N THR B 421 7.86 23.24 18.84
CA THR B 421 7.55 22.92 20.26
C THR B 421 7.90 24.07 21.21
N ALA B 422 8.36 25.21 20.69
CA ALA B 422 8.60 26.47 21.42
C ALA B 422 9.77 26.30 22.39
N GLY B 423 9.56 26.51 23.69
CA GLY B 423 10.62 26.40 24.69
C GLY B 423 11.59 27.58 24.65
N LEU B 424 12.73 27.43 25.33
CA LEU B 424 13.77 28.49 25.51
C LEU B 424 15.09 28.03 24.92
N ILE B 425 15.84 28.96 24.36
CA ILE B 425 17.28 28.76 24.05
C ILE B 425 18.09 29.60 25.05
N LEU B 426 19.16 29.02 25.60
CA LEU B 426 20.05 29.68 26.61
C LEU B 426 21.16 30.40 25.88
N GLY B 427 21.06 31.72 25.72
CA GLY B 427 22.12 32.54 25.15
C GLY B 427 22.21 32.45 23.64
N LYS B 428 23.07 33.26 23.08
CA LYS B 428 23.16 33.49 21.63
C LYS B 428 24.49 32.93 21.12
N SER B 429 25.39 32.48 22.01
CA SER B 429 26.78 32.20 21.58
C SER B 429 26.85 30.87 20.79
N GLY B 430 26.00 29.86 21.09
CA GLY B 430 25.88 28.65 20.25
C GLY B 430 25.27 28.97 18.88
N ILE B 431 24.23 29.78 18.90
CA ILE B 431 23.51 30.21 17.67
C ILE B 431 24.55 30.89 16.77
N ARG B 432 25.27 31.87 17.32
CA ARG B 432 26.27 32.68 16.59
C ARG B 432 27.34 31.77 15.98
N ARG B 433 27.94 30.87 16.76
CA ARG B 433 28.99 29.97 16.23
C ARG B 433 28.39 29.10 15.11
N ALA B 434 27.17 28.64 15.27
CA ALA B 434 26.52 27.75 14.27
C ALA B 434 26.25 28.53 12.96
N TYR B 435 25.82 29.80 13.05
CA TYR B 435 25.50 30.65 11.87
C TYR B 435 26.82 31.06 11.20
N GLU B 436 27.90 31.17 11.97
CA GLU B 436 29.23 31.61 11.46
C GLU B 436 29.95 30.44 10.80
N THR B 437 29.91 29.25 11.38
CA THR B 437 30.79 28.11 10.98
C THR B 437 29.99 26.93 10.42
N GLY B 438 28.69 26.88 10.69
CA GLY B 438 27.84 25.71 10.43
C GLY B 438 27.79 24.77 11.62
N ARG B 439 28.65 24.95 12.63
CA ARG B 439 28.65 24.02 13.80
C ARG B 439 28.55 24.82 15.10
N GLY B 440 27.67 24.38 15.98
CA GLY B 440 27.61 24.92 17.34
C GLY B 440 26.58 24.23 18.21
N SER B 441 26.75 24.32 19.52
CA SER B 441 25.88 23.66 20.51
C SER B 441 24.85 24.66 21.01
N ILE B 442 23.57 24.35 20.87
CA ILE B 442 22.45 25.22 21.33
C ILE B 442 21.75 24.53 22.50
N GLN B 443 21.77 25.17 23.67
CA GLN B 443 21.14 24.61 24.90
C GLN B 443 19.66 24.96 24.87
N MET B 444 18.79 23.95 24.81
CA MET B 444 17.31 24.12 24.83
C MET B 444 16.78 23.87 26.25
N ARG B 445 15.82 24.67 26.70
CA ARG B 445 15.11 24.38 27.96
C ARG B 445 13.61 24.36 27.77
N SER B 446 12.98 23.51 28.56
CA SER B 446 11.52 23.49 28.79
C SER B 446 11.06 24.85 29.29
N ARG B 447 9.82 25.22 29.02
CA ARG B 447 9.17 26.34 29.75
C ARG B 447 8.57 25.74 31.03
N ALA B 448 9.16 26.09 32.17
CA ALA B 448 8.79 25.61 33.51
C ALA B 448 8.63 26.83 34.39
N VAL B 449 7.58 26.84 35.21
CA VAL B 449 7.36 27.88 36.24
C VAL B 449 7.11 27.19 37.58
N ILE B 450 7.35 27.93 38.63
CA ILE B 450 7.04 27.46 39.99
C ILE B 450 5.80 28.23 40.44
N GLU B 451 4.79 27.52 40.91
CA GLU B 451 3.54 28.13 41.36
C GLU B 451 3.09 27.48 42.66
N GLU B 452 2.36 28.23 43.46
CA GLU B 452 1.75 27.71 44.71
C GLU B 452 0.61 26.74 44.33
N ARG B 453 0.32 25.75 45.17
CA ARG B 453 -0.80 24.82 44.91
C ARG B 453 -1.75 24.75 46.13
N GLY B 454 -1.54 25.55 47.17
CA GLY B 454 -2.34 25.52 48.42
C GLY B 454 -1.57 24.99 49.62
N GLY B 455 -2.03 25.31 50.84
CA GLY B 455 -1.44 24.86 52.11
C GLY B 455 0.06 25.09 52.19
N GLY B 456 0.56 26.17 51.60
CA GLY B 456 1.99 26.55 51.65
C GLY B 456 2.87 25.71 50.74
N ARG B 457 2.29 24.89 49.86
CA ARG B 457 3.07 23.98 48.98
C ARG B 457 3.17 24.59 47.58
N GLN B 458 4.11 24.10 46.77
CA GLN B 458 4.43 24.60 45.42
C GLN B 458 4.51 23.44 44.44
N ARG B 459 4.48 23.76 43.16
CA ARG B 459 4.75 22.76 42.11
C ARG B 459 5.51 23.43 40.99
N ILE B 460 6.20 22.60 40.22
CA ILE B 460 6.78 22.99 38.92
C ILE B 460 5.75 22.60 37.85
N VAL B 461 5.44 23.53 36.95
CA VAL B 461 4.51 23.26 35.82
C VAL B 461 5.30 23.54 34.54
N VAL B 462 5.46 22.50 33.73
CA VAL B 462 6.15 22.49 32.42
C VAL B 462 5.09 22.54 31.32
N THR B 463 5.11 23.55 30.46
CA THR B 463 4.08 23.75 29.40
C THR B 463 4.73 23.72 28.02
N GLU B 464 6.06 23.68 27.91
CA GLU B 464 6.78 23.48 26.61
C GLU B 464 8.02 22.66 26.91
N ILE B 465 8.32 21.70 26.06
CA ILE B 465 9.52 20.85 26.21
C ILE B 465 10.40 21.07 24.99
N PRO B 466 11.66 20.62 25.03
CA PRO B 466 12.57 20.85 23.92
C PRO B 466 12.19 20.05 22.68
N PHE B 467 12.70 20.51 21.55
CA PHE B 467 12.46 19.95 20.20
C PHE B 467 12.94 18.50 20.18
N GLN B 468 12.12 17.60 19.65
CA GLN B 468 12.49 16.18 19.42
C GLN B 468 12.67 15.42 20.76
N VAL B 469 12.16 15.93 21.88
CA VAL B 469 12.07 15.18 23.17
C VAL B 469 10.74 14.47 23.29
N ASN B 470 10.78 13.20 23.62
CA ASN B 470 9.57 12.40 23.85
C ASN B 470 9.03 12.75 25.25
N LYS B 471 7.86 13.37 25.35
CA LYS B 471 7.27 13.83 26.64
C LYS B 471 7.14 12.67 27.64
N ALA B 472 6.53 11.56 27.26
CA ALA B 472 6.33 10.35 28.10
C ALA B 472 7.69 9.81 28.58
N ARG B 473 8.67 9.70 27.69
CA ARG B 473 10.02 9.21 28.05
C ARG B 473 10.66 10.22 29.03
N MET B 474 10.41 11.51 28.86
CA MET B 474 10.96 12.51 29.80
C MET B 474 10.31 12.28 31.18
N ILE B 475 9.01 11.99 31.20
CA ILE B 475 8.26 11.77 32.47
C ILE B 475 8.75 10.48 33.15
N GLU B 476 8.96 9.40 32.38
CA GLU B 476 9.42 8.09 32.91
C GLU B 476 10.80 8.30 33.57
N LYS B 477 11.67 9.11 32.96
CA LYS B 477 13.04 9.41 33.46
C LYS B 477 12.93 10.11 34.83
N ILE B 478 12.04 11.10 34.98
CA ILE B 478 11.80 11.80 36.28
C ILE B 478 11.31 10.75 37.29
N ALA B 479 10.32 9.95 36.94
CA ALA B 479 9.76 8.89 37.82
C ALA B 479 10.87 7.92 38.25
N GLU B 480 11.78 7.60 37.34
CA GLU B 480 12.98 6.74 37.62
C GLU B 480 13.83 7.43 38.70
N LEU B 481 14.18 8.71 38.52
CA LEU B 481 15.04 9.44 39.49
C LEU B 481 14.36 9.53 40.86
N VAL B 482 13.05 9.71 40.93
CA VAL B 482 12.29 9.76 42.22
C VAL B 482 12.36 8.39 42.89
N ARG B 483 12.04 7.34 42.15
CA ARG B 483 12.00 5.95 42.66
C ARG B 483 13.41 5.55 43.15
N ASP B 484 14.46 5.94 42.43
CA ASP B 484 15.88 5.59 42.77
C ASP B 484 16.48 6.62 43.76
N LYS B 485 15.70 7.58 44.24
CA LYS B 485 16.14 8.59 45.24
C LYS B 485 17.38 9.36 44.75
N LYS B 486 17.51 9.61 43.44
CA LYS B 486 18.62 10.41 42.85
C LYS B 486 18.20 11.88 42.76
N ILE B 487 16.96 12.18 43.12
CA ILE B 487 16.49 13.59 43.20
C ILE B 487 15.58 13.71 44.41
N ASP B 488 15.88 14.68 45.27
CA ASP B 488 15.10 14.94 46.50
C ASP B 488 13.95 15.92 46.21
N GLY B 489 12.81 15.73 46.90
CA GLY B 489 11.79 16.78 47.10
C GLY B 489 10.53 16.65 46.25
N ILE B 490 10.36 15.58 45.47
CA ILE B 490 9.22 15.48 44.52
C ILE B 490 8.21 14.51 45.12
N THR B 491 6.97 14.96 45.34
CA THR B 491 5.91 14.15 45.98
C THR B 491 4.91 13.61 44.95
N ASP B 492 4.83 14.18 43.75
CA ASP B 492 3.94 13.63 42.70
C ASP B 492 4.38 14.13 41.32
N LEU B 493 3.96 13.40 40.31
CA LEU B 493 4.36 13.59 38.90
C LEU B 493 3.15 13.22 38.02
N ARG B 494 2.60 14.18 37.29
CA ARG B 494 1.35 14.00 36.49
C ARG B 494 1.53 14.64 35.11
N ASP B 495 1.17 13.91 34.06
CA ASP B 495 0.90 14.52 32.74
C ASP B 495 -0.55 14.98 32.75
N GLU B 496 -0.80 16.28 32.82
CA GLU B 496 -2.17 16.86 32.73
C GLU B 496 -2.35 17.45 31.34
N THR B 497 -1.50 17.08 30.36
CA THR B 497 -1.64 17.50 28.95
C THR B 497 -3.04 17.19 28.47
N SER B 498 -3.63 18.09 27.68
CA SER B 498 -4.98 17.87 27.08
C SER B 498 -5.12 18.74 25.84
N LEU B 499 -6.17 18.51 25.06
CA LEU B 499 -6.45 19.33 23.86
C LEU B 499 -6.84 20.75 24.29
N ARG B 500 -7.57 20.92 25.42
CA ARG B 500 -7.98 22.24 25.98
C ARG B 500 -6.74 23.00 26.49
N THR B 501 -5.92 22.40 27.36
CA THR B 501 -4.76 23.06 28.05
C THR B 501 -3.48 23.06 27.19
N GLY B 502 -3.30 22.16 26.23
CA GLY B 502 -1.97 21.96 25.63
C GLY B 502 -1.07 21.24 26.63
N VAL B 503 0.24 21.23 26.41
CA VAL B 503 1.17 20.44 27.25
C VAL B 503 1.15 20.98 28.67
N ARG B 504 0.97 20.08 29.66
CA ARG B 504 1.02 20.49 31.09
C ARG B 504 1.58 19.32 31.91
N VAL B 505 2.85 19.38 32.29
CA VAL B 505 3.45 18.34 33.18
C VAL B 505 3.65 18.99 34.55
N VAL B 506 3.04 18.40 35.56
CA VAL B 506 3.02 18.93 36.96
C VAL B 506 3.93 18.06 37.84
N ILE B 507 4.89 18.71 38.52
CA ILE B 507 5.79 18.08 39.52
C ILE B 507 5.51 18.73 40.87
N ASP B 508 4.83 18.01 41.76
CA ASP B 508 4.50 18.54 43.10
C ASP B 508 5.80 18.51 43.91
N VAL B 509 6.06 19.56 44.67
CA VAL B 509 7.26 19.68 45.54
C VAL B 509 6.80 19.55 47.00
N ARG B 510 7.57 18.82 47.80
CA ARG B 510 7.35 18.59 49.25
C ARG B 510 7.33 19.95 49.97
N LYS B 511 6.45 20.08 50.96
CA LYS B 511 6.32 21.34 51.75
C LYS B 511 7.72 21.79 52.25
N ASP B 512 8.09 23.05 52.02
CA ASP B 512 9.29 23.74 52.59
C ASP B 512 10.57 23.38 51.84
N ALA B 513 10.52 22.51 50.82
CA ALA B 513 11.69 22.20 49.96
C ALA B 513 11.83 23.31 48.94
N ASN B 514 13.05 23.64 48.51
CA ASN B 514 13.27 24.71 47.50
C ASN B 514 12.93 24.15 46.11
N ALA B 515 11.82 24.60 45.52
CA ALA B 515 11.36 24.19 44.17
C ALA B 515 12.33 24.66 43.08
N SER B 516 13.04 25.77 43.28
CA SER B 516 14.08 26.27 42.32
C SER B 516 15.28 25.30 42.26
N VAL B 517 15.73 24.77 43.40
CA VAL B 517 16.78 23.71 43.46
C VAL B 517 16.30 22.46 42.74
N ILE B 518 15.06 22.00 43.00
CA ILE B 518 14.53 20.78 42.36
C ILE B 518 14.52 20.98 40.85
N LEU B 519 14.06 22.13 40.37
CA LEU B 519 14.00 22.41 38.90
C LEU B 519 15.40 22.36 38.30
N ASN B 520 16.40 22.98 38.92
CA ASN B 520 17.80 23.03 38.40
C ASN B 520 18.35 21.60 38.34
N ASN B 521 18.00 20.77 39.33
CA ASN B 521 18.36 19.32 39.34
C ASN B 521 17.65 18.59 38.19
N LEU B 522 16.38 18.91 37.89
CA LEU B 522 15.67 18.27 36.74
C LEU B 522 16.37 18.67 35.43
N TYR B 523 16.83 19.92 35.30
CA TYR B 523 17.56 20.41 34.09
C TYR B 523 18.86 19.63 33.94
N LYS B 524 19.56 19.37 35.04
CA LYS B 524 20.82 18.59 35.05
C LYS B 524 20.55 17.14 34.59
N GLN B 525 19.50 16.49 35.11
CA GLN B 525 19.45 15.00 35.18
C GLN B 525 18.42 14.44 34.19
N THR B 526 17.69 15.29 33.46
CA THR B 526 16.65 14.85 32.52
C THR B 526 16.68 15.68 31.25
N PRO B 527 15.95 15.20 30.21
CA PRO B 527 15.82 15.92 28.94
C PRO B 527 15.04 17.24 29.05
N LEU B 528 14.68 17.67 30.26
CA LEU B 528 13.97 18.96 30.48
C LEU B 528 14.87 20.13 29.99
N GLN B 529 16.21 19.96 30.11
CA GLN B 529 17.27 20.66 29.34
C GLN B 529 17.90 19.65 28.37
N THR B 530 18.05 20.02 27.11
CA THR B 530 18.60 19.15 26.06
C THR B 530 19.35 20.02 25.06
N SER B 531 20.47 19.58 24.53
CA SER B 531 21.22 20.36 23.52
C SER B 531 20.80 19.95 22.11
N PHE B 532 20.75 20.96 21.23
CA PHE B 532 20.70 20.78 19.76
C PHE B 532 22.10 21.07 19.18
N GLY B 533 22.83 20.01 18.78
CA GLY B 533 24.14 20.10 18.11
C GLY B 533 23.96 20.44 16.63
N VAL B 534 24.16 21.70 16.28
CA VAL B 534 24.04 22.19 14.90
C VAL B 534 25.24 21.71 14.07
N ASN B 535 24.94 21.21 12.89
CA ASN B 535 25.90 20.58 11.95
C ASN B 535 25.26 20.69 10.58
N MET B 536 25.35 21.88 9.99
CA MET B 536 24.56 22.27 8.80
C MET B 536 25.24 21.73 7.55
N ILE B 537 25.01 20.45 7.27
CA ILE B 537 25.48 19.81 6.02
C ILE B 537 24.29 19.62 5.07
N ALA B 538 24.46 20.02 3.81
CA ALA B 538 23.45 19.91 2.75
C ALA B 538 24.15 19.65 1.40
N LEU B 539 23.38 19.21 0.42
CA LEU B 539 23.88 19.00 -0.96
C LEU B 539 23.92 20.37 -1.64
N VAL B 540 25.11 20.75 -2.09
CA VAL B 540 25.40 21.96 -2.89
C VAL B 540 26.03 21.50 -4.20
N ASN B 541 25.38 21.77 -5.33
CA ASN B 541 25.85 21.26 -6.64
C ASN B 541 26.06 19.73 -6.53
N GLY B 542 25.13 19.01 -5.89
CA GLY B 542 25.15 17.54 -5.74
C GLY B 542 26.26 16.97 -4.85
N ARG B 543 26.98 17.80 -4.07
CA ARG B 543 28.09 17.35 -3.18
C ARG B 543 27.77 17.78 -1.76
N PRO B 544 28.02 16.95 -0.73
CA PRO B 544 27.76 17.36 0.65
C PRO B 544 28.68 18.49 1.07
N LYS B 545 28.19 19.46 1.82
CA LYS B 545 29.02 20.63 2.26
C LYS B 545 28.52 21.19 3.59
N LEU B 546 29.46 21.45 4.48
CA LEU B 546 29.20 22.19 5.74
C LEU B 546 29.05 23.65 5.37
N ILE B 547 27.86 24.24 5.62
CA ILE B 547 27.54 25.64 5.17
C ILE B 547 27.17 26.47 6.38
N ASN B 548 27.44 27.76 6.31
CA ASN B 548 27.01 28.74 7.34
C ASN B 548 25.67 29.34 6.91
N LEU B 549 25.04 30.12 7.79
CA LEU B 549 23.73 30.74 7.54
C LEU B 549 23.75 31.50 6.20
N LYS B 550 24.74 32.35 5.97
CA LYS B 550 24.76 33.19 4.74
C LYS B 550 24.89 32.29 3.50
N GLU B 551 25.77 31.31 3.52
CA GLU B 551 25.91 30.39 2.37
C GLU B 551 24.54 29.73 2.08
N ALA B 552 23.81 29.29 3.11
CA ALA B 552 22.49 28.65 2.95
C ALA B 552 21.49 29.60 2.25
N LEU B 553 21.46 30.88 2.67
CA LEU B 553 20.55 31.91 2.12
C LEU B 553 20.96 32.29 0.68
N VAL B 554 22.26 32.35 0.37
CA VAL B 554 22.79 32.69 -0.97
C VAL B 554 22.35 31.61 -1.96
N HIS B 555 22.52 30.33 -1.63
CA HIS B 555 22.11 29.24 -2.57
C HIS B 555 20.60 29.29 -2.74
N TYR B 556 19.85 29.53 -1.66
CA TYR B 556 18.37 29.67 -1.71
C TYR B 556 17.99 30.81 -2.67
N LEU B 557 18.57 31.99 -2.47
CA LEU B 557 18.22 33.17 -3.29
C LEU B 557 18.62 32.91 -4.75
N GLU B 558 19.77 32.26 -5.03
CA GLU B 558 20.16 31.95 -6.44
C GLU B 558 19.13 30.98 -7.05
N HIS B 559 18.63 30.02 -6.28
CA HIS B 559 17.56 29.11 -6.75
C HIS B 559 16.33 29.94 -7.14
N GLN B 560 15.92 30.90 -6.31
CA GLN B 560 14.67 31.66 -6.55
C GLN B 560 14.82 32.49 -7.83
N LYS B 561 15.99 33.11 -8.01
CA LYS B 561 16.28 33.94 -9.21
C LYS B 561 16.15 33.05 -10.45
N THR B 562 16.74 31.86 -10.42
CA THR B 562 16.72 30.92 -11.56
C THR B 562 15.30 30.47 -11.83
N VAL B 563 14.58 30.11 -10.78
CA VAL B 563 13.16 29.66 -10.89
C VAL B 563 12.34 30.77 -11.55
N VAL B 564 12.46 32.01 -11.09
CA VAL B 564 11.57 33.09 -11.60
C VAL B 564 11.98 33.46 -13.04
N ARG B 565 13.28 33.43 -13.39
CA ARG B 565 13.79 33.68 -14.76
C ARG B 565 13.25 32.59 -15.71
N ARG B 566 13.40 31.32 -15.34
CA ARG B 566 12.98 30.18 -16.19
C ARG B 566 11.46 30.20 -16.35
N ARG B 567 10.71 30.49 -15.30
CA ARG B 567 9.23 30.62 -15.35
C ARG B 567 8.83 31.75 -16.32
N THR B 568 9.53 32.88 -16.27
CA THR B 568 9.25 34.03 -17.15
C THR B 568 9.60 33.61 -18.60
N GLN B 569 10.74 32.97 -18.82
CA GLN B 569 11.12 32.45 -20.16
C GLN B 569 10.07 31.45 -20.67
N TYR B 570 9.54 30.57 -19.82
CA TYR B 570 8.53 29.54 -20.19
C TYR B 570 7.24 30.27 -20.52
N ASN B 571 6.76 31.13 -19.62
CA ASN B 571 5.49 31.87 -19.84
C ASN B 571 5.57 32.62 -21.19
N LEU B 572 6.75 33.12 -21.57
CA LEU B 572 6.95 33.94 -22.79
C LEU B 572 6.84 33.04 -24.03
N ARG B 573 7.57 31.91 -24.09
CA ARG B 573 7.45 30.93 -25.21
C ARG B 573 5.97 30.57 -25.34
N LYS B 574 5.32 30.19 -24.24
CA LYS B 574 3.98 29.59 -24.28
C LYS B 574 2.95 30.66 -24.71
N ALA B 575 3.11 31.90 -24.24
CA ALA B 575 2.28 33.05 -24.64
C ALA B 575 2.50 33.35 -26.14
N LYS B 576 3.73 33.29 -26.66
CA LYS B 576 3.98 33.57 -28.10
C LYS B 576 3.37 32.43 -28.92
N ASP B 577 3.50 31.17 -28.48
CA ASP B 577 2.91 30.00 -29.19
C ASP B 577 1.39 30.19 -29.26
N ARG B 578 0.79 30.64 -28.17
CA ARG B 578 -0.67 30.78 -28.05
C ARG B 578 -1.11 31.99 -28.89
N ALA B 579 -0.37 33.09 -28.85
CA ALA B 579 -0.69 34.28 -29.67
C ALA B 579 -0.65 33.85 -31.15
N HIS B 580 0.30 33.00 -31.53
CA HIS B 580 0.50 32.49 -32.91
C HIS B 580 -0.76 31.71 -33.34
N ILE B 581 -1.31 30.85 -32.46
CA ILE B 581 -2.56 30.08 -32.75
C ILE B 581 -3.68 31.09 -32.97
N LEU B 582 -3.80 32.08 -32.08
CA LEU B 582 -4.91 33.07 -32.09
C LEU B 582 -4.84 33.93 -33.34
N GLU B 583 -3.64 34.30 -33.79
CA GLU B 583 -3.42 35.00 -35.08
C GLU B 583 -4.04 34.15 -36.20
N GLY B 584 -3.86 32.82 -36.13
CA GLY B 584 -4.43 31.87 -37.10
C GLY B 584 -5.96 31.87 -37.05
N LEU B 585 -6.51 31.69 -35.85
CA LEU B 585 -7.99 31.72 -35.65
C LEU B 585 -8.57 33.09 -36.11
N ARG B 586 -7.85 34.18 -35.88
CA ARG B 586 -8.33 35.54 -36.23
C ARG B 586 -8.43 35.68 -37.75
N ILE B 587 -7.41 35.28 -38.49
CA ILE B 587 -7.39 35.20 -39.98
C ILE B 587 -8.60 34.34 -40.41
N ALA B 588 -8.78 33.18 -39.78
CA ALA B 588 -9.86 32.26 -40.18
C ALA B 588 -11.21 32.97 -40.00
N LEU B 589 -11.41 33.64 -38.86
CA LEU B 589 -12.66 34.40 -38.58
C LEU B 589 -12.85 35.54 -39.59
N ASP B 590 -11.80 36.31 -39.88
CA ASP B 590 -11.81 37.43 -40.86
C ASP B 590 -12.19 36.92 -42.26
N HIS B 591 -11.84 35.67 -42.63
CA HIS B 591 -12.02 35.17 -44.03
C HIS B 591 -12.79 33.85 -43.99
N ILE B 592 -13.81 33.75 -43.15
CA ILE B 592 -14.44 32.45 -42.80
C ILE B 592 -15.01 31.77 -44.05
N ASP B 593 -15.67 32.50 -44.95
CA ASP B 593 -16.23 31.94 -46.21
C ASP B 593 -15.13 31.27 -47.03
N GLU B 594 -13.97 31.90 -47.14
CA GLU B 594 -12.85 31.38 -47.96
C GLU B 594 -12.26 30.18 -47.26
N ILE B 595 -12.21 30.22 -45.92
CA ILE B 595 -11.71 29.08 -45.10
C ILE B 595 -12.61 27.87 -45.34
N ILE B 596 -13.92 28.05 -45.22
CA ILE B 596 -14.89 26.93 -45.37
C ILE B 596 -14.80 26.37 -46.82
N SER B 597 -14.83 27.24 -47.83
CA SER B 597 -14.64 26.84 -49.25
C SER B 597 -13.39 25.96 -49.38
N THR B 598 -12.27 26.43 -48.81
CA THR B 598 -10.97 25.75 -48.99
C THR B 598 -11.06 24.34 -48.42
N ILE B 599 -11.64 24.20 -47.23
CA ILE B 599 -11.76 22.89 -46.54
C ILE B 599 -12.72 22.01 -47.36
N ARG B 600 -13.86 22.57 -47.76
CA ARG B 600 -14.93 21.79 -48.44
C ARG B 600 -14.45 21.24 -49.79
N GLU B 601 -13.61 21.99 -50.50
CA GLU B 601 -13.12 21.57 -51.83
C GLU B 601 -11.86 20.71 -51.65
N SER B 602 -11.50 20.33 -50.43
CA SER B 602 -10.35 19.42 -50.16
C SER B 602 -10.87 18.00 -49.89
N ASP B 603 -10.26 16.99 -50.49
CA ASP B 603 -10.70 15.58 -50.34
C ASP B 603 -10.42 15.11 -48.91
N THR B 604 -9.26 15.47 -48.38
CA THR B 604 -8.72 14.93 -47.10
C THR B 604 -8.28 16.06 -46.18
N ASP B 605 -8.06 15.72 -44.92
CA ASP B 605 -7.48 16.62 -43.88
C ASP B 605 -6.14 17.12 -44.38
N LYS B 606 -5.31 16.23 -44.96
CA LYS B 606 -3.94 16.56 -45.41
C LYS B 606 -4.01 17.67 -46.47
N VAL B 607 -4.87 17.49 -47.48
CA VAL B 607 -5.00 18.47 -48.59
C VAL B 607 -5.51 19.79 -48.01
N ALA B 608 -6.46 19.74 -47.08
CA ALA B 608 -7.06 20.96 -46.46
C ALA B 608 -5.96 21.75 -45.73
N MET B 609 -5.18 21.04 -44.94
CA MET B 609 -4.06 21.65 -44.19
C MET B 609 -3.12 22.37 -45.15
N GLU B 610 -2.72 21.72 -46.24
CA GLU B 610 -1.77 22.25 -47.25
C GLU B 610 -2.38 23.50 -47.91
N SER B 611 -3.63 23.45 -48.34
CA SER B 611 -4.33 24.58 -49.01
C SER B 611 -4.47 25.76 -48.05
N LEU B 612 -4.79 25.54 -46.79
CA LEU B 612 -4.92 26.63 -45.78
C LEU B 612 -3.54 27.29 -45.62
N GLN B 613 -2.47 26.50 -45.49
CA GLN B 613 -1.09 27.03 -45.34
C GLN B 613 -0.77 27.93 -46.53
N GLN B 614 -1.05 27.49 -47.75
CA GLN B 614 -0.61 28.18 -48.98
C GLN B 614 -1.46 29.44 -49.19
N ARG B 615 -2.78 29.33 -49.03
CA ARG B 615 -3.74 30.40 -49.36
C ARG B 615 -3.74 31.55 -48.34
N PHE B 616 -3.53 31.28 -47.04
CA PHE B 616 -3.60 32.29 -45.95
C PHE B 616 -2.24 32.48 -45.24
N LYS B 617 -1.15 31.98 -45.82
CA LYS B 617 0.24 32.15 -45.30
C LYS B 617 0.26 31.67 -43.84
N LEU B 618 -0.33 30.52 -43.59
CA LEU B 618 -0.40 29.95 -42.23
C LEU B 618 0.71 28.92 -42.00
N SER B 619 1.16 28.78 -40.76
CA SER B 619 2.02 27.64 -40.33
C SER B 619 1.17 26.37 -40.28
N GLU B 620 1.84 25.22 -40.28
CA GLU B 620 1.21 23.91 -39.97
C GLU B 620 0.36 24.05 -38.71
N LYS B 621 0.89 24.60 -37.61
CA LYS B 621 0.18 24.65 -36.30
C LYS B 621 -1.13 25.47 -36.44
N GLN B 622 -1.08 26.57 -37.18
CA GLN B 622 -2.21 27.50 -37.36
C GLN B 622 -3.32 26.78 -38.18
N ALA B 623 -2.94 26.11 -39.27
CA ALA B 623 -3.87 25.36 -40.15
C ALA B 623 -4.53 24.26 -39.31
N GLN B 624 -3.75 23.55 -38.49
CA GLN B 624 -4.27 22.42 -37.64
C GLN B 624 -5.29 23.02 -36.66
N ALA B 625 -5.01 24.20 -36.09
CA ALA B 625 -5.88 24.78 -35.08
C ALA B 625 -7.19 25.20 -35.74
N ILE B 626 -7.13 25.69 -36.98
CA ILE B 626 -8.34 26.13 -37.73
C ILE B 626 -9.19 24.90 -38.02
N LEU B 627 -8.53 23.83 -38.46
CA LEU B 627 -9.19 22.55 -38.74
C LEU B 627 -9.81 22.00 -37.46
N ASP B 628 -9.25 22.29 -36.28
CA ASP B 628 -9.73 21.72 -34.99
C ASP B 628 -10.85 22.58 -34.41
N MET B 629 -11.04 23.80 -34.89
CA MET B 629 -12.06 24.75 -34.37
C MET B 629 -13.46 24.15 -34.56
N ARG B 630 -14.24 24.12 -33.50
CA ARG B 630 -15.63 23.65 -33.50
C ARG B 630 -16.52 24.77 -34.04
N LEU B 631 -17.63 24.43 -34.68
CA LEU B 631 -18.50 25.43 -35.35
C LEU B 631 -19.02 26.42 -34.29
N ARG B 632 -19.21 25.99 -33.03
CA ARG B 632 -19.69 26.88 -31.95
C ARG B 632 -18.72 28.05 -31.72
N ARG B 633 -17.44 27.92 -32.09
N ARG B 633 -17.45 27.91 -32.13
CA ARG B 633 -16.43 29.03 -31.97
CA ARG B 633 -16.42 28.98 -31.98
C ARG B 633 -16.77 30.20 -32.90
C ARG B 633 -16.76 30.17 -32.91
N LEU B 634 -17.75 30.03 -33.80
CA LEU B 634 -18.14 31.09 -34.76
C LEU B 634 -19.28 31.96 -34.21
N THR B 635 -19.79 31.72 -33.01
CA THR B 635 -20.85 32.58 -32.41
C THR B 635 -20.22 33.90 -31.97
N GLY B 636 -21.06 34.96 -31.91
CA GLY B 636 -20.68 36.29 -31.39
C GLY B 636 -19.73 36.18 -30.21
N LEU B 637 -20.14 35.48 -29.15
CA LEU B 637 -19.43 35.56 -27.82
C LEU B 637 -18.05 34.94 -28.01
N GLU B 638 -18.00 33.84 -28.75
CA GLU B 638 -16.77 33.02 -28.95
C GLU B 638 -15.81 33.78 -29.87
N ARG B 639 -16.33 34.51 -30.85
CA ARG B 639 -15.46 35.33 -31.73
C ARG B 639 -14.78 36.35 -30.84
N ASP B 640 -15.55 37.03 -29.99
CA ASP B 640 -15.09 38.10 -29.05
C ASP B 640 -14.07 37.50 -28.08
N LYS B 641 -14.28 36.25 -27.63
CA LYS B 641 -13.41 35.60 -26.64
C LYS B 641 -12.02 35.39 -27.26
N ILE B 642 -11.94 35.15 -28.57
CA ILE B 642 -10.67 34.90 -29.29
C ILE B 642 -9.93 36.25 -29.39
N GLU B 643 -10.66 37.32 -29.67
CA GLU B 643 -10.08 38.68 -29.79
C GLU B 643 -9.58 39.10 -28.40
N ALA B 644 -10.38 38.92 -27.37
CA ALA B 644 -10.10 39.36 -25.98
C ALA B 644 -8.85 38.63 -25.49
N GLU B 645 -8.72 37.32 -25.70
CA GLU B 645 -7.52 36.55 -25.25
C GLU B 645 -6.27 37.01 -26.01
N TYR B 646 -6.36 37.31 -27.30
CA TYR B 646 -5.19 37.78 -28.08
C TYR B 646 -4.71 39.09 -27.46
N ASN B 647 -5.62 40.04 -27.24
CA ASN B 647 -5.27 41.38 -26.69
C ASN B 647 -4.62 41.22 -25.29
N GLU B 648 -5.12 40.31 -24.43
CA GLU B 648 -4.64 40.11 -23.04
C GLU B 648 -3.22 39.52 -23.12
N LEU B 649 -2.97 38.62 -24.09
CA LEU B 649 -1.65 37.98 -24.27
C LEU B 649 -0.61 38.97 -24.79
N LEU B 650 -0.95 39.85 -25.72
CA LEU B 650 0.01 40.89 -26.19
C LEU B 650 0.47 41.70 -24.99
N ASN B 651 -0.46 42.04 -24.07
CA ASN B 651 -0.15 42.84 -22.85
C ASN B 651 0.73 41.96 -21.97
N TYR B 652 0.36 40.70 -21.79
CA TYR B 652 1.11 39.76 -20.94
C TYR B 652 2.52 39.62 -21.51
N ILE B 653 2.63 39.42 -22.83
CA ILE B 653 3.94 39.19 -23.50
C ILE B 653 4.83 40.41 -23.23
N SER B 654 4.28 41.61 -23.30
CA SER B 654 5.04 42.87 -23.12
C SER B 654 5.59 42.95 -21.66
N GLU B 655 4.80 42.53 -20.67
CA GLU B 655 5.21 42.49 -19.24
C GLU B 655 6.32 41.45 -19.03
N LEU B 656 6.21 40.29 -19.65
CA LEU B 656 7.24 39.23 -19.52
C LEU B 656 8.57 39.72 -20.08
N GLU B 657 8.56 40.38 -21.24
CA GLU B 657 9.77 40.90 -21.93
C GLU B 657 10.45 41.94 -21.03
N ALA B 658 9.66 42.80 -20.37
CA ALA B 658 10.15 43.87 -19.48
C ALA B 658 10.88 43.21 -18.30
N ILE B 659 10.38 42.09 -17.80
CA ILE B 659 11.05 41.36 -16.70
C ILE B 659 12.39 40.78 -17.19
N LEU B 660 12.43 40.23 -18.40
CA LEU B 660 13.64 39.52 -18.88
C LEU B 660 14.69 40.54 -19.32
N ALA B 661 14.28 41.78 -19.53
CA ALA B 661 15.13 42.84 -20.13
C ALA B 661 16.00 43.48 -19.04
N ASP B 662 15.65 43.31 -17.76
CA ASP B 662 16.28 44.04 -16.63
C ASP B 662 16.38 43.11 -15.41
N GLU B 663 17.61 42.80 -14.96
CA GLU B 663 17.87 41.87 -13.82
C GLU B 663 17.31 42.47 -12.51
N GLU B 664 17.18 43.80 -12.44
CA GLU B 664 16.66 44.51 -11.25
C GLU B 664 15.14 44.28 -11.15
N VAL B 665 14.41 44.29 -12.28
CA VAL B 665 12.94 44.07 -12.30
C VAL B 665 12.69 42.59 -11.92
N LEU B 666 13.52 41.67 -12.44
CA LEU B 666 13.44 40.22 -12.13
C LEU B 666 13.62 40.03 -10.63
N LEU B 667 14.68 40.61 -10.08
CA LEU B 667 15.01 40.52 -8.64
C LEU B 667 13.90 41.16 -7.82
N GLN B 668 13.37 42.32 -8.26
CA GLN B 668 12.25 42.98 -7.53
C GLN B 668 11.03 42.04 -7.54
N LEU B 669 10.83 41.29 -8.61
CA LEU B 669 9.71 40.32 -8.68
C LEU B 669 9.93 39.15 -7.69
N VAL B 670 11.17 38.66 -7.54
CA VAL B 670 11.52 37.67 -6.47
C VAL B 670 11.15 38.26 -5.11
N ARG B 671 11.62 39.47 -4.81
CA ARG B 671 11.36 40.12 -3.51
C ARG B 671 9.85 40.19 -3.23
N ASP B 672 9.06 40.66 -4.20
CA ASP B 672 7.59 40.88 -4.04
C ASP B 672 6.91 39.53 -3.80
N GLU B 673 7.32 38.48 -4.49
CA GLU B 673 6.68 37.16 -4.35
C GLU B 673 7.07 36.57 -2.99
N LEU B 674 8.33 36.71 -2.56
CA LEU B 674 8.75 36.33 -1.18
C LEU B 674 7.94 37.12 -0.15
N THR B 675 7.68 38.41 -0.41
CA THR B 675 6.94 39.31 0.52
C THR B 675 5.48 38.85 0.65
N GLU B 676 4.81 38.53 -0.46
CA GLU B 676 3.43 37.95 -0.46
C GLU B 676 3.42 36.70 0.44
N ILE B 677 4.36 35.76 0.28
CA ILE B 677 4.38 34.50 1.06
C ILE B 677 4.63 34.83 2.54
N ARG B 678 5.51 35.78 2.83
CA ARG B 678 5.78 36.16 4.24
C ARG B 678 4.49 36.68 4.88
N ASP B 679 3.80 37.60 4.21
CA ASP B 679 2.52 38.17 4.70
C ASP B 679 1.45 37.06 4.90
N ARG B 680 1.37 36.07 4.01
CA ARG B 680 0.29 35.06 4.05
C ARG B 680 0.65 33.96 5.06
N PHE B 681 1.91 33.50 5.12
CA PHE B 681 2.30 32.31 5.94
C PHE B 681 3.20 32.64 7.15
N GLY B 682 3.79 33.83 7.20
CA GLY B 682 4.68 34.25 8.31
C GLY B 682 3.91 34.22 9.61
N ASP B 683 4.49 33.73 10.69
CA ASP B 683 3.78 33.63 11.99
C ASP B 683 4.71 34.12 13.10
N ASP B 684 4.20 34.16 14.33
CA ASP B 684 4.97 34.52 15.54
C ASP B 684 6.08 33.51 15.85
N ARG B 685 7.20 34.05 16.37
CA ARG B 685 8.26 33.28 17.03
C ARG B 685 7.61 32.51 18.20
N ARG B 686 7.98 31.26 18.35
CA ARG B 686 7.54 30.40 19.47
C ARG B 686 8.68 30.22 20.47
N THR B 687 9.91 29.92 20.04
CA THR B 687 11.03 29.69 20.99
C THR B 687 11.55 31.05 21.49
N GLU B 688 11.67 31.22 22.79
CA GLU B 688 12.26 32.44 23.38
C GLU B 688 13.78 32.24 23.51
N ILE B 689 14.56 33.17 22.99
CA ILE B 689 16.04 33.19 23.17
C ILE B 689 16.35 34.10 24.36
N GLN B 690 16.87 33.54 25.44
CA GLN B 690 17.15 34.25 26.71
C GLN B 690 18.66 34.49 26.78
N LEU B 691 19.12 35.64 27.26
CA LEU B 691 20.57 36.02 27.26
C LEU B 691 21.21 35.61 28.59
N1 EPE G . -6.31 -29.34 4.31
C2 EPE G . -6.76 -29.10 2.93
C3 EPE G . -7.95 -28.18 2.93
N4 EPE G . -9.07 -28.74 3.72
C5 EPE G . -8.61 -29.06 5.08
C6 EPE G . -7.41 -29.98 5.04
C7 EPE G . -10.20 -27.79 3.78
C8 EPE G . -10.93 -27.62 2.47
O8 EPE G . -10.47 -26.47 1.79
C9 EPE G . -5.05 -30.13 4.36
C10 EPE G . -3.82 -29.31 4.05
S EPE G . -2.30 -30.08 4.56
O1S EPE G . -2.49 -31.50 4.41
O2S EPE G . -1.23 -29.41 3.87
O3S EPE G . -2.25 -29.71 6.08
MN MN H . -13.51 -1.27 11.08
S DMS I . 9.00 12.42 19.72
O DMS I . 10.50 12.40 19.65
C1 DMS I . 8.41 11.81 18.16
C2 DMS I . 8.50 14.12 19.52
S DMS J . 31.52 16.73 4.57
O DMS J . 31.60 18.03 3.82
C1 DMS J . 32.26 17.03 6.16
C2 DMS J . 32.79 15.70 3.85
N1 EPE K . 17.40 13.15 21.41
C2 EPE K . 16.86 14.23 20.57
C3 EPE K . 17.44 14.15 19.18
N4 EPE K . 18.91 14.29 19.21
C5 EPE K . 19.47 13.25 20.10
C6 EPE K . 18.86 13.31 21.49
C7 EPE K . 19.50 14.22 17.86
C8 EPE K . 19.06 15.31 16.88
O8 EPE K . 19.28 16.62 17.38
C9 EPE K . 16.76 13.14 22.74
C10 EPE K . 15.43 12.41 22.73
S EPE K . 14.79 12.01 24.34
O1S EPE K . 15.28 13.21 25.20
O2S EPE K . 15.48 10.84 24.79
O3S EPE K . 13.36 11.95 24.21
CL CL L . -11.82 22.27 -28.11
MN MN M . 16.59 -6.14 -0.26
MN MN N . -7.37 39.64 -43.97
S DMS O . -0.62 -24.83 -0.25
O DMS O . -1.76 -25.04 0.73
C1 DMS O . -0.03 -23.17 0.03
C2 DMS O . -1.38 -24.58 -1.83
C4 Q52 P . 6.41 -8.70 13.04
C14 Q52 P . 2.00 -2.94 4.02
C5 Q52 P . 5.49 -7.64 13.10
C6 Q52 P . 4.20 -6.15 14.30
C11 Q52 P . 3.02 -4.64 8.02
C7 Q52 P . 3.66 -5.57 13.15
C8 Q52 P . 4.04 -6.04 11.92
C9 Q52 P . 3.46 -5.44 10.66
C10 Q52 P . 4.21 -4.19 10.18
C12 Q52 P . 2.97 -4.21 6.57
C13 Q52 P . 2.61 -2.73 6.41
N1 Q52 P . 5.07 -7.15 14.32
N2 Q52 P . 3.91 -3.75 8.81
C3 Q52 P . 6.80 -9.18 11.84
N3 Q52 P . 2.82 -2.25 5.04
C1 Q52 P . 6.29 -8.42 8.29
O1 Q52 P . 6.69 -9.11 9.50
C2 Q52 P . 6.26 -8.59 10.67
C15 Q52 P . 1.55 -2.05 2.88
C16 Q52 P . 0.29 -1.49 2.89
C17 Q52 P . -0.15 -0.71 1.82
C18 Q52 P . 0.70 -0.48 0.76
CL1 Q52 P . 0.14 0.50 -0.57
C19 Q52 P . 1.96 -1.03 0.71
C20 Q52 P . 2.38 -1.82 1.79
C21 Q52 P . 3.44 -1.83 7.35
C22 Q52 P . 3.42 -2.37 8.77
C23 Q52 P . 4.98 -7.10 11.88
N4 Q52 P . 5.40 -7.61 10.67
MN MN Q . -3.25 -9.72 9.04
#